data_7DQ8
# 
_entry.id   7DQ8 
# 
_audit_conform.dict_name       mmcif_pdbx.dic 
_audit_conform.dict_version    5.395 
_audit_conform.dict_location   http://mmcif.pdb.org/dictionaries/ascii/mmcif_pdbx.dic 
# 
loop_
_database_2.database_id 
_database_2.database_code 
_database_2.pdbx_database_accession 
_database_2.pdbx_DOI 
PDB   7DQ8         pdb_00007dq8 10.2210/pdb7dq8/pdb 
WWPDB D_1300019946 ?            ?                   
# 
loop_
_pdbx_audit_revision_history.ordinal 
_pdbx_audit_revision_history.data_content_type 
_pdbx_audit_revision_history.major_revision 
_pdbx_audit_revision_history.minor_revision 
_pdbx_audit_revision_history.revision_date 
1 'Structure model' 1 0 2021-12-29 
2 'Structure model' 1 1 2023-03-29 
3 'Structure model' 2 0 2023-11-15 
4 'Structure model' 2 1 2023-11-29 
5 'Structure model' 3 0 2024-07-10 
# 
_pdbx_audit_revision_details.ordinal             1 
_pdbx_audit_revision_details.revision_ordinal    1 
_pdbx_audit_revision_details.data_content_type   'Structure model' 
_pdbx_audit_revision_details.provider            repository 
_pdbx_audit_revision_details.type                'Initial release' 
_pdbx_audit_revision_details.description         ? 
_pdbx_audit_revision_details.details             ? 
# 
loop_
_pdbx_audit_revision_group.ordinal 
_pdbx_audit_revision_group.revision_ordinal 
_pdbx_audit_revision_group.data_content_type 
_pdbx_audit_revision_group.group 
1 2 'Structure model' 'Database references'     
2 3 'Structure model' 'Atomic model'            
3 3 'Structure model' 'Data collection'         
4 3 'Structure model' 'Derived calculations'    
5 4 'Structure model' 'Refinement description'  
6 5 'Structure model' 'Data collection'         
7 5 'Structure model' 'Derived calculations'    
8 5 'Structure model' 'Non-polymer description' 
9 5 'Structure model' 'Structure summary'       
# 
loop_
_pdbx_audit_revision_category.ordinal 
_pdbx_audit_revision_category.revision_ordinal 
_pdbx_audit_revision_category.data_content_type 
_pdbx_audit_revision_category.category 
1  2 'Structure model' citation                      
2  2 'Structure model' citation_author               
3  3 'Structure model' atom_site                     
4  3 'Structure model' chem_comp_atom                
5  3 'Structure model' chem_comp_bond                
6  3 'Structure model' struct_conn                   
7  4 'Structure model' pdbx_initial_refinement_model 
8  5 'Structure model' chem_comp                     
9  5 'Structure model' chem_comp_atom                
10 5 'Structure model' chem_comp_bond                
11 5 'Structure model' entity                        
12 5 'Structure model' struct_conn                   
# 
loop_
_pdbx_audit_revision_item.ordinal 
_pdbx_audit_revision_item.revision_ordinal 
_pdbx_audit_revision_item.data_content_type 
_pdbx_audit_revision_item.item 
1  2 'Structure model' '_citation.country'                   
2  2 'Structure model' '_citation.journal_abbrev'            
3  2 'Structure model' '_citation.journal_id_ASTM'           
4  2 'Structure model' '_citation.journal_id_CSD'            
5  2 'Structure model' '_citation.journal_id_ISSN'           
6  2 'Structure model' '_citation.pdbx_database_id_DOI'      
7  2 'Structure model' '_citation.pdbx_database_id_PubMed'   
8  2 'Structure model' '_citation.title'                     
9  2 'Structure model' '_citation.year'                      
10 3 'Structure model' '_atom_site.auth_atom_id'             
11 3 'Structure model' '_atom_site.label_atom_id'            
12 3 'Structure model' '_struct_conn.pdbx_leaving_atom_flag' 
13 3 'Structure model' '_struct_conn.ptnr1_label_atom_id'    
14 3 'Structure model' '_struct_conn.ptnr2_label_atom_id'    
15 5 'Structure model' '_chem_comp.formula'                  
16 5 'Structure model' '_chem_comp.formula_weight'           
17 5 'Structure model' '_entity.formula_weight'              
18 5 'Structure model' '_struct_conn.pdbx_leaving_atom_flag' 
# 
_pdbx_database_status.status_code                     REL 
_pdbx_database_status.status_code_sf                  REL 
_pdbx_database_status.status_code_mr                  ? 
_pdbx_database_status.entry_id                        7DQ8 
_pdbx_database_status.recvd_initial_deposition_date   2020-12-22 
_pdbx_database_status.SG_entry                        N 
_pdbx_database_status.deposit_site                    PDBJ 
_pdbx_database_status.process_site                    PDBJ 
_pdbx_database_status.status_code_cs                  ? 
_pdbx_database_status.status_code_nmr_data            ? 
_pdbx_database_status.methods_development_category    ? 
_pdbx_database_status.pdb_format_compatible           Y 
# 
loop_
_audit_author.name 
_audit_author.pdbx_ordinal 
_audit_author.identifier_ORCID 
'Satange, R.B.' 1 ? 
'Hou, M.H.'     2 ? 
# 
_citation.abstract                  ? 
_citation.abstract_id_CAS           ? 
_citation.book_id_ISBN              ? 
_citation.book_publisher            ? 
_citation.book_publisher_city       ? 
_citation.book_title                ? 
_citation.coordinate_linkage        ? 
_citation.country                   UK 
_citation.database_id_Medline       ? 
_citation.details                   ? 
_citation.id                        primary 
_citation.journal_abbrev            'Nucleic Acids Res.' 
_citation.journal_id_ASTM           NARHAD 
_citation.journal_id_CSD            0389 
_citation.journal_id_ISSN           1362-4962 
_citation.journal_full              ? 
_citation.journal_issue             ? 
_citation.journal_volume            ? 
_citation.language                  ? 
_citation.page_first                ? 
_citation.page_last                 ? 
_citation.title                     
'Synergistic binding of actinomycin D and echinomycin to DNA mismatch sites and their combined anti-tumour effects.' 
_citation.year                      2023 
_citation.database_id_CSD           ? 
_citation.pdbx_database_id_DOI      10.1093/nar/gkad156 
_citation.pdbx_database_id_PubMed   36919604 
_citation.unpublished_flag          ? 
# 
loop_
_citation_author.citation_id 
_citation_author.name 
_citation_author.ordinal 
_citation_author.identifier_ORCID 
primary 'Satange, R.' 1 0000-0002-5150-9363 
primary 'Chang, C.C.' 2 ?                   
primary 'Li, L.Y.'    3 ?                   
primary 'Lin, S.H.'   4 ?                   
primary 'Neidle, S.'  5 0000-0003-0622-6548 
primary 'Hou, M.H.'   6 0000-0003-4170-1527 
# 
loop_
_entity.id 
_entity.type 
_entity.src_method 
_entity.pdbx_description 
_entity.formula_weight 
_entity.pdbx_number_of_molecules 
_entity.pdbx_ec 
_entity.pdbx_mutation 
_entity.pdbx_fragment 
_entity.details 
1 polymer     syn 
;DNA (5'-D(P*AP*GP*CP*TP*CP*GP*T)-3')
;
2113.410 1  ? ? ? ? 
2 polymer     syn 
;DNA (5'-D(P*AP*CP*GP*CP*GP*CP*T)-3')
;
2098.399 1  ? ? ? ? 
3 polymer     nat Echinomycin                            809.008  1  ? ? ? ? 
4 polymer     nat 'Actinomycin D'                        1291.446 1  ? ? ? ? 
5 non-polymer syn 'MAGNESIUM ION'                        24.305   4  ? ? ? ? 
6 non-polymer syn 2-CARBOXYQUINOXALINE                   174.156  2  ? ? ? ? 
7 water       nat water                                  18.015   12 ? ? ? ? 
# 
loop_
_entity_poly.entity_id 
_entity_poly.type 
_entity_poly.nstd_linkage 
_entity_poly.nstd_monomer 
_entity_poly.pdbx_seq_one_letter_code 
_entity_poly.pdbx_seq_one_letter_code_can 
_entity_poly.pdbx_strand_id 
_entity_poly.pdbx_target_identifier 
1 polydeoxyribonucleotide no no  '(DA)(DG)(DC)(DT)(DC)(DG)(DT)'            AGCTCGT     A ? 
2 polydeoxyribonucleotide no no  '(DA)(DC)(DG)(DC)(DG)(DC)(DT)'            ACGCGCT     B ? 
3 'polypeptide(L)'        no yes '(DSN)A(N2C)(MVA)(DSN)A(NCY)(MVA)'        SAXVSAXV    D ? 
4 'polypeptide(L)'        no yes 'T(DVA)P(SAR)(MVA)(PXZ)T(DVA)P(SAR)(MVA)' TVPGVXTVPGV C ? 
# 
loop_
_pdbx_entity_nonpoly.entity_id 
_pdbx_entity_nonpoly.name 
_pdbx_entity_nonpoly.comp_id 
5 'MAGNESIUM ION'      MG  
6 2-CARBOXYQUINOXALINE QUI 
7 water                HOH 
# 
loop_
_entity_poly_seq.entity_id 
_entity_poly_seq.num 
_entity_poly_seq.mon_id 
_entity_poly_seq.hetero 
1 1  DA  n 
1 2  DG  n 
1 3  DC  n 
1 4  DT  n 
1 5  DC  n 
1 6  DG  n 
1 7  DT  n 
2 1  DA  n 
2 2  DC  n 
2 3  DG  n 
2 4  DC  n 
2 5  DG  n 
2 6  DC  n 
2 7  DT  n 
3 1  DSN n 
3 2  ALA n 
3 3  N2C n 
3 4  MVA n 
3 5  DSN n 
3 6  ALA n 
3 7  NCY n 
3 8  MVA n 
4 1  THR n 
4 2  DVA n 
4 3  PRO n 
4 4  SAR n 
4 5  MVA n 
4 6  PXZ n 
4 7  THR n 
4 8  DVA n 
4 9  PRO n 
4 10 SAR n 
4 11 MVA n 
# 
loop_
_entity_src_nat.entity_id 
_entity_src_nat.pdbx_src_id 
_entity_src_nat.pdbx_alt_source_flag 
_entity_src_nat.pdbx_beg_seq_num 
_entity_src_nat.pdbx_end_seq_num 
_entity_src_nat.common_name 
_entity_src_nat.pdbx_organism_scientific 
_entity_src_nat.pdbx_ncbi_taxonomy_id 
_entity_src_nat.genus 
_entity_src_nat.species 
_entity_src_nat.strain 
_entity_src_nat.tissue 
_entity_src_nat.tissue_fraction 
_entity_src_nat.pdbx_secretion 
_entity_src_nat.pdbx_fragment 
_entity_src_nat.pdbx_variant 
_entity_src_nat.pdbx_cell_line 
_entity_src_nat.pdbx_atcc 
_entity_src_nat.pdbx_cellular_location 
_entity_src_nat.pdbx_organ 
_entity_src_nat.pdbx_organelle 
_entity_src_nat.pdbx_cell 
_entity_src_nat.pdbx_plasmid_name 
_entity_src_nat.pdbx_plasmid_details 
_entity_src_nat.details 
3 1 sample 1 8  ? 'Streptomyces sp.' 1931 ? ? ? ? ? ? ? ? ? ? ? ? ? ? ? ? ? 
4 1 sample 1 11 ? 'Streptomyces sp.' 1931 ? ? ? ? ? ? ? ? ? ? ? ? ? ? ? ? ? 
# 
loop_
_pdbx_entity_src_syn.entity_id 
_pdbx_entity_src_syn.pdbx_src_id 
_pdbx_entity_src_syn.pdbx_alt_source_flag 
_pdbx_entity_src_syn.pdbx_beg_seq_num 
_pdbx_entity_src_syn.pdbx_end_seq_num 
_pdbx_entity_src_syn.organism_scientific 
_pdbx_entity_src_syn.organism_common_name 
_pdbx_entity_src_syn.ncbi_taxonomy_id 
_pdbx_entity_src_syn.details 
1 1 sample 1 7 'synthetic construct' ? 32630 ? 
2 1 sample 1 7 'synthetic construct' ? 32630 ? 
# 
loop_
_chem_comp.id 
_chem_comp.type 
_chem_comp.mon_nstd_flag 
_chem_comp.name 
_chem_comp.pdbx_synonyms 
_chem_comp.formula 
_chem_comp.formula_weight 
ALA 'L-peptide linking' y ALANINE                                                         ?           'C3 H7 N O2'      89.093  
DA  'DNA linking'       y "2'-DEOXYADENOSINE-5'-MONOPHOSPHATE"                            ?           'C10 H14 N5 O6 P' 331.222 
DC  'DNA linking'       y "2'-DEOXYCYTIDINE-5'-MONOPHOSPHATE"                             ?           'C9 H14 N3 O7 P'  307.197 
DG  'DNA linking'       y "2'-DEOXYGUANOSINE-5'-MONOPHOSPHATE"                            ?           'C10 H14 N5 O7 P' 347.221 
DSN 'D-peptide linking' . D-SERINE                                                        ?           'C3 H7 N O3'      105.093 
DT  'DNA linking'       y "THYMIDINE-5'-MONOPHOSPHATE"                                    ?           'C10 H15 N2 O8 P' 322.208 
DVA 'D-peptide linking' . D-VALINE                                                        ?           'C5 H11 N O2'     117.146 
HOH non-polymer         . WATER                                                           ?           'H2 O'            18.015  
MG  non-polymer         . 'MAGNESIUM ION'                                                 ?           'Mg 2'            24.305  
MVA 'L-peptide linking' n N-METHYLVALINE                                                  ?           'C6 H13 N O2'     131.173 
N2C 'L-peptide linking' . N,S-DIMETHYLCYSTEINE                                            ?           'C5 H11 N O2 S'   149.211 
NCY 'L-peptide linking' . N-METHYLCYSTEINE                                                ?           'C4 H9 N O2 S'    135.185 
PRO 'L-peptide linking' y PROLINE                                                         ?           'C5 H9 N O2'      115.130 
PXZ non-polymer         . 2-AMINO-1,9-DICARBONYL-4,6-DIMETHYL-10-DEHYDRO-PHENOXAZIN-3-ONE PHENOXAZINE 'C16 H12 N2 O6'   328.276 
QUI non-polymer         . 2-CARBOXYQUINOXALINE                                            ?           'C9 H6 N2 O2'     174.156 
SAR 'peptide linking'   n SARCOSINE                                                       ?           'C3 H7 N O2'      89.093  
THR 'L-peptide linking' y THREONINE                                                       ?           'C4 H9 N O3'      119.119 
# 
loop_
_pdbx_poly_seq_scheme.asym_id 
_pdbx_poly_seq_scheme.entity_id 
_pdbx_poly_seq_scheme.seq_id 
_pdbx_poly_seq_scheme.mon_id 
_pdbx_poly_seq_scheme.ndb_seq_num 
_pdbx_poly_seq_scheme.pdb_seq_num 
_pdbx_poly_seq_scheme.auth_seq_num 
_pdbx_poly_seq_scheme.pdb_mon_id 
_pdbx_poly_seq_scheme.auth_mon_id 
_pdbx_poly_seq_scheme.pdb_strand_id 
_pdbx_poly_seq_scheme.pdb_ins_code 
_pdbx_poly_seq_scheme.hetero 
A 1 1  DA  1  1  1  DA  DA  A . n 
A 1 2  DG  2  2  2  DG  DG  A . n 
A 1 3  DC  3  3  3  DC  DC  A . n 
A 1 4  DT  4  4  4  DT  DT  A . n 
A 1 5  DC  5  5  5  DC  DC  A . n 
A 1 6  DG  6  6  6  DG  DG  A . n 
A 1 7  DT  7  7  7  DT  DT  A . n 
B 2 1  DA  1  1  1  DA  DA  B . n 
B 2 2  DC  2  2  2  DC  DC  B . n 
B 2 3  DG  3  3  3  DG  DG  B . n 
B 2 4  DC  4  4  4  DC  DC  B . n 
B 2 5  DG  5  5  5  DG  DG  B . n 
B 2 6  DC  6  6  6  DC  DC  B . n 
B 2 7  DT  7  7  7  DT  DT  B . n 
C 3 1  DSN 1  1  1  DSN DSN D . n 
C 3 2  ALA 2  2  2  ALA ALA D . n 
C 3 3  N2C 3  3  3  N2C N2C D . n 
C 3 4  MVA 4  4  4  MVA MVA D . n 
C 3 5  DSN 5  5  5  DSN DSN D . n 
C 3 6  ALA 6  6  6  ALA ALA D . n 
C 3 7  NCY 7  7  7  NCY NCY D . n 
C 3 8  MVA 8  8  8  MVA MVA D . n 
D 4 1  THR 1  1  1  THR THR C . n 
D 4 2  DVA 2  2  2  DVA DVA C . n 
D 4 3  PRO 3  3  3  PRO PRO C . n 
D 4 4  SAR 4  4  4  SAR SAR C . n 
D 4 5  MVA 5  5  5  MVA MVA C . n 
D 4 6  PXZ 6  6  6  PXZ PXF C . n 
D 4 7  THR 7  7  7  THR THR C . n 
D 4 8  DVA 8  8  8  DVA DVA C . n 
D 4 9  PRO 9  9  9  PRO PRO C . n 
D 4 10 SAR 10 10 10 SAR SAR C . n 
D 4 11 MVA 11 11 11 MVA MVA C . n 
# 
loop_
_pdbx_nonpoly_scheme.asym_id 
_pdbx_nonpoly_scheme.entity_id 
_pdbx_nonpoly_scheme.mon_id 
_pdbx_nonpoly_scheme.ndb_seq_num 
_pdbx_nonpoly_scheme.pdb_seq_num 
_pdbx_nonpoly_scheme.auth_seq_num 
_pdbx_nonpoly_scheme.pdb_mon_id 
_pdbx_nonpoly_scheme.auth_mon_id 
_pdbx_nonpoly_scheme.pdb_strand_id 
_pdbx_nonpoly_scheme.pdb_ins_code 
E 5 MG  1 101 1   MG  MG  A . 
F 5 MG  1 102 3   MG  MG  A . 
G 5 MG  1 101 2   MG  MG  B . 
H 5 MG  1 102 4   MG  MG  B . 
I 6 QUI 1 101 101 QUI QUI D . 
J 6 QUI 1 102 102 QUI QUI D . 
K 7 HOH 1 201 16  HOH HOH A . 
K 7 HOH 2 202 2   HOH HOH A . 
K 7 HOH 3 203 9   HOH HOH A . 
K 7 HOH 4 204 11  HOH HOH A . 
K 7 HOH 5 205 8   HOH HOH A . 
K 7 HOH 6 206 10  HOH HOH A . 
K 7 HOH 7 207 1   HOH HOH A . 
K 7 HOH 8 208 17  HOH HOH A . 
K 7 HOH 9 209 3   HOH HOH A . 
L 7 HOH 1 201 4   HOH HOH B . 
L 7 HOH 2 202 5   HOH HOH B . 
L 7 HOH 3 203 18  HOH HOH B . 
# 
loop_
_software.citation_id 
_software.classification 
_software.compiler_name 
_software.compiler_version 
_software.contact_author 
_software.contact_author_email 
_software.date 
_software.description 
_software.dependencies 
_software.hardware 
_software.language 
_software.location 
_software.mods 
_software.name 
_software.os 
_software.os_version 
_software.type 
_software.version 
_software.pdbx_ordinal 
? refinement        ? ? ? ? ? ? ? ? ? ? ? PHENIX      ? ? ? 1.10.1_2155 1 
? 'data scaling'    ? ? ? ? ? ? ? ? ? ? ? HKL-2000    ? ? ? .           2 
? 'data extraction' ? ? ? ? ? ? ? ? ? ? ? PDB_EXTRACT ? ? ? 3.27        3 
? 'data reduction'  ? ? ? ? ? ? ? ? ? ? ? HKL-2000    ? ? ? .           4 
? phasing           ? ? ? ? ? ? ? ? ? ? ? PHENIX      ? ? ? 1.10.1_2155 5 
# 
_cell.entry_id           7DQ8 
_cell.length_a           29.738 
_cell.length_b           29.738 
_cell.length_c           137.930 
_cell.angle_alpha        90.00 
_cell.angle_beta         90.00 
_cell.angle_gamma        90.00 
_cell.Z_PDB              8 
_cell.pdbx_unique_axis   ? 
# 
_symmetry.entry_id                         7DQ8 
_symmetry.space_group_name_H-M             'P 41 21 2' 
_symmetry.pdbx_full_space_group_name_H-M   ? 
_symmetry.cell_setting                     ? 
_symmetry.Int_Tables_number                92 
# 
_exptl.absorpt_coefficient_mu     ? 
_exptl.absorpt_correction_T_max   ? 
_exptl.absorpt_correction_T_min   ? 
_exptl.absorpt_correction_type    ? 
_exptl.absorpt_process_details    ? 
_exptl.entry_id                   7DQ8 
_exptl.crystals_number            1 
_exptl.details                    ? 
_exptl.method                     'X-RAY DIFFRACTION' 
_exptl.method_details             ? 
# 
_exptl_crystal.colour                      ? 
_exptl_crystal.density_diffrn              ? 
_exptl_crystal.density_Matthews            2.36 
_exptl_crystal.density_method              ? 
_exptl_crystal.density_percent_sol         47.93 
_exptl_crystal.description                 ? 
_exptl_crystal.F_000                       ? 
_exptl_crystal.id                          1 
_exptl_crystal.preparation                 ? 
_exptl_crystal.size_max                    ? 
_exptl_crystal.size_mid                    ? 
_exptl_crystal.size_min                    ? 
_exptl_crystal.size_rad                    ? 
_exptl_crystal.colour_lustre               ? 
_exptl_crystal.colour_modifier             ? 
_exptl_crystal.colour_primary              ? 
_exptl_crystal.density_meas                ? 
_exptl_crystal.density_meas_esd            ? 
_exptl_crystal.density_meas_gt             ? 
_exptl_crystal.density_meas_lt             ? 
_exptl_crystal.density_meas_temp           ? 
_exptl_crystal.density_meas_temp_esd       ? 
_exptl_crystal.density_meas_temp_gt        ? 
_exptl_crystal.density_meas_temp_lt        ? 
_exptl_crystal.pdbx_crystal_image_url      ? 
_exptl_crystal.pdbx_crystal_image_format   ? 
_exptl_crystal.pdbx_mosaicity              ? 
_exptl_crystal.pdbx_mosaicity_esd          ? 
# 
_exptl_crystal_grow.apparatus       ? 
_exptl_crystal_grow.atmosphere      ? 
_exptl_crystal_grow.crystal_id      1 
_exptl_crystal_grow.details         ? 
_exptl_crystal_grow.method          'VAPOR DIFFUSION, SITTING DROP' 
_exptl_crystal_grow.method_ref      ? 
_exptl_crystal_grow.pH              7.0 
_exptl_crystal_grow.pressure        ? 
_exptl_crystal_grow.pressure_esd    ? 
_exptl_crystal_grow.seeding         ? 
_exptl_crystal_grow.seeding_ref     ? 
_exptl_crystal_grow.temp            293 
_exptl_crystal_grow.temp_details    ? 
_exptl_crystal_grow.temp_esd        ? 
_exptl_crystal_grow.time            ? 
_exptl_crystal_grow.pdbx_details    
;0.1 mM ssDNA, 0.2 mM echinomycin, 0.1 mM actinomycin D, 2.5 mM Sodium Cacodylate (pH 7.0), 1 mM magnesium chloride, 2.5 mM spermine tetrahydrochloride, 1 mM zinc chloride, 1% PEG 200
;
_exptl_crystal_grow.pdbx_pH_range   ? 
# 
_diffrn.ambient_environment              ? 
_diffrn.ambient_temp                     100 
_diffrn.ambient_temp_details             ? 
_diffrn.ambient_temp_esd                 ? 
_diffrn.crystal_id                       1 
_diffrn.crystal_support                  ? 
_diffrn.crystal_treatment                ? 
_diffrn.details                          ? 
_diffrn.id                               1 
_diffrn.ambient_pressure                 ? 
_diffrn.ambient_pressure_esd             ? 
_diffrn.ambient_pressure_gt              ? 
_diffrn.ambient_pressure_lt              ? 
_diffrn.ambient_temp_gt                  ? 
_diffrn.ambient_temp_lt                  ? 
_diffrn.pdbx_serial_crystal_experiment   N 
# 
_diffrn_detector.details                      ? 
_diffrn_detector.detector                     CCD 
_diffrn_detector.diffrn_id                    1 
_diffrn_detector.type                         'RAYONIX MX300-HS' 
_diffrn_detector.area_resol_mean              ? 
_diffrn_detector.dtime                        ? 
_diffrn_detector.pdbx_frames_total            ? 
_diffrn_detector.pdbx_collection_time_total   ? 
_diffrn_detector.pdbx_collection_date         2018-10-26 
_diffrn_detector.pdbx_frequency               ? 
# 
_diffrn_radiation.collimation                      ? 
_diffrn_radiation.diffrn_id                        1 
_diffrn_radiation.filter_edge                      ? 
_diffrn_radiation.inhomogeneity                    ? 
_diffrn_radiation.monochromator                    ? 
_diffrn_radiation.polarisn_norm                    ? 
_diffrn_radiation.polarisn_ratio                   ? 
_diffrn_radiation.probe                            ? 
_diffrn_radiation.type                             ? 
_diffrn_radiation.xray_symbol                      ? 
_diffrn_radiation.wavelength_id                    1 
_diffrn_radiation.pdbx_monochromatic_or_laue_m_l   M 
_diffrn_radiation.pdbx_wavelength_list             ? 
_diffrn_radiation.pdbx_wavelength                  ? 
_diffrn_radiation.pdbx_diffrn_protocol             'SINGLE WAVELENGTH' 
_diffrn_radiation.pdbx_analyzer                    ? 
_diffrn_radiation.pdbx_scattering_type             x-ray 
# 
_diffrn_radiation_wavelength.id           1 
_diffrn_radiation_wavelength.wavelength   0.99984 
_diffrn_radiation_wavelength.wt           1.0 
# 
_diffrn_source.current                     ? 
_diffrn_source.details                     ? 
_diffrn_source.diffrn_id                   1 
_diffrn_source.power                       ? 
_diffrn_source.size                        ? 
_diffrn_source.source                      SYNCHROTRON 
_diffrn_source.target                      ? 
_diffrn_source.type                        'NSRRC BEAMLINE TPS 05A' 
_diffrn_source.voltage                     ? 
_diffrn_source.take-off_angle              ? 
_diffrn_source.pdbx_wavelength_list        0.99984 
_diffrn_source.pdbx_wavelength             ? 
_diffrn_source.pdbx_synchrotron_beamline   'TPS 05A' 
_diffrn_source.pdbx_synchrotron_site       NSRRC 
# 
_reflns.pdbx_diffrn_id               1 
_reflns.pdbx_ordinal                 1 
_reflns.entry_id                     7DQ8 
_reflns.observed_criterion_sigma_I   ? 
_reflns.observed_criterion_sigma_F   ? 
_reflns.d_resolution_low             30.000 
_reflns.d_resolution_high            2.400 
_reflns.number_obs                   2811 
_reflns.number_all                   ? 
_reflns.percent_possible_obs         99.0 
_reflns.pdbx_Rmerge_I_obs            0.24100 
_reflns.pdbx_Rsym_value              ? 
_reflns.pdbx_netI_over_sigmaI        21.2000 
_reflns.B_iso_Wilson_estimate        48.27 
_reflns.pdbx_redundancy              11.60 
_reflns.pdbx_CC_half                 ? 
_reflns.pdbx_CC_star                 ? 
_reflns.pdbx_Rpim_I_all              ? 
_reflns.pdbx_Rrim_I_all              ? 
# 
_reflns_shell.pdbx_diffrn_id         1 
_reflns_shell.pdbx_ordinal           1 
_reflns_shell.d_res_high             2.40 
_reflns_shell.d_res_low              2.49 
_reflns_shell.percent_possible_all   100.0 
_reflns_shell.Rmerge_I_obs           0.72600 
_reflns_shell.pdbx_Rsym_value        ? 
_reflns_shell.meanI_over_sigI_obs    ? 
_reflns_shell.pdbx_redundancy        12.40 
_reflns_shell.number_measured_obs    ? 
_reflns_shell.number_unique_all      ? 
_reflns_shell.number_unique_obs      32688 
_reflns_shell.pdbx_CC_half           ? 
_reflns_shell.pdbx_CC_star           ? 
_reflns_shell.pdbx_Rpim_I_all        ? 
_reflns_shell.pdbx_Rrim_I_all        ? 
# 
_refine.pdbx_refine_id                           'X-RAY DIFFRACTION' 
_refine.entry_id                                 7DQ8 
_refine.pdbx_diffrn_id                           1 
_refine.pdbx_TLS_residual_ADP_flag               ? 
_refine.ls_number_reflns_obs                     2741 
_refine.ls_number_reflns_all                     ? 
_refine.pdbx_ls_sigma_I                          ? 
_refine.pdbx_ls_sigma_F                          1.370 
_refine.pdbx_data_cutoff_high_absF               ? 
_refine.pdbx_data_cutoff_low_absF                ? 
_refine.pdbx_data_cutoff_high_rms_absF           ? 
_refine.ls_d_res_low                             24.97 
_refine.ls_d_res_high                            2.40 
_refine.ls_percent_reflns_obs                    98.2 
_refine.ls_R_factor_obs                          0.268 
_refine.ls_R_factor_all                          ? 
_refine.ls_R_factor_R_work                       0.267 
_refine.ls_R_factor_R_free                       0.280 
_refine.ls_R_factor_R_free_error                 ? 
_refine.ls_R_factor_R_free_error_details         ? 
_refine.ls_percent_reflns_R_free                 10.070 
_refine.ls_number_reflns_R_free                  276 
_refine.ls_number_parameters                     ? 
_refine.ls_number_restraints                     ? 
_refine.occupancy_min                            ? 
_refine.occupancy_max                            ? 
_refine.correlation_coeff_Fo_to_Fc               ? 
_refine.correlation_coeff_Fo_to_Fc_free          ? 
_refine.B_iso_mean                               47.57 
_refine.aniso_B[1][1]                            ? 
_refine.aniso_B[2][2]                            ? 
_refine.aniso_B[3][3]                            ? 
_refine.aniso_B[1][2]                            ? 
_refine.aniso_B[1][3]                            ? 
_refine.aniso_B[2][3]                            ? 
_refine.solvent_model_details                    'FLAT BULK SOLVENT MODEL' 
_refine.solvent_model_param_ksol                 ? 
_refine.solvent_model_param_bsol                 ? 
_refine.pdbx_solvent_vdw_probe_radii             1.11 
_refine.pdbx_solvent_ion_probe_radii             ? 
_refine.pdbx_solvent_shrinkage_radii             0.90 
_refine.pdbx_ls_cross_valid_method               THROUGHOUT 
_refine.details                                  ? 
_refine.pdbx_starting_model                      7DQ0 
_refine.pdbx_method_to_determine_struct          'MOLECULAR REPLACEMENT' 
_refine.pdbx_isotropic_thermal_model             ? 
_refine.pdbx_stereochemistry_target_values       ML 
_refine.pdbx_stereochem_target_val_spec_case     ? 
_refine.pdbx_R_Free_selection_details            ? 
_refine.pdbx_overall_ESU_R                       ? 
_refine.pdbx_overall_ESU_R_Free                  ? 
_refine.overall_SU_ML                            0.350 
_refine.pdbx_overall_phase_error                 26.830 
_refine.overall_SU_B                             ? 
_refine.overall_SU_R_Cruickshank_DPI             ? 
_refine.pdbx_overall_SU_R_free_Cruickshank_DPI   ? 
_refine.pdbx_overall_SU_R_Blow_DPI               ? 
_refine.pdbx_overall_SU_R_free_Blow_DPI          ? 
# 
_refine_hist.pdbx_refine_id                   'X-RAY DIFFRACTION' 
_refine_hist.cycle_id                         LAST 
_refine_hist.pdbx_number_atoms_protein        143 
_refine_hist.pdbx_number_atoms_nucleic_acid   285 
_refine_hist.pdbx_number_atoms_ligand         28 
_refine_hist.number_atoms_solvent             12 
_refine_hist.number_atoms_total               468 
_refine_hist.d_res_high                       2.40 
_refine_hist.d_res_low                        24.97 
# 
loop_
_refine_ls_restr.type 
_refine_ls_restr.dev_ideal 
_refine_ls_restr.dev_ideal_target 
_refine_ls_restr.weight 
_refine_ls_restr.number 
_refine_ls_restr.pdbx_refine_id 
_refine_ls_restr.pdbx_restraint_function 
f_bond_d           0.027  ? ? 489 'X-RAY DIFFRACTION' ? 
f_angle_d          2.105  ? ? 713 'X-RAY DIFFRACTION' ? 
f_dihedral_angle_d 40.714 ? ? 170 'X-RAY DIFFRACTION' ? 
f_chiral_restr     0.109  ? ? 74  'X-RAY DIFFRACTION' ? 
f_plane_restr      0.014  ? ? 40  'X-RAY DIFFRACTION' ? 
# 
loop_
_refine_ls_shell.pdbx_refine_id 
_refine_ls_shell.pdbx_total_number_of_bins_used 
_refine_ls_shell.d_res_high 
_refine_ls_shell.d_res_low 
_refine_ls_shell.number_reflns_R_work 
_refine_ls_shell.R_factor_R_work 
_refine_ls_shell.percent_reflns_obs 
_refine_ls_shell.R_factor_R_free 
_refine_ls_shell.R_factor_R_free_error 
_refine_ls_shell.percent_reflns_R_free 
_refine_ls_shell.number_reflns_R_free 
_refine_ls_shell.number_reflns_all 
_refine_ls_shell.R_factor_all 
_refine_ls_shell.R_factor_obs 
_refine_ls_shell.number_reflns_obs 
'X-RAY DIFFRACTION' . 2.4035 2.4900  1213 0.3361 100.00 0.3478 . . 135 . . . . 
'X-RAY DIFFRACTION' . 2.4900 24.9700 1252 0.2450 97.00  0.2599 . . 141 . . . . 
# 
_struct.entry_id                     7DQ8 
_struct.title                        'Crystal structure of actinomycin D-echinomycin-d(ACGCGCT/AGCTCGT) complex' 
_struct.pdbx_model_details           ? 
_struct.pdbx_formula_weight          ? 
_struct.pdbx_formula_weight_method   ? 
_struct.pdbx_model_type_details      ? 
_struct.pdbx_CASP_flag               N 
# 
_struct_keywords.entry_id        7DQ8 
_struct_keywords.text            'Drug-DNA complex, DNA mismatch, DNA unwinding, DNA deformation, DNA, ANTIBIOTIC-DNA complex' 
_struct_keywords.pdbx_keywords   ANTIBIOTIC/DNA 
# 
loop_
_struct_asym.id 
_struct_asym.pdbx_blank_PDB_chainid_flag 
_struct_asym.pdbx_modified 
_struct_asym.entity_id 
_struct_asym.details 
A N N 1 ? 
B N N 2 ? 
C N N 3 ? 
D N N 4 ? 
E N N 5 ? 
F N N 5 ? 
G N N 5 ? 
H N N 5 ? 
I N N 6 ? 
J N N 6 ? 
K N N 7 ? 
L N N 7 ? 
# 
loop_
_struct_ref.id 
_struct_ref.db_name 
_struct_ref.db_code 
_struct_ref.pdbx_db_accession 
_struct_ref.pdbx_db_isoform 
_struct_ref.entity_id 
_struct_ref.pdbx_seq_one_letter_code 
_struct_ref.pdbx_align_begin 
1 PDB 7DQ8 7DQ8 ? 1 ? 1 
2 PDB 7DQ8 7DQ8 ? 2 ? 1 
3 PDB 7DQ8 7DQ8 ? 3 ? 1 
4 PDB 7DQ8 7DQ8 ? 4 ? 1 
# 
loop_
_struct_ref_seq.align_id 
_struct_ref_seq.ref_id 
_struct_ref_seq.pdbx_PDB_id_code 
_struct_ref_seq.pdbx_strand_id 
_struct_ref_seq.seq_align_beg 
_struct_ref_seq.pdbx_seq_align_beg_ins_code 
_struct_ref_seq.seq_align_end 
_struct_ref_seq.pdbx_seq_align_end_ins_code 
_struct_ref_seq.pdbx_db_accession 
_struct_ref_seq.db_align_beg 
_struct_ref_seq.pdbx_db_align_beg_ins_code 
_struct_ref_seq.db_align_end 
_struct_ref_seq.pdbx_db_align_end_ins_code 
_struct_ref_seq.pdbx_auth_seq_align_beg 
_struct_ref_seq.pdbx_auth_seq_align_end 
1 1 7DQ8 A 1 ? 7  ? 7DQ8 1 ? 7  ? 1 7  
2 2 7DQ8 B 1 ? 7  ? 7DQ8 1 ? 7  ? 1 7  
3 3 7DQ8 D 1 ? 8  ? 7DQ8 1 ? 8  ? 1 8  
4 4 7DQ8 C 1 ? 11 ? 7DQ8 1 ? 11 ? 1 11 
# 
_pdbx_struct_assembly.id                   1 
_pdbx_struct_assembly.details              author_defined_assembly 
_pdbx_struct_assembly.method_details       ? 
_pdbx_struct_assembly.oligomeric_details   tetrameric 
_pdbx_struct_assembly.oligomeric_count     4 
# 
loop_
_pdbx_struct_assembly_prop.biol_id 
_pdbx_struct_assembly_prop.type 
_pdbx_struct_assembly_prop.value 
_pdbx_struct_assembly_prop.details 
1 'ABSA (A^2)' 4810 ? 
1 MORE         -18  ? 
1 'SSA (A^2)'  2810 ? 
# 
_pdbx_struct_assembly_gen.assembly_id       1 
_pdbx_struct_assembly_gen.oper_expression   1 
_pdbx_struct_assembly_gen.asym_id_list      A,B,C,D,E,F,G,H,I,J,K,L 
# 
_pdbx_struct_assembly_auth_evidence.id                     1 
_pdbx_struct_assembly_auth_evidence.assembly_id            1 
_pdbx_struct_assembly_auth_evidence.experimental_support   none 
_pdbx_struct_assembly_auth_evidence.details                ? 
# 
_pdbx_struct_oper_list.id                   1 
_pdbx_struct_oper_list.type                 'identity operation' 
_pdbx_struct_oper_list.name                 1_555 
_pdbx_struct_oper_list.symmetry_operation   x,y,z 
_pdbx_struct_oper_list.matrix[1][1]         1.0000000000 
_pdbx_struct_oper_list.matrix[1][2]         0.0000000000 
_pdbx_struct_oper_list.matrix[1][3]         0.0000000000 
_pdbx_struct_oper_list.vector[1]            0.0000000000 
_pdbx_struct_oper_list.matrix[2][1]         0.0000000000 
_pdbx_struct_oper_list.matrix[2][2]         1.0000000000 
_pdbx_struct_oper_list.matrix[2][3]         0.0000000000 
_pdbx_struct_oper_list.vector[2]            0.0000000000 
_pdbx_struct_oper_list.matrix[3][1]         0.0000000000 
_pdbx_struct_oper_list.matrix[3][2]         0.0000000000 
_pdbx_struct_oper_list.matrix[3][3]         1.0000000000 
_pdbx_struct_oper_list.vector[3]            0.0000000000 
# 
loop_
_struct_conn.id 
_struct_conn.conn_type_id 
_struct_conn.pdbx_leaving_atom_flag 
_struct_conn.pdbx_PDB_id 
_struct_conn.ptnr1_label_asym_id 
_struct_conn.ptnr1_label_comp_id 
_struct_conn.ptnr1_label_seq_id 
_struct_conn.ptnr1_label_atom_id 
_struct_conn.pdbx_ptnr1_label_alt_id 
_struct_conn.pdbx_ptnr1_PDB_ins_code 
_struct_conn.pdbx_ptnr1_standard_comp_id 
_struct_conn.ptnr1_symmetry 
_struct_conn.ptnr2_label_asym_id 
_struct_conn.ptnr2_label_comp_id 
_struct_conn.ptnr2_label_seq_id 
_struct_conn.ptnr2_label_atom_id 
_struct_conn.pdbx_ptnr2_label_alt_id 
_struct_conn.pdbx_ptnr2_PDB_ins_code 
_struct_conn.ptnr1_auth_asym_id 
_struct_conn.ptnr1_auth_comp_id 
_struct_conn.ptnr1_auth_seq_id 
_struct_conn.ptnr2_auth_asym_id 
_struct_conn.ptnr2_auth_comp_id 
_struct_conn.ptnr2_auth_seq_id 
_struct_conn.ptnr2_symmetry 
_struct_conn.pdbx_ptnr3_label_atom_id 
_struct_conn.pdbx_ptnr3_label_seq_id 
_struct_conn.pdbx_ptnr3_label_comp_id 
_struct_conn.pdbx_ptnr3_label_asym_id 
_struct_conn.pdbx_ptnr3_label_alt_id 
_struct_conn.pdbx_ptnr3_PDB_ins_code 
_struct_conn.details 
_struct_conn.pdbx_dist_value 
_struct_conn.pdbx_value_order 
_struct_conn.pdbx_role 
disulf1  disulf ?    ? C N2C 3  SG    ? ? ? 1_555 C NCY 7  SG ? ? D N2C 3   D NCY 7   1_555 ? ? ? ? ? ? ?               2.607 ? ? 
covale1  covale both ? C DSN 1  C     ? ? ? 1_555 C ALA 2  N  ? ? D DSN 1   D ALA 2   1_555 ? ? ? ? ? ? ?               1.314 ? ? 
covale2  covale one  ? C DSN 1  OG    ? ? ? 1_555 C MVA 8  C  ? ? D DSN 1   D MVA 8   1_555 ? ? ? ? ? ? ?               1.382 ? ? 
covale3  covale both ? C DSN 1  N     ? ? ? 1_555 I QUI .  C  ? ? D DSN 1   D QUI 101 1_555 ? ? ? ? ? ? ?               1.424 ? ? 
covale4  covale both ? C ALA 2  C     ? ? ? 1_555 C N2C 3  N  ? ? D ALA 2   D N2C 3   1_555 ? ? ? ? ? ? ?               1.336 ? ? 
covale5  covale both ? C N2C 3  C     ? ? ? 1_555 C MVA 4  N  ? ? D N2C 3   D MVA 4   1_555 ? ? ? ? ? ? ?               1.344 ? ? 
covale6  covale both ? C N2C 3  CB    ? ? ? 1_555 C NCY 7  SG ? ? D N2C 3   D NCY 7   1_555 ? ? ? ? ? ? ?               1.769 ? ? 
covale7  covale one  ? C MVA 4  C     ? ? ? 1_555 C DSN 5  OG ? ? D MVA 4   D DSN 5   1_555 ? ? ? ? ? ? ?               1.382 ? ? 
covale8  covale both ? C DSN 5  C     ? ? ? 1_555 C ALA 6  N  ? ? D DSN 5   D ALA 6   1_555 ? ? ? ? ? ? ?               1.343 ? ? 
covale9  covale both ? C DSN 5  N     ? ? ? 1_555 J QUI .  C  ? ? D DSN 5   D QUI 102 1_555 ? ? ? ? ? ? ?               1.421 ? ? 
covale10 covale both ? C ALA 6  C     ? ? ? 1_555 C NCY 7  N  ? ? D ALA 6   D NCY 7   1_555 ? ? ? ? ? ? ?               1.323 ? ? 
covale11 covale both ? C NCY 7  C     ? ? ? 1_555 C MVA 8  N  ? ? D NCY 7   D MVA 8   1_555 ? ? ? ? ? ? ?               1.325 ? ? 
covale12 covale both ? D THR 1  C     ? ? ? 1_555 D DVA 2  N  ? ? C THR 1   C DVA 2   1_555 ? ? ? ? ? ? ?               1.324 ? ? 
covale13 covale one  ? D THR 1  OG1   ? ? ? 1_555 D MVA 5  C  ? ? C THR 1   C MVA 5   1_555 ? ? ? ? ? ? ?               1.375 ? ? 
covale14 covale both ? D THR 1  N     ? ? ? 1_555 D PXZ 6  C0 ? ? C THR 1   C PXZ 6   1_555 ? ? ? ? ? ? ?               1.424 ? ? 
covale15 covale both ? D DVA 2  C     ? ? ? 1_555 D PRO 3  N  ? ? C DVA 2   C PRO 3   1_555 ? ? ? ? ? ? ?               1.341 ? ? 
covale16 covale both ? D PRO 3  C     ? ? ? 1_555 D SAR 4  N  ? ? C PRO 3   C SAR 4   1_555 ? ? ? ? ? ? ?               1.331 ? ? 
covale17 covale both ? D SAR 4  C     ? ? ? 1_555 D MVA 5  N  ? ? C SAR 4   C MVA 5   1_555 ? ? ? ? ? ? ?               1.336 ? ? 
covale18 covale both ? D PXZ 6  "C0'" ? ? ? 1_555 D THR 7  N  ? ? C PXZ 6   C THR 7   1_555 ? ? ? ? ? ? ?               1.427 ? ? 
covale19 covale both ? D THR 7  C     ? ? ? 1_555 D DVA 8  N  ? ? C THR 7   C DVA 8   1_555 ? ? ? ? ? ? ?               1.320 ? ? 
covale20 covale one  ? D THR 7  OG1   ? ? ? 1_555 D MVA 11 C  ? ? C THR 7   C MVA 11  1_555 ? ? ? ? ? ? ?               1.373 ? ? 
covale21 covale both ? D DVA 8  C     ? ? ? 1_555 D PRO 9  N  ? ? C DVA 8   C PRO 9   1_555 ? ? ? ? ? ? ?               1.339 ? ? 
covale22 covale both ? D PRO 9  C     ? ? ? 1_555 D SAR 10 N  ? ? C PRO 9   C SAR 10  1_555 ? ? ? ? ? ? ?               1.329 ? ? 
covale23 covale both ? D SAR 10 C     ? ? ? 1_555 D MVA 11 N  ? ? C SAR 10  C MVA 11  1_555 ? ? ? ? ? ? ?               1.332 ? ? 
metalc1  metalc ?    ? E MG  .  MG    ? ? ? 1_555 K HOH .  O  ? ? A MG  101 A HOH 203 1_555 ? ? ? ? ? ? ?               1.992 ? ? 
metalc2  metalc ?    ? E MG  .  MG    ? ? ? 1_555 K HOH .  O  ? ? A MG  101 A HOH 205 1_555 ? ? ? ? ? ? ?               1.728 ? ? 
metalc3  metalc ?    ? E MG  .  MG    ? ? ? 1_555 K HOH .  O  ? ? A MG  101 A HOH 206 1_555 ? ? ? ? ? ? ?               1.771 ? ? 
metalc4  metalc ?    ? E MG  .  MG    ? ? ? 1_555 K HOH .  O  ? ? A MG  101 A HOH 209 5_545 ? ? ? ? ? ? ?               2.168 ? ? 
metalc5  metalc ?    ? F MG  .  MG    ? ? ? 1_555 K HOH .  O  ? ? A MG  102 A HOH 207 7_555 ? ? ? ? ? ? ?               2.219 ? ? 
hydrog1  hydrog ?    ? A DA  1  N1    ? ? ? 1_555 B DT  7  N3 ? ? A DA  1   B DT  7   1_555 ? ? ? ? ? ? WATSON-CRICK    ?     ? ? 
hydrog2  hydrog ?    ? A DA  1  N6    ? ? ? 1_555 B DT  7  O4 ? ? A DA  1   B DT  7   1_555 ? ? ? ? ? ? WATSON-CRICK    ?     ? ? 
hydrog3  hydrog ?    ? A DG  2  N1    ? ? ? 1_555 B DC  6  N3 ? ? A DG  2   B DC  6   1_555 ? ? ? ? ? ? WATSON-CRICK    ?     ? ? 
hydrog4  hydrog ?    ? A DG  2  N2    ? ? ? 1_555 B DC  6  O2 ? ? A DG  2   B DC  6   1_555 ? ? ? ? ? ? WATSON-CRICK    ?     ? ? 
hydrog5  hydrog ?    ? A DG  2  O6    ? ? ? 1_555 B DC  6  N4 ? ? A DG  2   B DC  6   1_555 ? ? ? ? ? ? WATSON-CRICK    ?     ? ? 
hydrog6  hydrog ?    ? A DC  3  N3    ? ? ? 1_555 B DG  5  N1 ? ? A DC  3   B DG  5   1_555 ? ? ? ? ? ? WATSON-CRICK    ?     ? ? 
hydrog7  hydrog ?    ? A DC  3  N4    ? ? ? 1_555 B DG  5  O6 ? ? A DC  3   B DG  5   1_555 ? ? ? ? ? ? WATSON-CRICK    ?     ? ? 
hydrog8  hydrog ?    ? A DC  3  O2    ? ? ? 1_555 B DG  5  N2 ? ? A DC  3   B DG  5   1_555 ? ? ? ? ? ? WATSON-CRICK    ?     ? ? 
hydrog9  hydrog ?    ? A DT  4  N3    ? ? ? 1_555 B DC  4  O2 ? ? A DT  4   B DC  4   1_555 ? ? ? ? ? ? 'DT-DC MISPAIR' ?     ? ? 
hydrog10 hydrog ?    ? A DC  5  N3    ? ? ? 1_555 B DG  3  N1 ? ? A DC  5   B DG  3   1_555 ? ? ? ? ? ? WATSON-CRICK    ?     ? ? 
hydrog11 hydrog ?    ? A DC  5  N4    ? ? ? 1_555 B DG  3  O6 ? ? A DC  5   B DG  3   1_555 ? ? ? ? ? ? WATSON-CRICK    ?     ? ? 
hydrog12 hydrog ?    ? A DC  5  O2    ? ? ? 1_555 B DG  3  N2 ? ? A DC  5   B DG  3   1_555 ? ? ? ? ? ? WATSON-CRICK    ?     ? ? 
hydrog13 hydrog ?    ? A DG  6  N1    ? ? ? 1_555 B DC  2  N3 ? ? A DG  6   B DC  2   1_555 ? ? ? ? ? ? WATSON-CRICK    ?     ? ? 
hydrog14 hydrog ?    ? A DG  6  N2    ? ? ? 1_555 B DC  2  O2 ? ? A DG  6   B DC  2   1_555 ? ? ? ? ? ? WATSON-CRICK    ?     ? ? 
hydrog15 hydrog ?    ? A DG  6  O6    ? ? ? 1_555 B DC  2  N4 ? ? A DG  6   B DC  2   1_555 ? ? ? ? ? ? WATSON-CRICK    ?     ? ? 
hydrog16 hydrog ?    ? A DT  7  N3    ? ? ? 1_555 B DA  1  N1 ? ? A DT  7   B DA  1   1_555 ? ? ? ? ? ? WATSON-CRICK    ?     ? ? 
hydrog17 hydrog ?    ? A DT  7  O4    ? ? ? 1_555 B DA  1  N6 ? ? A DT  7   B DA  1   1_555 ? ? ? ? ? ? WATSON-CRICK    ?     ? ? 
# 
loop_
_struct_conn_type.id 
_struct_conn_type.criteria 
_struct_conn_type.reference 
disulf ? ? 
covale ? ? 
metalc ? ? 
hydrog ? ? 
# 
loop_
_pdbx_struct_conn_angle.id 
_pdbx_struct_conn_angle.ptnr1_label_atom_id 
_pdbx_struct_conn_angle.ptnr1_label_alt_id 
_pdbx_struct_conn_angle.ptnr1_label_asym_id 
_pdbx_struct_conn_angle.ptnr1_label_comp_id 
_pdbx_struct_conn_angle.ptnr1_label_seq_id 
_pdbx_struct_conn_angle.ptnr1_auth_atom_id 
_pdbx_struct_conn_angle.ptnr1_auth_asym_id 
_pdbx_struct_conn_angle.ptnr1_auth_comp_id 
_pdbx_struct_conn_angle.ptnr1_auth_seq_id 
_pdbx_struct_conn_angle.ptnr1_PDB_ins_code 
_pdbx_struct_conn_angle.ptnr1_symmetry 
_pdbx_struct_conn_angle.ptnr2_label_atom_id 
_pdbx_struct_conn_angle.ptnr2_label_alt_id 
_pdbx_struct_conn_angle.ptnr2_label_asym_id 
_pdbx_struct_conn_angle.ptnr2_label_comp_id 
_pdbx_struct_conn_angle.ptnr2_label_seq_id 
_pdbx_struct_conn_angle.ptnr2_auth_atom_id 
_pdbx_struct_conn_angle.ptnr2_auth_asym_id 
_pdbx_struct_conn_angle.ptnr2_auth_comp_id 
_pdbx_struct_conn_angle.ptnr2_auth_seq_id 
_pdbx_struct_conn_angle.ptnr2_PDB_ins_code 
_pdbx_struct_conn_angle.ptnr2_symmetry 
_pdbx_struct_conn_angle.ptnr3_label_atom_id 
_pdbx_struct_conn_angle.ptnr3_label_alt_id 
_pdbx_struct_conn_angle.ptnr3_label_asym_id 
_pdbx_struct_conn_angle.ptnr3_label_comp_id 
_pdbx_struct_conn_angle.ptnr3_label_seq_id 
_pdbx_struct_conn_angle.ptnr3_auth_atom_id 
_pdbx_struct_conn_angle.ptnr3_auth_asym_id 
_pdbx_struct_conn_angle.ptnr3_auth_comp_id 
_pdbx_struct_conn_angle.ptnr3_auth_seq_id 
_pdbx_struct_conn_angle.ptnr3_PDB_ins_code 
_pdbx_struct_conn_angle.ptnr3_symmetry 
_pdbx_struct_conn_angle.value 
_pdbx_struct_conn_angle.value_esd 
1 O ? K HOH . ? A HOH 203 ? 1_555 MG ? E MG . ? A MG 101 ? 1_555 O ? K HOH . ? A HOH 205 ? 1_555 90.4  ? 
2 O ? K HOH . ? A HOH 203 ? 1_555 MG ? E MG . ? A MG 101 ? 1_555 O ? K HOH . ? A HOH 206 ? 1_555 73.8  ? 
3 O ? K HOH . ? A HOH 205 ? 1_555 MG ? E MG . ? A MG 101 ? 1_555 O ? K HOH . ? A HOH 206 ? 1_555 142.7 ? 
4 O ? K HOH . ? A HOH 203 ? 1_555 MG ? E MG . ? A MG 101 ? 1_555 O ? K HOH . ? A HOH 209 ? 5_545 79.7  ? 
5 O ? K HOH . ? A HOH 205 ? 1_555 MG ? E MG . ? A MG 101 ? 1_555 O ? K HOH . ? A HOH 209 ? 5_545 65.5  ? 
6 O ? K HOH . ? A HOH 206 ? 1_555 MG ? E MG . ? A MG 101 ? 1_555 O ? K HOH . ? A HOH 209 ? 5_545 78.4  ? 
# 
loop_
_struct_mon_prot_cis.pdbx_id 
_struct_mon_prot_cis.label_comp_id 
_struct_mon_prot_cis.label_seq_id 
_struct_mon_prot_cis.label_asym_id 
_struct_mon_prot_cis.label_alt_id 
_struct_mon_prot_cis.pdbx_PDB_ins_code 
_struct_mon_prot_cis.auth_comp_id 
_struct_mon_prot_cis.auth_seq_id 
_struct_mon_prot_cis.auth_asym_id 
_struct_mon_prot_cis.pdbx_label_comp_id_2 
_struct_mon_prot_cis.pdbx_label_seq_id_2 
_struct_mon_prot_cis.pdbx_label_asym_id_2 
_struct_mon_prot_cis.pdbx_PDB_ins_code_2 
_struct_mon_prot_cis.pdbx_auth_comp_id_2 
_struct_mon_prot_cis.pdbx_auth_seq_id_2 
_struct_mon_prot_cis.pdbx_auth_asym_id_2 
_struct_mon_prot_cis.pdbx_PDB_model_num 
_struct_mon_prot_cis.pdbx_omega_angle 
1 DVA 2 D . ? DVA 2 C PRO 3  D ? PRO 3  C 1 10.43 
2 PRO 3 D . ? PRO 3 C SAR 4  D ? SAR 4  C 1 -3.88 
3 DVA 8 D . ? DVA 8 C PRO 9  D ? PRO 9  C 1 10.45 
4 PRO 9 D . ? PRO 9 C SAR 10 D ? SAR 10 C 1 -4.53 
# 
loop_
_pdbx_validate_close_contact.id 
_pdbx_validate_close_contact.PDB_model_num 
_pdbx_validate_close_contact.auth_atom_id_1 
_pdbx_validate_close_contact.auth_asym_id_1 
_pdbx_validate_close_contact.auth_comp_id_1 
_pdbx_validate_close_contact.auth_seq_id_1 
_pdbx_validate_close_contact.PDB_ins_code_1 
_pdbx_validate_close_contact.label_alt_id_1 
_pdbx_validate_close_contact.auth_atom_id_2 
_pdbx_validate_close_contact.auth_asym_id_2 
_pdbx_validate_close_contact.auth_comp_id_2 
_pdbx_validate_close_contact.auth_seq_id_2 
_pdbx_validate_close_contact.PDB_ins_code_2 
_pdbx_validate_close_contact.label_alt_id_2 
_pdbx_validate_close_contact.dist 
1 1 OG1 C THR 7 ? ? O  C MVA 11  ? ? 1.94 
2 1 OP2 A DT  4 ? ? O  A HOH 201 ? ? 2.03 
3 1 CA  D DSN 5 ? ? C  D QUI 102 ? ? 2.09 
4 1 OG1 C THR 1 ? ? CA C MVA 5   ? ? 2.13 
5 1 OG1 C THR 1 ? ? O  C MVA 5   ? ? 2.15 
6 1 OG  D DSN 1 ? ? O  D MVA 8   ? ? 2.19 
# 
loop_
_pdbx_validate_symm_contact.id 
_pdbx_validate_symm_contact.PDB_model_num 
_pdbx_validate_symm_contact.auth_atom_id_1 
_pdbx_validate_symm_contact.auth_asym_id_1 
_pdbx_validate_symm_contact.auth_comp_id_1 
_pdbx_validate_symm_contact.auth_seq_id_1 
_pdbx_validate_symm_contact.PDB_ins_code_1 
_pdbx_validate_symm_contact.label_alt_id_1 
_pdbx_validate_symm_contact.site_symmetry_1 
_pdbx_validate_symm_contact.auth_atom_id_2 
_pdbx_validate_symm_contact.auth_asym_id_2 
_pdbx_validate_symm_contact.auth_comp_id_2 
_pdbx_validate_symm_contact.auth_seq_id_2 
_pdbx_validate_symm_contact.PDB_ins_code_2 
_pdbx_validate_symm_contact.label_alt_id_2 
_pdbx_validate_symm_contact.site_symmetry_2 
_pdbx_validate_symm_contact.dist 
1 1 MG  A MG  102 ? ? 1_555 O  A HOH 201 ? ? 7_555 1.45 
2 1 OP2 A DT  4   ? ? 1_555 MG A MG  102 ? ? 7_555 1.59 
3 1 MG  A MG  102 ? ? 1_555 O  A HOH 202 ? ? 7_555 1.63 
4 1 O   A HOH 205 ? ? 1_555 O  A HOH 209 ? ? 5_545 2.14 
# 
_pdbx_validate_rmsd_bond.id                        1 
_pdbx_validate_rmsd_bond.PDB_model_num             1 
_pdbx_validate_rmsd_bond.auth_atom_id_1            "O3'" 
_pdbx_validate_rmsd_bond.auth_asym_id_1            B 
_pdbx_validate_rmsd_bond.auth_comp_id_1            DC 
_pdbx_validate_rmsd_bond.auth_seq_id_1             2 
_pdbx_validate_rmsd_bond.PDB_ins_code_1            ? 
_pdbx_validate_rmsd_bond.label_alt_id_1            ? 
_pdbx_validate_rmsd_bond.auth_atom_id_2            P 
_pdbx_validate_rmsd_bond.auth_asym_id_2            B 
_pdbx_validate_rmsd_bond.auth_comp_id_2            DG 
_pdbx_validate_rmsd_bond.auth_seq_id_2             3 
_pdbx_validate_rmsd_bond.PDB_ins_code_2            ? 
_pdbx_validate_rmsd_bond.label_alt_id_2            ? 
_pdbx_validate_rmsd_bond.bond_value                1.530 
_pdbx_validate_rmsd_bond.bond_target_value         1.607 
_pdbx_validate_rmsd_bond.bond_deviation            -0.077 
_pdbx_validate_rmsd_bond.bond_standard_deviation   0.012 
_pdbx_validate_rmsd_bond.linker_flag               Y 
# 
_pdbx_validate_rmsd_angle.id                         1 
_pdbx_validate_rmsd_angle.PDB_model_num              1 
_pdbx_validate_rmsd_angle.auth_atom_id_1             "O5'" 
_pdbx_validate_rmsd_angle.auth_asym_id_1             B 
_pdbx_validate_rmsd_angle.auth_comp_id_1             DG 
_pdbx_validate_rmsd_angle.auth_seq_id_1              5 
_pdbx_validate_rmsd_angle.PDB_ins_code_1             ? 
_pdbx_validate_rmsd_angle.label_alt_id_1             ? 
_pdbx_validate_rmsd_angle.auth_atom_id_2             P 
_pdbx_validate_rmsd_angle.auth_asym_id_2             B 
_pdbx_validate_rmsd_angle.auth_comp_id_2             DG 
_pdbx_validate_rmsd_angle.auth_seq_id_2              5 
_pdbx_validate_rmsd_angle.PDB_ins_code_2             ? 
_pdbx_validate_rmsd_angle.label_alt_id_2             ? 
_pdbx_validate_rmsd_angle.auth_atom_id_3             OP2 
_pdbx_validate_rmsd_angle.auth_asym_id_3             B 
_pdbx_validate_rmsd_angle.auth_comp_id_3             DG 
_pdbx_validate_rmsd_angle.auth_seq_id_3              5 
_pdbx_validate_rmsd_angle.PDB_ins_code_3             ? 
_pdbx_validate_rmsd_angle.label_alt_id_3             ? 
_pdbx_validate_rmsd_angle.angle_value                96.16 
_pdbx_validate_rmsd_angle.angle_target_value         105.70 
_pdbx_validate_rmsd_angle.angle_deviation            -9.54 
_pdbx_validate_rmsd_angle.angle_standard_deviation   0.90 
_pdbx_validate_rmsd_angle.linker_flag                N 
# 
loop_
_pdbx_molecule_features.prd_id 
_pdbx_molecule_features.name 
_pdbx_molecule_features.type 
_pdbx_molecule_features.class 
_pdbx_molecule_features.details 
PRD_000001 'Actinomycin D' Polypeptide           Antibiotic 
;ACTINOMYCIN D CONSISTS OF TWO PENTAMER
RINGS LINKED BY THE CHROMOPHORE (PXZ)
;
PRD_000491 Echinomycin     'Cyclic depsipeptide' Antibiotic 
;ECHINOMYCIN IS A BICYCLIC OCTADEPSIPEPTIDE.
BICYCLIZATION IS ACHIEVED BY LINKING THE N- AND
THE C- TERMINI, AND A THIOACETAL BOND BETWEEN
RESIDUES 3 AND 7.
THE TWO QUINOXALINE CHROMOPHORES ARE LINKED
TO THE D-SERINE RESIDUES, RESIDUES 1 AND 5.
;
# 
loop_
_pdbx_molecule.instance_id 
_pdbx_molecule.prd_id 
_pdbx_molecule.asym_id 
1 PRD_000491 C 
1 PRD_000491 I 
1 PRD_000491 J 
2 PRD_000001 D 
# 
_pdbx_struct_special_symmetry.id              1 
_pdbx_struct_special_symmetry.PDB_model_num   1 
_pdbx_struct_special_symmetry.auth_asym_id    B 
_pdbx_struct_special_symmetry.auth_comp_id    MG 
_pdbx_struct_special_symmetry.auth_seq_id     101 
_pdbx_struct_special_symmetry.PDB_ins_code    ? 
_pdbx_struct_special_symmetry.label_asym_id   G 
_pdbx_struct_special_symmetry.label_comp_id   MG 
_pdbx_struct_special_symmetry.label_seq_id    . 
# 
loop_
_pdbx_refine_tls.pdbx_refine_id 
_pdbx_refine_tls.id 
_pdbx_refine_tls.details 
_pdbx_refine_tls.method 
_pdbx_refine_tls.origin_x 
_pdbx_refine_tls.origin_y 
_pdbx_refine_tls.origin_z 
_pdbx_refine_tls.T[1][1] 
_pdbx_refine_tls.T[2][2] 
_pdbx_refine_tls.T[3][3] 
_pdbx_refine_tls.T[1][2] 
_pdbx_refine_tls.T[1][3] 
_pdbx_refine_tls.T[2][3] 
_pdbx_refine_tls.L[1][1] 
_pdbx_refine_tls.L[2][2] 
_pdbx_refine_tls.L[3][3] 
_pdbx_refine_tls.L[1][2] 
_pdbx_refine_tls.L[1][3] 
_pdbx_refine_tls.L[2][3] 
_pdbx_refine_tls.S[1][1] 
_pdbx_refine_tls.S[1][2] 
_pdbx_refine_tls.S[1][3] 
_pdbx_refine_tls.S[2][1] 
_pdbx_refine_tls.S[2][2] 
_pdbx_refine_tls.S[2][3] 
_pdbx_refine_tls.S[3][1] 
_pdbx_refine_tls.S[3][2] 
_pdbx_refine_tls.S[3][3] 
'X-RAY DIFFRACTION' 1 ? refined 3.2290  3.2253  3.6112  0.6737 0.7191 0.2952 0.3225  0.0972  0.1619  1.6581 7.2918 2.5864 -0.4629 0.9587  -1.9456 0.9261  1.2850 1.4306  -1.1218 -0.9392 -2.4159 0.5003  0.0797  0.2483 
'X-RAY DIFFRACTION' 2 ? refined -4.1004 -1.0727 4.9169  0.4537 0.4615 0.7761 0.0519  -0.0118 -0.0929 2.1666 8.9744 0.7386 -2.1901 0.0665  1.1759  0.9584  0.6868 -0.3410 -0.4252 -1.4978 0.3078  0.1063  -1.1482 0.6277 
'X-RAY DIFFRACTION' 3 ? refined 5.1104  -6.1309 -0.2391 0.6875 0.3561 0.2745 -0.0327 0.0212  0.0490  2.8399 7.7025 4.2901 -1.2107 -1.5530 -1.5829 -0.3179 0.8126 -1.2061 -2.5490 -1.0782 -0.8388 -0.6367 1.0632  1.3419 
'X-RAY DIFFRACTION' 4 ? refined -8.0611 7.4397  2.2246  0.5621 0.6356 0.2099 0.0899  -0.2443 -0.0931 2.7429 3.7926 3.4413 0.7830  -2.9460 -1.7787 -0.0889 1.5752 0.3936  -1.0545 0.5111  0.5739  -0.0443 -0.4998 0.1865  
# 
loop_
_pdbx_refine_tls_group.pdbx_refine_id 
_pdbx_refine_tls_group.id 
_pdbx_refine_tls_group.refine_tls_id 
_pdbx_refine_tls_group.beg_auth_asym_id 
_pdbx_refine_tls_group.beg_auth_seq_id 
_pdbx_refine_tls_group.beg_label_asym_id 
_pdbx_refine_tls_group.beg_label_seq_id 
_pdbx_refine_tls_group.end_auth_asym_id 
_pdbx_refine_tls_group.end_auth_seq_id 
_pdbx_refine_tls_group.end_label_asym_id 
_pdbx_refine_tls_group.end_label_seq_id 
_pdbx_refine_tls_group.selection 
_pdbx_refine_tls_group.selection_details 
'X-RAY DIFFRACTION' 1 1 ? ? ? ? ? ? ? ? ? 
;chain 'A' and (resid 1 through 7 )
;
'X-RAY DIFFRACTION' 2 2 ? ? ? ? ? ? ? ? ? 
;chain 'B' and (resid 1 through 7 )
;
'X-RAY DIFFRACTION' 3 3 ? ? ? ? ? ? ? ? ? 
;chain 'C' and (resid 1 through 9 )
;
'X-RAY DIFFRACTION' 4 4 ? ? ? ? ? ? ? ? ? 
;chain 'D' and (resid 2 through 6 )
;
# 
_pdbx_entry_details.entry_id                 7DQ8 
_pdbx_entry_details.nonpolymer_details       ? 
_pdbx_entry_details.sequence_details         ? 
_pdbx_entry_details.compound_details         
;ACTINOMYCIN D IS A BICYCLIC PEPTIDE, A MEMBER OF THE
ACTINOMYCIN FAMILY.
HERE, ACTINOMYCIN D IS REPRESENTED BY THE SEQUENCE (SEQRES).
THE ECHINOMYCIN IS A BICYCLIC OCTADEPSIPEPTIDE, A MEMBER
OF THE QUINOXALINE CLASS OF ANTIBIOTICS.
HERE, ECHINOMYCIN IS REPRESENTED BY GROUPING TOGETHER THE
SEQUENCE (SEQRES) AND TWO LIGANDS (HET) QUI.
;
_pdbx_entry_details.source_details           ? 
_pdbx_entry_details.has_ligand_of_interest   N 
# 
loop_
_chem_comp_atom.comp_id 
_chem_comp_atom.atom_id 
_chem_comp_atom.type_symbol 
_chem_comp_atom.pdbx_aromatic_flag 
_chem_comp_atom.pdbx_stereo_config 
_chem_comp_atom.pdbx_ordinal 
ALA N      N  N N 1   
ALA CA     C  N S 2   
ALA C      C  N N 3   
ALA O      O  N N 4   
ALA CB     C  N N 5   
ALA OXT    O  N N 6   
ALA H      H  N N 7   
ALA H2     H  N N 8   
ALA HA     H  N N 9   
ALA HB1    H  N N 10  
ALA HB2    H  N N 11  
ALA HB3    H  N N 12  
ALA HXT    H  N N 13  
DA  OP3    O  N N 14  
DA  P      P  N N 15  
DA  OP1    O  N N 16  
DA  OP2    O  N N 17  
DA  "O5'"  O  N N 18  
DA  "C5'"  C  N N 19  
DA  "C4'"  C  N R 20  
DA  "O4'"  O  N N 21  
DA  "C3'"  C  N S 22  
DA  "O3'"  O  N N 23  
DA  "C2'"  C  N N 24  
DA  "C1'"  C  N R 25  
DA  N9     N  Y N 26  
DA  C8     C  Y N 27  
DA  N7     N  Y N 28  
DA  C5     C  Y N 29  
DA  C6     C  Y N 30  
DA  N6     N  N N 31  
DA  N1     N  Y N 32  
DA  C2     C  Y N 33  
DA  N3     N  Y N 34  
DA  C4     C  Y N 35  
DA  HOP3   H  N N 36  
DA  HOP2   H  N N 37  
DA  "H5'"  H  N N 38  
DA  "H5''" H  N N 39  
DA  "H4'"  H  N N 40  
DA  "H3'"  H  N N 41  
DA  "HO3'" H  N N 42  
DA  "H2'"  H  N N 43  
DA  "H2''" H  N N 44  
DA  "H1'"  H  N N 45  
DA  H8     H  N N 46  
DA  H61    H  N N 47  
DA  H62    H  N N 48  
DA  H2     H  N N 49  
DC  OP3    O  N N 50  
DC  P      P  N N 51  
DC  OP1    O  N N 52  
DC  OP2    O  N N 53  
DC  "O5'"  O  N N 54  
DC  "C5'"  C  N N 55  
DC  "C4'"  C  N R 56  
DC  "O4'"  O  N N 57  
DC  "C3'"  C  N S 58  
DC  "O3'"  O  N N 59  
DC  "C2'"  C  N N 60  
DC  "C1'"  C  N R 61  
DC  N1     N  N N 62  
DC  C2     C  N N 63  
DC  O2     O  N N 64  
DC  N3     N  N N 65  
DC  C4     C  N N 66  
DC  N4     N  N N 67  
DC  C5     C  N N 68  
DC  C6     C  N N 69  
DC  HOP3   H  N N 70  
DC  HOP2   H  N N 71  
DC  "H5'"  H  N N 72  
DC  "H5''" H  N N 73  
DC  "H4'"  H  N N 74  
DC  "H3'"  H  N N 75  
DC  "HO3'" H  N N 76  
DC  "H2'"  H  N N 77  
DC  "H2''" H  N N 78  
DC  "H1'"  H  N N 79  
DC  H41    H  N N 80  
DC  H42    H  N N 81  
DC  H5     H  N N 82  
DC  H6     H  N N 83  
DG  OP3    O  N N 84  
DG  P      P  N N 85  
DG  OP1    O  N N 86  
DG  OP2    O  N N 87  
DG  "O5'"  O  N N 88  
DG  "C5'"  C  N N 89  
DG  "C4'"  C  N R 90  
DG  "O4'"  O  N N 91  
DG  "C3'"  C  N S 92  
DG  "O3'"  O  N N 93  
DG  "C2'"  C  N N 94  
DG  "C1'"  C  N R 95  
DG  N9     N  Y N 96  
DG  C8     C  Y N 97  
DG  N7     N  Y N 98  
DG  C5     C  Y N 99  
DG  C6     C  N N 100 
DG  O6     O  N N 101 
DG  N1     N  N N 102 
DG  C2     C  N N 103 
DG  N2     N  N N 104 
DG  N3     N  N N 105 
DG  C4     C  Y N 106 
DG  HOP3   H  N N 107 
DG  HOP2   H  N N 108 
DG  "H5'"  H  N N 109 
DG  "H5''" H  N N 110 
DG  "H4'"  H  N N 111 
DG  "H3'"  H  N N 112 
DG  "HO3'" H  N N 113 
DG  "H2'"  H  N N 114 
DG  "H2''" H  N N 115 
DG  "H1'"  H  N N 116 
DG  H8     H  N N 117 
DG  H1     H  N N 118 
DG  H21    H  N N 119 
DG  H22    H  N N 120 
DSN N      N  N N 121 
DSN CA     C  N R 122 
DSN C      C  N N 123 
DSN O      O  N N 124 
DSN OXT    O  N N 125 
DSN CB     C  N N 126 
DSN OG     O  N N 127 
DSN H      H  N N 128 
DSN H2     H  N N 129 
DSN HA     H  N N 130 
DSN HXT    H  N N 131 
DSN HB2    H  N N 132 
DSN HB3    H  N N 133 
DSN HG     H  N N 134 
DT  OP3    O  N N 135 
DT  P      P  N N 136 
DT  OP1    O  N N 137 
DT  OP2    O  N N 138 
DT  "O5'"  O  N N 139 
DT  "C5'"  C  N N 140 
DT  "C4'"  C  N R 141 
DT  "O4'"  O  N N 142 
DT  "C3'"  C  N S 143 
DT  "O3'"  O  N N 144 
DT  "C2'"  C  N N 145 
DT  "C1'"  C  N R 146 
DT  N1     N  N N 147 
DT  C2     C  N N 148 
DT  O2     O  N N 149 
DT  N3     N  N N 150 
DT  C4     C  N N 151 
DT  O4     O  N N 152 
DT  C5     C  N N 153 
DT  C7     C  N N 154 
DT  C6     C  N N 155 
DT  HOP3   H  N N 156 
DT  HOP2   H  N N 157 
DT  "H5'"  H  N N 158 
DT  "H5''" H  N N 159 
DT  "H4'"  H  N N 160 
DT  "H3'"  H  N N 161 
DT  "HO3'" H  N N 162 
DT  "H2'"  H  N N 163 
DT  "H2''" H  N N 164 
DT  "H1'"  H  N N 165 
DT  H3     H  N N 166 
DT  H71    H  N N 167 
DT  H72    H  N N 168 
DT  H73    H  N N 169 
DT  H6     H  N N 170 
DVA N      N  N N 171 
DVA CA     C  N R 172 
DVA CB     C  N N 173 
DVA CG1    C  N N 174 
DVA CG2    C  N N 175 
DVA C      C  N N 176 
DVA O      O  N N 177 
DVA OXT    O  N N 178 
DVA H      H  N N 179 
DVA H2     H  N N 180 
DVA HA     H  N N 181 
DVA HB     H  N N 182 
DVA HG11   H  N N 183 
DVA HG12   H  N N 184 
DVA HG13   H  N N 185 
DVA HG21   H  N N 186 
DVA HG22   H  N N 187 
DVA HG23   H  N N 188 
DVA HXT    H  N N 189 
HOH O      O  N N 190 
HOH H1     H  N N 191 
HOH H2     H  N N 192 
MG  MG     MG N N 193 
MVA N      N  N N 194 
MVA CN     C  N N 195 
MVA CA     C  N S 196 
MVA CB     C  N N 197 
MVA CG1    C  N N 198 
MVA CG2    C  N N 199 
MVA C      C  N N 200 
MVA O      O  N N 201 
MVA OXT    O  N N 202 
MVA H      H  N N 203 
MVA HN1    H  N N 204 
MVA HN2    H  N N 205 
MVA HN3    H  N N 206 
MVA HA     H  N N 207 
MVA HB     H  N N 208 
MVA HG11   H  N N 209 
MVA HG12   H  N N 210 
MVA HG13   H  N N 211 
MVA HG21   H  N N 212 
MVA HG22   H  N N 213 
MVA HG23   H  N N 214 
MVA HXT    H  N N 215 
N2C N      N  N N 216 
N2C CA     C  N R 217 
N2C CB     C  N N 218 
N2C SG     S  N N 219 
N2C CD     C  N N 220 
N2C CN     C  N N 221 
N2C C      C  N N 222 
N2C O      O  N N 223 
N2C OXT    O  N N 224 
N2C H      H  N N 225 
N2C HA     H  N N 226 
N2C HB2    H  N N 227 
N2C HB3    H  N N 228 
N2C HD1    H  N N 229 
N2C HD2    H  N N 230 
N2C HD3    H  N N 231 
N2C HN1    H  N N 232 
N2C HN2    H  N N 233 
N2C HN3    H  N N 234 
N2C HXT    H  N N 235 
NCY N      N  N N 236 
NCY CA     C  N R 237 
NCY CB     C  N N 238 
NCY SG     S  N N 239 
NCY CN     C  N N 240 
NCY C      C  N N 241 
NCY O      O  N N 242 
NCY OXT    O  N N 243 
NCY H      H  N N 244 
NCY HA     H  N N 245 
NCY HB2    H  N N 246 
NCY HB3    H  N N 247 
NCY HG     H  N N 248 
NCY HCN1   H  N N 249 
NCY HCN2   H  N N 250 
NCY HCN3   H  N N 251 
NCY HXT    H  N N 252 
PRO N      N  N N 253 
PRO CA     C  N S 254 
PRO C      C  N N 255 
PRO O      O  N N 256 
PRO CB     C  N N 257 
PRO CG     C  N N 258 
PRO CD     C  N N 259 
PRO OXT    O  N N 260 
PRO H      H  N N 261 
PRO HA     H  N N 262 
PRO HB2    H  N N 263 
PRO HB3    H  N N 264 
PRO HG2    H  N N 265 
PRO HG3    H  N N 266 
PRO HD2    H  N N 267 
PRO HD3    H  N N 268 
PRO HXT    H  N N 269 
PXZ C1     C  N N 270 
PXZ C0     C  N N 271 
PXZ O1     O  N N 272 
PXZ C2     C  N N 273 
PXZ N2     N  N N 274 
PXZ C3     C  N N 275 
PXZ O3     O  N N 276 
PXZ C4     C  N N 277 
PXZ O5     O  N N 278 
PXZ C6     C  Y N 279 
PXZ C7     C  Y N 280 
PXZ C8     C  Y N 281 
PXZ C9     C  Y N 282 
PXZ "C0'"  C  N N 283 
PXZ "O1'"  O  N N 284 
PXZ N10    N  N N 285 
PXZ C11    C  N N 286 
PXZ C12    C  N N 287 
PXZ C13    C  Y N 288 
PXZ C14    C  Y N 289 
PXZ C15    C  N N 290 
PXZ C16    C  N N 291 
PXZ HN21   H  N N 292 
PXZ HN22   H  N N 293 
PXZ H7     H  N N 294 
PXZ H8     H  N N 295 
PXZ H151   H  N N 296 
PXZ H152   H  N N 297 
PXZ H153   H  N N 298 
PXZ H161   H  N N 299 
PXZ H162   H  N N 300 
PXZ H163   H  N N 301 
PXZ "OXT'" O  N N 302 
PXZ OXT    O  N N 303 
PXZ "HXT'" H  N N 304 
PXZ HXT    H  N N 305 
QUI N1     N  Y N 306 
QUI C2     C  Y N 307 
QUI C3     C  Y N 308 
QUI N4     N  Y N 309 
QUI C5     C  Y N 310 
QUI C6     C  Y N 311 
QUI C7     C  Y N 312 
QUI C8     C  Y N 313 
QUI C9     C  Y N 314 
QUI C10    C  Y N 315 
QUI C      C  N N 316 
QUI O1     O  N N 317 
QUI O2     O  N N 318 
QUI H3     H  N N 319 
QUI H5     H  N N 320 
QUI H6     H  N N 321 
QUI H7     H  N N 322 
QUI H8     H  N N 323 
QUI HO2    H  N N 324 
SAR N      N  N N 325 
SAR CA     C  N N 326 
SAR C      C  N N 327 
SAR O      O  N N 328 
SAR CN     C  N N 329 
SAR OXT    O  N N 330 
SAR H      H  N N 331 
SAR HA2    H  N N 332 
SAR HA3    H  N N 333 
SAR HN1    H  N N 334 
SAR HN2    H  N N 335 
SAR HN3    H  N N 336 
SAR HXT    H  N N 337 
THR N      N  N N 338 
THR CA     C  N S 339 
THR C      C  N N 340 
THR O      O  N N 341 
THR CB     C  N R 342 
THR OG1    O  N N 343 
THR CG2    C  N N 344 
THR OXT    O  N N 345 
THR H      H  N N 346 
THR H2     H  N N 347 
THR HA     H  N N 348 
THR HB     H  N N 349 
THR HG1    H  N N 350 
THR HG21   H  N N 351 
THR HG22   H  N N 352 
THR HG23   H  N N 353 
THR HXT    H  N N 354 
# 
loop_
_chem_comp_bond.comp_id 
_chem_comp_bond.atom_id_1 
_chem_comp_bond.atom_id_2 
_chem_comp_bond.value_order 
_chem_comp_bond.pdbx_aromatic_flag 
_chem_comp_bond.pdbx_stereo_config 
_chem_comp_bond.pdbx_ordinal 
ALA N      CA     sing N N 1   
ALA N      H      sing N N 2   
ALA N      H2     sing N N 3   
ALA CA     C      sing N N 4   
ALA CA     CB     sing N N 5   
ALA CA     HA     sing N N 6   
ALA C      O      doub N N 7   
ALA C      OXT    sing N N 8   
ALA CB     HB1    sing N N 9   
ALA CB     HB2    sing N N 10  
ALA CB     HB3    sing N N 11  
ALA OXT    HXT    sing N N 12  
DA  OP3    P      sing N N 13  
DA  OP3    HOP3   sing N N 14  
DA  P      OP1    doub N N 15  
DA  P      OP2    sing N N 16  
DA  P      "O5'"  sing N N 17  
DA  OP2    HOP2   sing N N 18  
DA  "O5'"  "C5'"  sing N N 19  
DA  "C5'"  "C4'"  sing N N 20  
DA  "C5'"  "H5'"  sing N N 21  
DA  "C5'"  "H5''" sing N N 22  
DA  "C4'"  "O4'"  sing N N 23  
DA  "C4'"  "C3'"  sing N N 24  
DA  "C4'"  "H4'"  sing N N 25  
DA  "O4'"  "C1'"  sing N N 26  
DA  "C3'"  "O3'"  sing N N 27  
DA  "C3'"  "C2'"  sing N N 28  
DA  "C3'"  "H3'"  sing N N 29  
DA  "O3'"  "HO3'" sing N N 30  
DA  "C2'"  "C1'"  sing N N 31  
DA  "C2'"  "H2'"  sing N N 32  
DA  "C2'"  "H2''" sing N N 33  
DA  "C1'"  N9     sing N N 34  
DA  "C1'"  "H1'"  sing N N 35  
DA  N9     C8     sing Y N 36  
DA  N9     C4     sing Y N 37  
DA  C8     N7     doub Y N 38  
DA  C8     H8     sing N N 39  
DA  N7     C5     sing Y N 40  
DA  C5     C6     sing Y N 41  
DA  C5     C4     doub Y N 42  
DA  C6     N6     sing N N 43  
DA  C6     N1     doub Y N 44  
DA  N6     H61    sing N N 45  
DA  N6     H62    sing N N 46  
DA  N1     C2     sing Y N 47  
DA  C2     N3     doub Y N 48  
DA  C2     H2     sing N N 49  
DA  N3     C4     sing Y N 50  
DC  OP3    P      sing N N 51  
DC  OP3    HOP3   sing N N 52  
DC  P      OP1    doub N N 53  
DC  P      OP2    sing N N 54  
DC  P      "O5'"  sing N N 55  
DC  OP2    HOP2   sing N N 56  
DC  "O5'"  "C5'"  sing N N 57  
DC  "C5'"  "C4'"  sing N N 58  
DC  "C5'"  "H5'"  sing N N 59  
DC  "C5'"  "H5''" sing N N 60  
DC  "C4'"  "O4'"  sing N N 61  
DC  "C4'"  "C3'"  sing N N 62  
DC  "C4'"  "H4'"  sing N N 63  
DC  "O4'"  "C1'"  sing N N 64  
DC  "C3'"  "O3'"  sing N N 65  
DC  "C3'"  "C2'"  sing N N 66  
DC  "C3'"  "H3'"  sing N N 67  
DC  "O3'"  "HO3'" sing N N 68  
DC  "C2'"  "C1'"  sing N N 69  
DC  "C2'"  "H2'"  sing N N 70  
DC  "C2'"  "H2''" sing N N 71  
DC  "C1'"  N1     sing N N 72  
DC  "C1'"  "H1'"  sing N N 73  
DC  N1     C2     sing N N 74  
DC  N1     C6     sing N N 75  
DC  C2     O2     doub N N 76  
DC  C2     N3     sing N N 77  
DC  N3     C4     doub N N 78  
DC  C4     N4     sing N N 79  
DC  C4     C5     sing N N 80  
DC  N4     H41    sing N N 81  
DC  N4     H42    sing N N 82  
DC  C5     C6     doub N N 83  
DC  C5     H5     sing N N 84  
DC  C6     H6     sing N N 85  
DG  OP3    P      sing N N 86  
DG  OP3    HOP3   sing N N 87  
DG  P      OP1    doub N N 88  
DG  P      OP2    sing N N 89  
DG  P      "O5'"  sing N N 90  
DG  OP2    HOP2   sing N N 91  
DG  "O5'"  "C5'"  sing N N 92  
DG  "C5'"  "C4'"  sing N N 93  
DG  "C5'"  "H5'"  sing N N 94  
DG  "C5'"  "H5''" sing N N 95  
DG  "C4'"  "O4'"  sing N N 96  
DG  "C4'"  "C3'"  sing N N 97  
DG  "C4'"  "H4'"  sing N N 98  
DG  "O4'"  "C1'"  sing N N 99  
DG  "C3'"  "O3'"  sing N N 100 
DG  "C3'"  "C2'"  sing N N 101 
DG  "C3'"  "H3'"  sing N N 102 
DG  "O3'"  "HO3'" sing N N 103 
DG  "C2'"  "C1'"  sing N N 104 
DG  "C2'"  "H2'"  sing N N 105 
DG  "C2'"  "H2''" sing N N 106 
DG  "C1'"  N9     sing N N 107 
DG  "C1'"  "H1'"  sing N N 108 
DG  N9     C8     sing Y N 109 
DG  N9     C4     sing Y N 110 
DG  C8     N7     doub Y N 111 
DG  C8     H8     sing N N 112 
DG  N7     C5     sing Y N 113 
DG  C5     C6     sing N N 114 
DG  C5     C4     doub Y N 115 
DG  C6     O6     doub N N 116 
DG  C6     N1     sing N N 117 
DG  N1     C2     sing N N 118 
DG  N1     H1     sing N N 119 
DG  C2     N2     sing N N 120 
DG  C2     N3     doub N N 121 
DG  N2     H21    sing N N 122 
DG  N2     H22    sing N N 123 
DG  N3     C4     sing N N 124 
DSN N      CA     sing N N 125 
DSN N      H      sing N N 126 
DSN N      H2     sing N N 127 
DSN CA     C      sing N N 128 
DSN CA     CB     sing N N 129 
DSN CA     HA     sing N N 130 
DSN C      O      doub N N 131 
DSN C      OXT    sing N N 132 
DSN OXT    HXT    sing N N 133 
DSN CB     OG     sing N N 134 
DSN CB     HB2    sing N N 135 
DSN CB     HB3    sing N N 136 
DSN OG     HG     sing N N 137 
DT  OP3    P      sing N N 138 
DT  OP3    HOP3   sing N N 139 
DT  P      OP1    doub N N 140 
DT  P      OP2    sing N N 141 
DT  P      "O5'"  sing N N 142 
DT  OP2    HOP2   sing N N 143 
DT  "O5'"  "C5'"  sing N N 144 
DT  "C5'"  "C4'"  sing N N 145 
DT  "C5'"  "H5'"  sing N N 146 
DT  "C5'"  "H5''" sing N N 147 
DT  "C4'"  "O4'"  sing N N 148 
DT  "C4'"  "C3'"  sing N N 149 
DT  "C4'"  "H4'"  sing N N 150 
DT  "O4'"  "C1'"  sing N N 151 
DT  "C3'"  "O3'"  sing N N 152 
DT  "C3'"  "C2'"  sing N N 153 
DT  "C3'"  "H3'"  sing N N 154 
DT  "O3'"  "HO3'" sing N N 155 
DT  "C2'"  "C1'"  sing N N 156 
DT  "C2'"  "H2'"  sing N N 157 
DT  "C2'"  "H2''" sing N N 158 
DT  "C1'"  N1     sing N N 159 
DT  "C1'"  "H1'"  sing N N 160 
DT  N1     C2     sing N N 161 
DT  N1     C6     sing N N 162 
DT  C2     O2     doub N N 163 
DT  C2     N3     sing N N 164 
DT  N3     C4     sing N N 165 
DT  N3     H3     sing N N 166 
DT  C4     O4     doub N N 167 
DT  C4     C5     sing N N 168 
DT  C5     C7     sing N N 169 
DT  C5     C6     doub N N 170 
DT  C7     H71    sing N N 171 
DT  C7     H72    sing N N 172 
DT  C7     H73    sing N N 173 
DT  C6     H6     sing N N 174 
DVA N      CA     sing N N 175 
DVA N      H      sing N N 176 
DVA N      H2     sing N N 177 
DVA CA     CB     sing N N 178 
DVA CA     C      sing N N 179 
DVA CA     HA     sing N N 180 
DVA CB     CG1    sing N N 181 
DVA CB     CG2    sing N N 182 
DVA CB     HB     sing N N 183 
DVA CG1    HG11   sing N N 184 
DVA CG1    HG12   sing N N 185 
DVA CG1    HG13   sing N N 186 
DVA CG2    HG21   sing N N 187 
DVA CG2    HG22   sing N N 188 
DVA CG2    HG23   sing N N 189 
DVA C      O      doub N N 190 
DVA C      OXT    sing N N 191 
DVA OXT    HXT    sing N N 192 
HOH O      H1     sing N N 193 
HOH O      H2     sing N N 194 
MVA N      CN     sing N N 195 
MVA N      CA     sing N N 196 
MVA N      H      sing N N 197 
MVA CN     HN1    sing N N 198 
MVA CN     HN2    sing N N 199 
MVA CN     HN3    sing N N 200 
MVA CA     CB     sing N N 201 
MVA CA     C      sing N N 202 
MVA CA     HA     sing N N 203 
MVA CB     CG1    sing N N 204 
MVA CB     CG2    sing N N 205 
MVA CB     HB     sing N N 206 
MVA CG1    HG11   sing N N 207 
MVA CG1    HG12   sing N N 208 
MVA CG1    HG13   sing N N 209 
MVA CG2    HG21   sing N N 210 
MVA CG2    HG22   sing N N 211 
MVA CG2    HG23   sing N N 212 
MVA C      O      doub N N 213 
MVA C      OXT    sing N N 214 
MVA OXT    HXT    sing N N 215 
N2C N      CA     sing N N 216 
N2C N      CN     sing N N 217 
N2C N      H      sing N N 218 
N2C CA     CB     sing N N 219 
N2C CA     C      sing N N 220 
N2C CA     HA     sing N N 221 
N2C CB     SG     sing N N 222 
N2C CB     HB2    sing N N 223 
N2C CB     HB3    sing N N 224 
N2C SG     CD     sing N N 225 
N2C CD     HD1    sing N N 226 
N2C CD     HD2    sing N N 227 
N2C CD     HD3    sing N N 228 
N2C CN     HN1    sing N N 229 
N2C CN     HN2    sing N N 230 
N2C CN     HN3    sing N N 231 
N2C C      O      doub N N 232 
N2C C      OXT    sing N N 233 
N2C OXT    HXT    sing N N 234 
NCY N      CA     sing N N 235 
NCY N      CN     sing N N 236 
NCY N      H      sing N N 237 
NCY CA     CB     sing N N 238 
NCY CA     C      sing N N 239 
NCY CA     HA     sing N N 240 
NCY CB     SG     sing N N 241 
NCY CB     HB2    sing N N 242 
NCY CB     HB3    sing N N 243 
NCY SG     HG     sing N N 244 
NCY CN     HCN1   sing N N 245 
NCY CN     HCN2   sing N N 246 
NCY CN     HCN3   sing N N 247 
NCY C      O      doub N N 248 
NCY C      OXT    sing N N 249 
NCY OXT    HXT    sing N N 250 
PRO N      CA     sing N N 251 
PRO N      CD     sing N N 252 
PRO N      H      sing N N 253 
PRO CA     C      sing N N 254 
PRO CA     CB     sing N N 255 
PRO CA     HA     sing N N 256 
PRO C      O      doub N N 257 
PRO C      OXT    sing N N 258 
PRO CB     CG     sing N N 259 
PRO CB     HB2    sing N N 260 
PRO CB     HB3    sing N N 261 
PRO CG     CD     sing N N 262 
PRO CG     HG2    sing N N 263 
PRO CG     HG3    sing N N 264 
PRO CD     HD2    sing N N 265 
PRO CD     HD3    sing N N 266 
PRO OXT    HXT    sing N N 267 
PXZ C1     C0     sing N N 268 
PXZ C1     C2     doub N N 269 
PXZ C1     C11    sing N N 270 
PXZ C0     O1     doub N N 271 
PXZ C2     N2     sing N N 272 
PXZ C2     C3     sing N N 273 
PXZ N2     HN21   sing N N 274 
PXZ N2     HN22   sing N N 275 
PXZ C3     O3     doub N N 276 
PXZ C3     C4     sing N N 277 
PXZ C4     C12    doub N N 278 
PXZ C4     C15    sing N N 279 
PXZ O5     C12    sing N N 280 
PXZ O5     C13    sing N N 281 
PXZ C6     C7     doub Y N 282 
PXZ C6     C13    sing Y N 283 
PXZ C6     C16    sing N N 284 
PXZ C7     C8     sing Y N 285 
PXZ C7     H7     sing N N 286 
PXZ C8     C9     doub Y N 287 
PXZ C8     H8     sing N N 288 
PXZ C9     "C0'"  sing N N 289 
PXZ C9     C14    sing Y N 290 
PXZ "C0'"  "O1'"  doub N N 291 
PXZ N10    C11    doub N N 292 
PXZ N10    C14    sing N N 293 
PXZ C11    C12    sing N N 294 
PXZ C13    C14    doub Y N 295 
PXZ C15    H151   sing N N 296 
PXZ C15    H152   sing N N 297 
PXZ C15    H153   sing N N 298 
PXZ C16    H161   sing N N 299 
PXZ C16    H162   sing N N 300 
PXZ C16    H163   sing N N 301 
PXZ "C0'"  "OXT'" sing N N 302 
PXZ C0     OXT    sing N N 303 
PXZ "OXT'" "HXT'" sing N N 304 
PXZ OXT    HXT    sing N N 305 
QUI N1     C2     doub Y N 306 
QUI N1     C9     sing Y N 307 
QUI C2     C3     sing Y N 308 
QUI C2     C      sing N N 309 
QUI C3     N4     doub Y N 310 
QUI C3     H3     sing N N 311 
QUI N4     C10    sing Y N 312 
QUI C5     C6     doub Y N 313 
QUI C5     C10    sing Y N 314 
QUI C5     H5     sing N N 315 
QUI C6     C7     sing Y N 316 
QUI C6     H6     sing N N 317 
QUI C7     C8     doub Y N 318 
QUI C7     H7     sing N N 319 
QUI C8     C9     sing Y N 320 
QUI C8     H8     sing N N 321 
QUI C9     C10    doub Y N 322 
QUI C      O1     doub N N 323 
QUI C      O2     sing N N 324 
QUI O2     HO2    sing N N 325 
SAR N      CA     sing N N 326 
SAR N      CN     sing N N 327 
SAR N      H      sing N N 328 
SAR CA     C      sing N N 329 
SAR CA     HA2    sing N N 330 
SAR CA     HA3    sing N N 331 
SAR C      O      doub N N 332 
SAR C      OXT    sing N N 333 
SAR CN     HN1    sing N N 334 
SAR CN     HN2    sing N N 335 
SAR CN     HN3    sing N N 336 
SAR OXT    HXT    sing N N 337 
THR N      CA     sing N N 338 
THR N      H      sing N N 339 
THR N      H2     sing N N 340 
THR CA     C      sing N N 341 
THR CA     CB     sing N N 342 
THR CA     HA     sing N N 343 
THR C      O      doub N N 344 
THR C      OXT    sing N N 345 
THR CB     OG1    sing N N 346 
THR CB     CG2    sing N N 347 
THR CB     HB     sing N N 348 
THR OG1    HG1    sing N N 349 
THR CG2    HG21   sing N N 350 
THR CG2    HG22   sing N N 351 
THR CG2    HG23   sing N N 352 
THR OXT    HXT    sing N N 353 
# 
_ndb_struct_conf_na.entry_id   7DQ8 
_ndb_struct_conf_na.feature    'double helix' 
# 
loop_
_ndb_struct_na_base_pair.model_number 
_ndb_struct_na_base_pair.i_label_asym_id 
_ndb_struct_na_base_pair.i_label_comp_id 
_ndb_struct_na_base_pair.i_label_seq_id 
_ndb_struct_na_base_pair.i_symmetry 
_ndb_struct_na_base_pair.j_label_asym_id 
_ndb_struct_na_base_pair.j_label_comp_id 
_ndb_struct_na_base_pair.j_label_seq_id 
_ndb_struct_na_base_pair.j_symmetry 
_ndb_struct_na_base_pair.shear 
_ndb_struct_na_base_pair.stretch 
_ndb_struct_na_base_pair.stagger 
_ndb_struct_na_base_pair.buckle 
_ndb_struct_na_base_pair.propeller 
_ndb_struct_na_base_pair.opening 
_ndb_struct_na_base_pair.pair_number 
_ndb_struct_na_base_pair.pair_name 
_ndb_struct_na_base_pair.i_auth_asym_id 
_ndb_struct_na_base_pair.i_auth_seq_id 
_ndb_struct_na_base_pair.i_PDB_ins_code 
_ndb_struct_na_base_pair.j_auth_asym_id 
_ndb_struct_na_base_pair.j_auth_seq_id 
_ndb_struct_na_base_pair.j_PDB_ins_code 
_ndb_struct_na_base_pair.hbond_type_28 
_ndb_struct_na_base_pair.hbond_type_12 
1 A DA 1 1_555 B DT 7 1_555 0.127  0.050  -0.029 -8.565  -3.159  1.677  1 A_DA1:DT7_B A 1 ? B 7 ? 20 1 
1 A DG 2 1_555 B DC 6 1_555 -0.153 0.037  0.353  5.229   9.239   2.274  2 A_DG2:DC6_B A 2 ? B 6 ? 19 1 
1 A DC 3 1_555 B DG 5 1_555 0.303  -0.123 1.031  -18.981 9.072   1.231  3 A_DC3:DG5_B A 3 ? B 5 ? 19 1 
1 A DT 4 1_555 B DC 4 1_555 -2.866 -1.766 0.240  10.152  0.788   13.838 4 A_DT4:DC4_B A 4 ? B 4 ? ?  ? 
1 A DC 5 1_555 B DG 3 1_555 0.228  0.015  0.506  -24.943 -11.542 -0.904 5 A_DC5:DG3_B A 5 ? B 3 ? 19 1 
1 A DG 6 1_555 B DC 2 1_555 -0.031 -0.038 0.601  18.974  2.916   -1.655 6 A_DG6:DC2_B A 6 ? B 2 ? 19 1 
1 A DT 7 1_555 B DA 1 1_555 -0.112 -0.067 0.249  -17.331 3.670   1.396  7 A_DT7:DA1_B A 7 ? B 1 ? 20 1 
# 
loop_
_ndb_struct_na_base_pair_step.model_number 
_ndb_struct_na_base_pair_step.i_label_asym_id_1 
_ndb_struct_na_base_pair_step.i_label_comp_id_1 
_ndb_struct_na_base_pair_step.i_label_seq_id_1 
_ndb_struct_na_base_pair_step.i_symmetry_1 
_ndb_struct_na_base_pair_step.j_label_asym_id_1 
_ndb_struct_na_base_pair_step.j_label_comp_id_1 
_ndb_struct_na_base_pair_step.j_label_seq_id_1 
_ndb_struct_na_base_pair_step.j_symmetry_1 
_ndb_struct_na_base_pair_step.i_label_asym_id_2 
_ndb_struct_na_base_pair_step.i_label_comp_id_2 
_ndb_struct_na_base_pair_step.i_label_seq_id_2 
_ndb_struct_na_base_pair_step.i_symmetry_2 
_ndb_struct_na_base_pair_step.j_label_asym_id_2 
_ndb_struct_na_base_pair_step.j_label_comp_id_2 
_ndb_struct_na_base_pair_step.j_label_seq_id_2 
_ndb_struct_na_base_pair_step.j_symmetry_2 
_ndb_struct_na_base_pair_step.shift 
_ndb_struct_na_base_pair_step.slide 
_ndb_struct_na_base_pair_step.rise 
_ndb_struct_na_base_pair_step.tilt 
_ndb_struct_na_base_pair_step.roll 
_ndb_struct_na_base_pair_step.twist 
_ndb_struct_na_base_pair_step.x_displacement 
_ndb_struct_na_base_pair_step.y_displacement 
_ndb_struct_na_base_pair_step.helical_rise 
_ndb_struct_na_base_pair_step.inclination 
_ndb_struct_na_base_pair_step.tip 
_ndb_struct_na_base_pair_step.helical_twist 
_ndb_struct_na_base_pair_step.step_number 
_ndb_struct_na_base_pair_step.step_name 
_ndb_struct_na_base_pair_step.i_auth_asym_id_1 
_ndb_struct_na_base_pair_step.i_auth_seq_id_1 
_ndb_struct_na_base_pair_step.i_PDB_ins_code_1 
_ndb_struct_na_base_pair_step.j_auth_asym_id_1 
_ndb_struct_na_base_pair_step.j_auth_seq_id_1 
_ndb_struct_na_base_pair_step.j_PDB_ins_code_1 
_ndb_struct_na_base_pair_step.i_auth_asym_id_2 
_ndb_struct_na_base_pair_step.i_auth_seq_id_2 
_ndb_struct_na_base_pair_step.i_PDB_ins_code_2 
_ndb_struct_na_base_pair_step.j_auth_asym_id_2 
_ndb_struct_na_base_pair_step.j_auth_seq_id_2 
_ndb_struct_na_base_pair_step.j_PDB_ins_code_2 
1 A DA 1 1_555 B DT 7 1_555 A DG 2 1_555 B DC 6 1_555 -0.159 0.126 3.127 -1.390 8.850 26.128 -1.818  0.005 3.011 18.883  2.966   
27.596 1 AA_DA1DG2:DC6DT7_BB A 1 ? B 7 ? A 2 ? B 6 ? 
1 A DC 3 1_555 B DG 5 1_555 A DT 4 1_555 B DC 4 1_555 0.200  1.097 2.775 6.125  8.578 6.490  -5.634  6.731 2.316 47.579  -33.973 
12.374 2 AA_DC3DT4:DC4DG5_BB A 3 ? B 5 ? A 4 ? B 4 ? 
1 A DC 5 1_555 B DG 3 1_555 A DG 6 1_555 B DC 2 1_555 1.161  1.144 2.520 -2.114 3.097 -5.316 -20.266 3.282 1.893 -29.087 -19.857 
-6.504 3 AA_DC5DG6:DC2DG3_BB A 5 ? B 3 ? A 6 ? B 2 ? 
# 
_pdbx_initial_refinement_model.id               1 
_pdbx_initial_refinement_model.entity_id_list   ? 
_pdbx_initial_refinement_model.type             'experimental model' 
_pdbx_initial_refinement_model.source_name      PDB 
_pdbx_initial_refinement_model.accession_code   7DQ0 
_pdbx_initial_refinement_model.details          ? 
# 
_atom_sites.entry_id                    7DQ8 
_atom_sites.fract_transf_matrix[1][1]   0.00089492 
_atom_sites.fract_transf_matrix[1][2]   0.00398462 
_atom_sites.fract_transf_matrix[1][3]   -0.03337809 
_atom_sites.fract_transf_matrix[2][1]   0.02621657 
_atom_sites.fract_transf_matrix[2][2]   0.02081596 
_atom_sites.fract_transf_matrix[2][3]   0.00318788 
_atom_sites.fract_transf_matrix[3][1]   0.00453616 
_atom_sites.fract_transf_matrix[3][2]   -0.00562876 
_atom_sites.fract_transf_matrix[3][3]   -0.00055033 
_atom_sites.fract_transf_vector[1]      0.540255 
_atom_sites.fract_transf_vector[2]      0.061115 
_atom_sites.fract_transf_vector[3]      0.044113 
# 
loop_
_atom_type.symbol 
C  
MG 
N  
O  
P  
S  
# 
loop_
_atom_site.group_PDB 
_atom_site.id 
_atom_site.type_symbol 
_atom_site.label_atom_id 
_atom_site.label_alt_id 
_atom_site.label_comp_id 
_atom_site.label_asym_id 
_atom_site.label_entity_id 
_atom_site.label_seq_id 
_atom_site.pdbx_PDB_ins_code 
_atom_site.Cartn_x 
_atom_site.Cartn_y 
_atom_site.Cartn_z 
_atom_site.occupancy 
_atom_site.B_iso_or_equiv 
_atom_site.pdbx_formal_charge 
_atom_site.auth_seq_id 
_atom_site.auth_comp_id 
_atom_site.auth_asym_id 
_atom_site.auth_atom_id 
_atom_site.pdbx_PDB_model_num 
ATOM   1   P  P     . DA  A 1 1  ? 10.635  -10.044 13.121 1.00 115.78 ? 1   DA  A P     1 
ATOM   2   O  OP1   . DA  A 1 1  ? 9.637   -11.116 13.266 1.00 119.85 ? 1   DA  A OP1   1 
ATOM   3   O  OP2   . DA  A 1 1  ? 11.566  -9.783  14.232 1.00 108.67 ? 1   DA  A OP2   1 
ATOM   4   O  "O5'" . DA  A 1 1  ? 11.417  -10.172 11.730 1.00 97.47  ? 1   DA  A "O5'" 1 
ATOM   5   C  "C5'" . DA  A 1 1  ? 10.719  -10.551 10.538 1.00 70.39  ? 1   DA  A "C5'" 1 
ATOM   6   C  "C4'" . DA  A 1 1  ? 11.492  -10.232 9.279  1.00 63.35  ? 1   DA  A "C4'" 1 
ATOM   7   O  "O4'" . DA  A 1 1  ? 10.858  -11.008 8.252  1.00 61.75  ? 1   DA  A "O4'" 1 
ATOM   8   C  "C3'" . DA  A 1 1  ? 11.373  -8.803  8.771  1.00 65.93  ? 1   DA  A "C3'" 1 
ATOM   9   O  "O3'" . DA  A 1 1  ? 12.258  -8.542  7.677  1.00 68.27  ? 1   DA  A "O3'" 1 
ATOM   10  C  "C2'" . DA  A 1 1  ? 9.983   -8.816  8.174  1.00 59.09  ? 1   DA  A "C2'" 1 
ATOM   11  C  "C1'" . DA  A 1 1  ? 9.900   -10.212 7.575  1.00 54.14  ? 1   DA  A "C1'" 1 
ATOM   12  N  N9    . DA  A 1 1  ? 8.600   -10.877 7.677  1.00 52.41  ? 1   DA  A N9    1 
ATOM   13  C  C8    . DA  A 1 1  ? 7.823   -11.116 8.780  1.00 51.57  ? 1   DA  A C8    1 
ATOM   14  N  N7    . DA  A 1 1  ? 6.703   -11.737 8.514  1.00 38.45  ? 1   DA  A N7    1 
ATOM   15  C  C5    . DA  A 1 1  ? 6.729   -11.886 7.137  1.00 44.18  ? 1   DA  A C5    1 
ATOM   16  C  C6    . DA  A 1 1  ? 5.833   -12.469 6.233  1.00 39.00  ? 1   DA  A C6    1 
ATOM   17  N  N6    . DA  A 1 1  ? 4.682   -13.029 6.590  1.00 43.32  ? 1   DA  A N6    1 
ATOM   18  N  N1    . DA  A 1 1  ? 6.169   -12.468 4.930  1.00 43.92  ? 1   DA  A N1    1 
ATOM   19  C  C2    . DA  A 1 1  ? 7.325   -11.912 4.569  1.00 40.36  ? 1   DA  A C2    1 
ATOM   20  N  N3    . DA  A 1 1  ? 8.248   -11.336 5.321  1.00 41.52  ? 1   DA  A N3    1 
ATOM   21  C  C4    . DA  A 1 1  ? 7.894   -11.371 6.612  1.00 45.02  ? 1   DA  A C4    1 
ATOM   22  P  P     . DG  A 1 2  ? 12.968  -7.138  7.525  1.00 65.44  ? 2   DG  A P     1 
ATOM   23  O  OP1   . DG  A 1 2  ? 14.411  -7.373  7.368  1.00 83.13  ? 2   DG  A OP1   1 
ATOM   24  O  OP2   . DG  A 1 2  ? 12.407  -6.252  8.578  1.00 77.57  ? 2   DG  A OP2   1 
ATOM   25  O  "O5'" . DG  A 1 2  ? 12.510  -6.625  6.093  1.00 71.49  ? 2   DG  A "O5'" 1 
ATOM   26  C  "C5'" . DG  A 1 2  ? 11.514  -7.360  5.386  1.00 69.01  ? 2   DG  A "C5'" 1 
ATOM   27  C  "C4'" . DG  A 1 2  ? 10.708  -6.455  4.465  1.00 57.84  ? 2   DG  A "C4'" 1 
ATOM   28  O  "O4'" . DG  A 1 2  ? 9.398   -7.021  4.215  1.00 47.13  ? 2   DG  A "O4'" 1 
ATOM   29  C  "C3'" . DG  A 1 2  ? 10.497  -5.042  4.935  1.00 58.44  ? 2   DG  A "C3'" 1 
ATOM   30  O  "O3'" . DG  A 1 2  ? 10.802  -4.218  3.821  1.00 66.34  ? 2   DG  A "O3'" 1 
ATOM   31  C  "C2'" . DG  A 1 2  ? 8.997   -4.989  5.344  1.00 54.57  ? 2   DG  A "C2'" 1 
ATOM   32  C  "C1'" . DG  A 1 2  ? 8.376   -6.151  4.540  1.00 50.96  ? 2   DG  A "C1'" 1 
ATOM   33  N  N9    . DG  A 1 2  ? 7.408   -6.958  5.248  1.00 47.69  ? 2   DG  A N9    1 
ATOM   34  C  C8    . DG  A 1 2  ? 7.304   -7.143  6.601  1.00 38.92  ? 2   DG  A C8    1 
ATOM   35  N  N7    . DG  A 1 2  ? 6.319   -7.938  6.945  1.00 39.97  ? 2   DG  A N7    1 
ATOM   36  C  C5    . DG  A 1 2  ? 5.786   -8.364  5.730  1.00 45.96  ? 2   DG  A C5    1 
ATOM   37  C  C6    . DG  A 1 2  ? 4.720   -9.252  5.464  1.00 40.69  ? 2   DG  A C6    1 
ATOM   38  O  O6    . DG  A 1 2  ? 4.017   -9.879  6.268  1.00 40.29  ? 2   DG  A O6    1 
ATOM   39  N  N1    . DG  A 1 2  ? 4.487   -9.380  4.118  1.00 44.02  ? 2   DG  A N1    1 
ATOM   40  C  C2    . DG  A 1 2  ? 5.202   -8.741  3.129  1.00 43.73  ? 2   DG  A C2    1 
ATOM   41  N  N2    . DG  A 1 2  ? 4.830   -9.006  1.857  1.00 39.85  ? 2   DG  A N2    1 
ATOM   42  N  N3    . DG  A 1 2  ? 6.212   -7.913  3.366  1.00 44.49  ? 2   DG  A N3    1 
ATOM   43  C  C4    . DG  A 1 2  ? 6.441   -7.769  4.680  1.00 49.64  ? 2   DG  A C4    1 
ATOM   44  P  P     . DC  A 1 3  ? 11.120  -2.691  3.944  1.00 57.01  ? 3   DC  A P     1 
ATOM   45  O  OP1   . DC  A 1 3  ? 11.686  -2.276  2.679  1.00 57.71  ? 3   DC  A OP1   1 
ATOM   46  O  OP2   . DC  A 1 3  ? 11.858  -2.446  5.168  1.00 59.70  ? 3   DC  A OP2   1 
ATOM   47  O  "O5'" . DC  A 1 3  ? 9.688   -2.029  4.068  1.00 56.18  ? 3   DC  A "O5'" 1 
ATOM   48  C  "C5'" . DC  A 1 3  ? 9.527   -0.638  4.381  1.00 46.79  ? 3   DC  A "C5'" 1 
ATOM   49  C  "C4'" . DC  A 1 3  ? 8.321   -0.075  3.668  1.00 45.45  ? 3   DC  A "C4'" 1 
ATOM   50  O  "O4'" . DC  A 1 3  ? 7.171   -0.845  4.038  1.00 36.14  ? 3   DC  A "O4'" 1 
ATOM   51  C  "C3'" . DC  A 1 3  ? 7.974   1.371   4.018  1.00 38.67  ? 3   DC  A "C3'" 1 
ATOM   52  O  "O3'" . DC  A 1 3  ? 8.610   2.259   3.081  1.00 50.06  ? 3   DC  A "O3'" 1 
ATOM   53  C  "C2'" . DC  A 1 3  ? 6.453   1.387   4.022  1.00 35.40  ? 3   DC  A "C2'" 1 
ATOM   54  C  "C1'" . DC  A 1 3  ? 6.017   -0.067  3.876  1.00 35.59  ? 3   DC  A "C1'" 1 
ATOM   55  N  N1    . DC  A 1 3  ? 5.021   -0.558  4.838  1.00 34.55  ? 3   DC  A N1    1 
ATOM   56  C  C2    . DC  A 1 3  ? 3.790   -1.009  4.370  1.00 43.74  ? 3   DC  A C2    1 
ATOM   57  O  O2    . DC  A 1 3  ? 3.551   -0.943  3.163  1.00 43.16  ? 3   DC  A O2    1 
ATOM   58  N  N3    . DC  A 1 3  ? 2.884   -1.487  5.246  1.00 39.04  ? 3   DC  A N3    1 
ATOM   59  C  C4    . DC  A 1 3  ? 3.177   -1.539  6.542  1.00 39.06  ? 3   DC  A C4    1 
ATOM   60  N  N4    . DC  A 1 3  ? 2.263   -2.034  7.366  1.00 43.83  ? 3   DC  A N4    1 
ATOM   61  C  C5    . DC  A 1 3  ? 4.432   -1.103  7.047  1.00 39.79  ? 3   DC  A C5    1 
ATOM   62  C  C6    . DC  A 1 3  ? 5.316   -0.625  6.168  1.00 34.29  ? 3   DC  A C6    1 
ATOM   63  P  P     . DT  A 1 4  ? 8.527   3.826   3.354  1.00 50.71  ? 4   DT  A P     1 
ATOM   64  O  OP1   . DT  A 1 4  ? 9.689   4.438   2.780  1.00 54.05  ? 4   DT  A OP1   1 
ATOM   65  O  OP2   . DT  A 1 4  ? 8.094   4.143   4.775  1.00 54.91  ? 4   DT  A OP2   1 
ATOM   66  O  "O5'" . DT  A 1 4  ? 7.278   4.296   2.505  1.00 54.43  ? 4   DT  A "O5'" 1 
ATOM   67  C  "C5'" . DT  A 1 4  ? 6.910   3.697   1.265  1.00 50.76  ? 4   DT  A "C5'" 1 
ATOM   68  C  "C4'" . DT  A 1 4  ? 5.505   4.095   0.883  1.00 45.94  ? 4   DT  A "C4'" 1 
ATOM   69  O  "O4'" . DT  A 1 4  ? 4.577   3.171   1.465  1.00 37.34  ? 4   DT  A "O4'" 1 
ATOM   70  C  "C3'" . DT  A 1 4  ? 5.058   5.492   1.314  1.00 47.58  ? 4   DT  A "C3'" 1 
ATOM   71  O  "O3'" . DT  A 1 4  ? 4.902   6.222   0.102  1.00 68.32  ? 4   DT  A "O3'" 1 
ATOM   72  C  "C2'" . DT  A 1 4  ? 3.713   5.274   1.988  1.00 37.50  ? 4   DT  A "C2'" 1 
ATOM   73  C  "C1'" . DT  A 1 4  ? 3.369   3.813   1.754  1.00 49.15  ? 4   DT  A "C1'" 1 
ATOM   74  N  N1    . DT  A 1 4  ? 2.788   3.129   2.908  1.00 43.43  ? 4   DT  A N1    1 
ATOM   75  C  C2    . DT  A 1 4  ? 1.791   2.209   2.703  1.00 43.01  ? 4   DT  A C2    1 
ATOM   76  O  O2    . DT  A 1 4  ? 1.321   1.967   1.612  1.00 50.21  ? 4   DT  A O2    1 
ATOM   77  N  N3    . DT  A 1 4  ? 1.341   1.598   3.839  1.00 33.48  ? 4   DT  A N3    1 
ATOM   78  C  C4    . DT  A 1 4  ? 1.792   1.792   5.122  1.00 43.91  ? 4   DT  A C4    1 
ATOM   79  O  O4    . DT  A 1 4  ? 1.286   1.175   6.040  1.00 44.04  ? 4   DT  A O4    1 
ATOM   80  C  C5    . DT  A 1 4  ? 2.860   2.745   5.260  1.00 44.14  ? 4   DT  A C5    1 
ATOM   81  C  C7    . DT  A 1 4  ? 3.408   3.027   6.622  1.00 33.60  ? 4   DT  A C7    1 
ATOM   82  C  C6    . DT  A 1 4  ? 3.295   3.362   4.161  1.00 38.65  ? 4   DT  A C6    1 
ATOM   83  P  P     . DC  A 1 5  ? 4.947   7.787   0.035  1.00 71.46  ? 5   DC  A P     1 
ATOM   84  O  OP1   . DC  A 1 5  ? 4.977   8.153   -1.372 1.00 74.46  ? 5   DC  A OP1   1 
ATOM   85  O  OP2   . DC  A 1 5  ? 5.969   8.284   0.949  1.00 70.68  ? 5   DC  A OP2   1 
ATOM   86  O  "O5'" . DC  A 1 5  ? 3.536   8.203   0.611  1.00 59.75  ? 5   DC  A "O5'" 1 
ATOM   87  C  "C5'" . DC  A 1 5  ? 3.142   9.563   0.630  1.00 51.58  ? 5   DC  A "C5'" 1 
ATOM   88  C  "C4'" . DC  A 1 5  ? 1.719   9.659   0.148  1.00 48.17  ? 5   DC  A "C4'" 1 
ATOM   89  O  "O4'" . DC  A 1 5  ? 0.901   8.893   1.047  1.00 46.44  ? 5   DC  A "O4'" 1 
ATOM   90  C  "C3'" . DC  A 1 5  ? 1.138   11.063  0.158  1.00 55.04  ? 5   DC  A "C3'" 1 
ATOM   91  O  "O3'" . DC  A 1 5  ? 1.342   11.675  -1.124 1.00 70.19  ? 5   DC  A "O3'" 1 
ATOM   92  C  "C2'" . DC  A 1 5  ? -0.326  10.801  0.446  1.00 45.37  ? 5   DC  A "C2'" 1 
ATOM   93  C  "C1'" . DC  A 1 5  ? -0.311  9.554   1.308  1.00 45.46  ? 5   DC  A "C1'" 1 
ATOM   94  N  N1    . DC  A 1 5  ? -0.399  9.782   2.756  1.00 47.30  ? 5   DC  A N1    1 
ATOM   95  C  C2    . DC  A 1 5  ? -1.234  8.966   3.513  1.00 44.11  ? 5   DC  A C2    1 
ATOM   96  O  O2    . DC  A 1 5  ? -1.854  8.065   2.950  1.00 39.87  ? 5   DC  A O2    1 
ATOM   97  N  N3    . DC  A 1 5  ? -1.332  9.173   4.840  1.00 34.28  ? 5   DC  A N3    1 
ATOM   98  C  C4    . DC  A 1 5  ? -0.625  10.141  5.416  1.00 37.22  ? 5   DC  A C4    1 
ATOM   99  N  N4    . DC  A 1 5  ? -0.758  10.310  6.728  1.00 29.05  ? 5   DC  A N4    1 
ATOM   100 C  C5    . DC  A 1 5  ? 0.215   11.007  4.666  1.00 35.20  ? 5   DC  A C5    1 
ATOM   101 C  C6    . DC  A 1 5  ? 0.305   10.788  3.350  1.00 41.42  ? 5   DC  A C6    1 
ATOM   102 P  P     . DG  A 1 6  ? 1.541   13.222  -1.244 1.00 64.26  ? 6   DG  A P     1 
ATOM   103 O  OP1   . DG  A 1 6  ? 2.023   13.499  -2.582 1.00 72.96  ? 6   DG  A OP1   1 
ATOM   104 O  OP2   . DG  A 1 6  ? 2.258   13.709  -0.077 1.00 73.22  ? 6   DG  A OP2   1 
ATOM   105 O  "O5'" . DG  A 1 6  ? 0.061   13.763  -1.273 1.00 69.80  ? 6   DG  A "O5'" 1 
ATOM   106 C  "C5'" . DG  A 1 6  ? -0.471  14.507  -0.194 1.00 58.59  ? 6   DG  A "C5'" 1 
ATOM   107 C  "C4'" . DG  A 1 6  ? -1.924  14.141  -0.053 1.00 49.97  ? 6   DG  A "C4'" 1 
ATOM   108 O  "O4'" . DG  A 1 6  ? -2.080  13.437  1.197  1.00 51.58  ? 6   DG  A "O4'" 1 
ATOM   109 C  "C3'" . DG  A 1 6  ? -2.880  15.337  -0.024 1.00 56.29  ? 6   DG  A "C3'" 1 
ATOM   110 O  "O3'" . DG  A 1 6  ? -3.975  15.113  -0.923 1.00 74.12  ? 6   DG  A "O3'" 1 
ATOM   111 C  "C2'" . DG  A 1 6  ? -3.295  15.424  1.435  1.00 38.61  ? 6   DG  A "C2'" 1 
ATOM   112 C  "C1'" . DG  A 1 6  ? -3.116  14.010  1.955  1.00 40.74  ? 6   DG  A "C1'" 1 
ATOM   113 N  N9    . DG  A 1 6  ? -2.792  13.862  3.375  1.00 40.13  ? 6   DG  A N9    1 
ATOM   114 C  C8    . DG  A 1 6  ? -2.092  14.715  4.196  1.00 44.82  ? 6   DG  A C8    1 
ATOM   115 N  N7    . DG  A 1 6  ? -2.006  14.287  5.426  1.00 29.48  ? 6   DG  A N7    1 
ATOM   116 C  C5    . DG  A 1 6  ? -2.738  13.108  5.424  1.00 42.14  ? 6   DG  A C5    1 
ATOM   117 C  C6    . DG  A 1 6  ? -3.027  12.207  6.472  1.00 39.92  ? 6   DG  A C6    1 
ATOM   118 O  O6    . DG  A 1 6  ? -2.713  12.282  7.656  1.00 49.15  ? 6   DG  A O6    1 
ATOM   119 N  N1    . DG  A 1 6  ? -3.781  11.133  6.027  1.00 36.68  ? 6   DG  A N1    1 
ATOM   120 C  C2    . DG  A 1 6  ? -4.194  10.939  4.739  1.00 41.71  ? 6   DG  A C2    1 
ATOM   121 N  N2    . DG  A 1 6  ? -4.893  9.827   4.507  1.00 33.33  ? 6   DG  A N2    1 
ATOM   122 N  N3    . DG  A 1 6  ? -3.926  11.765  3.751  1.00 35.98  ? 6   DG  A N3    1 
ATOM   123 C  C4    . DG  A 1 6  ? -3.214  12.829  4.164  1.00 42.64  ? 6   DG  A C4    1 
ATOM   124 P  P     . DT  A 1 7  ? -4.271  16.105  -2.151 1.00 72.90  ? 7   DT  A P     1 
ATOM   125 O  OP1   . DT  A 1 7  ? -3.494  15.664  -3.299 1.00 76.73  ? 7   DT  A OP1   1 
ATOM   126 O  OP2   . DT  A 1 7  ? -4.157  17.487  -1.686 1.00 62.36  ? 7   DT  A OP2   1 
ATOM   127 O  "O5'" . DT  A 1 7  ? -5.773  15.765  -2.516 1.00 74.43  ? 7   DT  A "O5'" 1 
ATOM   128 C  "C5'" . DT  A 1 7  ? -6.205  14.405  -2.577 1.00 84.27  ? 7   DT  A "C5'" 1 
ATOM   129 C  "C4'" . DT  A 1 7  ? -7.662  14.291  -2.194 1.00 80.83  ? 7   DT  A "C4'" 1 
ATOM   130 O  "O4'" . DT  A 1 7  ? -7.795  14.329  -0.755 1.00 73.02  ? 7   DT  A "O4'" 1 
ATOM   131 C  "C3'" . DT  A 1 7  ? -8.555  15.402  -2.730 1.00 76.11  ? 7   DT  A "C3'" 1 
ATOM   132 O  "O3'" . DT  A 1 7  ? -9.805  14.850  -3.128 1.00 86.92  ? 7   DT  A "O3'" 1 
ATOM   133 C  "C2'" . DT  A 1 7  ? -8.740  16.302  -1.529 1.00 66.16  ? 7   DT  A "C2'" 1 
ATOM   134 C  "C1'" . DT  A 1 7  ? -8.711  15.320  -0.381 1.00 49.66  ? 7   DT  A "C1'" 1 
ATOM   135 N  N1    . DT  A 1 7  ? -8.244  15.911  0.866  1.00 38.27  ? 7   DT  A N1    1 
ATOM   136 C  C2    . DT  A 1 7  ? -8.882  15.557  2.024  1.00 32.15  ? 7   DT  A C2    1 
ATOM   137 O  O2    . DT  A 1 7  ? -9.797  14.762  2.060  1.00 49.53  ? 7   DT  A O2    1 
ATOM   138 N  N3    . DT  A 1 7  ? -8.394  16.156  3.149  1.00 32.04  ? 7   DT  A N3    1 
ATOM   139 C  C4    . DT  A 1 7  ? -7.383  17.084  3.226  1.00 36.71  ? 7   DT  A C4    1 
ATOM   140 O  O4    . DT  A 1 7  ? -7.069  17.550  4.308  1.00 39.69  ? 7   DT  A O4    1 
ATOM   141 C  C5    . DT  A 1 7  ? -6.755  17.412  1.973  1.00 43.17  ? 7   DT  A C5    1 
ATOM   142 C  C7    . DT  A 1 7  ? -5.628  18.394  1.963  1.00 36.27  ? 7   DT  A C7    1 
ATOM   143 C  C6    . DT  A 1 7  ? -7.215  16.822  0.867  1.00 40.75  ? 7   DT  A C6    1 
ATOM   144 P  P     . DA  B 2 1  ? -10.833 13.026  13.502 1.00 123.66 ? 1   DA  B P     1 
ATOM   145 O  OP1   . DA  B 2 1  ? -9.499  13.648  13.351 1.00 112.28 ? 1   DA  B OP1   1 
ATOM   146 O  OP2   . DA  B 2 1  ? -11.672 13.368  14.665 1.00 124.43 ? 1   DA  B OP2   1 
ATOM   147 O  "O5'" . DA  B 2 1  ? -11.704 13.186  12.177 1.00 115.39 ? 1   DA  B "O5'" 1 
ATOM   148 C  "C5'" . DA  B 2 1  ? -12.979 12.543  12.036 1.00 88.64  ? 1   DA  B "C5'" 1 
ATOM   149 C  "C4'" . DA  B 2 1  ? -13.050 11.772  10.740 1.00 75.29  ? 1   DA  B "C4'" 1 
ATOM   150 O  "O4'" . DA  B 2 1  ? -12.532 12.579  9.663  1.00 67.34  ? 1   DA  B "O4'" 1 
ATOM   151 C  "C3'" . DA  B 2 1  ? -12.230 10.493  10.712 1.00 64.88  ? 1   DA  B "C3'" 1 
ATOM   152 O  "O3'" . DA  B 2 1  ? -12.891 9.538   9.880  1.00 74.26  ? 1   DA  B "O3'" 1 
ATOM   153 C  "C2'" . DA  B 2 1  ? -10.904 10.967  10.154 1.00 55.41  ? 1   DA  B "C2'" 1 
ATOM   154 C  "C1'" . DA  B 2 1  ? -11.335 12.022  9.154  1.00 54.99  ? 1   DA  B "C1'" 1 
ATOM   155 N  N9    . DA  B 2 1  ? -10.410 13.125  8.918  1.00 50.01  ? 1   DA  B N9    1 
ATOM   156 C  C8    . DA  B 2 1  ? -9.718  13.869  9.835  1.00 44.83  ? 1   DA  B C8    1 
ATOM   157 N  N7    . DA  B 2 1  ? -9.034  14.853  9.309  1.00 38.45  ? 1   DA  B N7    1 
ATOM   158 C  C5    . DA  B 2 1  ? -9.311  14.762  7.954  1.00 45.47  ? 1   DA  B C5    1 
ATOM   159 C  C6    . DA  B 2 1  ? -8.885  15.512  6.852  1.00 50.12  ? 1   DA  B C6    1 
ATOM   160 N  N6    . DA  B 2 1  ? -8.059  16.550  6.939  1.00 35.70  ? 1   DA  B N6    1 
ATOM   161 N  N1    . DA  B 2 1  ? -9.346  15.157  5.639  1.00 57.43  ? 1   DA  B N1    1 
ATOM   162 C  C2    . DA  B 2 1  ? -10.184 14.125  5.552  1.00 53.43  ? 1   DA  B C2    1 
ATOM   163 N  N3    . DA  B 2 1  ? -10.654 13.343  6.509  1.00 42.36  ? 1   DA  B N3    1 
ATOM   164 C  C4    . DA  B 2 1  ? -10.171 13.715  7.703  1.00 50.34  ? 1   DA  B C4    1 
ATOM   165 P  P     . DC  B 2 2  ? -12.610 7.991   10.106 1.00 70.80  ? 2   DC  B P     1 
ATOM   166 O  OP1   . DC  B 2 2  ? -13.422 7.230   9.169  1.00 53.86  ? 2   DC  B OP1   1 
ATOM   167 O  OP2   . DC  B 2 2  ? -12.674 7.704   11.527 1.00 63.15  ? 2   DC  B OP2   1 
ATOM   168 O  "O5'" . DC  B 2 2  ? -11.085 7.869   9.682  1.00 74.41  ? 2   DC  B "O5'" 1 
ATOM   169 C  "C5'" . DC  B 2 2  ? -10.145 7.041   10.387 1.00 56.40  ? 2   DC  B "C5'" 1 
ATOM   170 C  "C4'" . DC  B 2 2  ? -9.340  6.231   9.399  1.00 59.26  ? 2   DC  B "C4'" 1 
ATOM   171 O  "O4'" . DC  B 2 2  ? -8.539  7.103   8.580  1.00 55.87  ? 2   DC  B "O4'" 1 
ATOM   172 C  "C3'" . DC  B 2 2  ? -8.370  5.247   10.031 1.00 60.24  ? 2   DC  B "C3'" 1 
ATOM   173 O  "O3'" . DC  B 2 2  ? -8.997  3.975   9.981  1.00 75.09  ? 2   DC  B "O3'" 1 
ATOM   174 C  "C2'" . DC  B 2 2  ? -7.208  5.218   9.062  1.00 45.46  ? 2   DC  B "C2'" 1 
ATOM   175 C  "C1'" . DC  B 2 2  ? -7.287  6.525   8.294  1.00 48.86  ? 2   DC  B "C1'" 1 
ATOM   176 N  N1    . DC  B 2 2  ? -6.266  7.500   8.670  1.00 46.70  ? 2   DC  B N1    1 
ATOM   177 C  C2    . DC  B 2 2  ? -5.562  8.176   7.680  1.00 39.74  ? 2   DC  B C2    1 
ATOM   178 O  O2    . DC  B 2 2  ? -5.780  7.901   6.500  1.00 40.58  ? 2   DC  B O2    1 
ATOM   179 N  N3    . DC  B 2 2  ? -4.673  9.123   8.034  1.00 37.58  ? 2   DC  B N3    1 
ATOM   180 C  C4    . DC  B 2 2  ? -4.458  9.382   9.320  1.00 30.93  ? 2   DC  B C4    1 
ATOM   181 N  N4    . DC  B 2 2  ? -3.556  10.302  9.626  1.00 33.48  ? 2   DC  B N4    1 
ATOM   182 C  C5    . DC  B 2 2  ? -5.162  8.709   10.350 1.00 35.10  ? 2   DC  B C5    1 
ATOM   183 C  C6    . DC  B 2 2  ? -6.064  7.799   9.984  1.00 39.07  ? 2   DC  B C6    1 
ATOM   184 P  P     . DG  B 2 3  ? -8.861  2.992   11.145 1.00 66.87  ? 3   DG  B P     1 
ATOM   185 O  OP1   . DG  B 2 3  ? -10.194 2.617   11.552 1.00 73.58  ? 3   DG  B OP1   1 
ATOM   186 O  OP2   . DG  B 2 3  ? -7.933  3.547   12.112 1.00 78.60  ? 3   DG  B OP2   1 
ATOM   187 O  "O5'" . DG  B 2 3  ? -8.170  1.745   10.472 1.00 67.70  ? 3   DG  B "O5'" 1 
ATOM   188 C  "C5'" . DG  B 2 3  ? -6.758  1.615   10.425 1.00 50.08  ? 3   DG  B "C5'" 1 
ATOM   189 C  "C4'" . DG  B 2 3  ? -6.355  1.504   8.978  1.00 47.02  ? 3   DG  B "C4'" 1 
ATOM   190 O  "O4'" . DG  B 2 3  ? -5.776  2.752   8.576  1.00 45.60  ? 3   DG  B "O4'" 1 
ATOM   191 C  "C3'" . DG  B 2 3  ? -5.322  0.436   8.657  1.00 44.62  ? 3   DG  B "C3'" 1 
ATOM   192 O  "O3'" . DG  B 2 3  ? -5.599  -0.038  7.343  1.00 60.20  ? 3   DG  B "O3'" 1 
ATOM   193 C  "C2'" . DG  B 2 3  ? -4.030  1.228   8.639  1.00 53.96  ? 3   DG  B "C2'" 1 
ATOM   194 C  "C1'" . DG  B 2 3  ? -4.488  2.554   8.069  1.00 48.39  ? 3   DG  B "C1'" 1 
ATOM   195 N  N9    . DG  B 2 3  ? -3.704  3.738   8.404  1.00 38.48  ? 3   DG  B N9    1 
ATOM   196 C  C8    . DG  B 2 3  ? -3.148  4.064   9.613  1.00 37.24  ? 3   DG  B C8    1 
ATOM   197 N  N7    . DG  B 2 3  ? -2.512  5.201   9.594  1.00 28.74  ? 3   DG  B N7    1 
ATOM   198 C  C5    . DG  B 2 3  ? -2.713  5.681   8.309  1.00 39.72  ? 3   DG  B C5    1 
ATOM   199 C  C6    . DG  B 2 3  ? -2.263  6.871   7.692  1.00 29.55  ? 3   DG  B C6    1 
ATOM   200 O  O6    . DG  B 2 3  ? -1.606  7.785   8.176  1.00 30.70  ? 3   DG  B O6    1 
ATOM   201 N  N1    . DG  B 2 3  ? -2.668  6.944   6.370  1.00 38.45  ? 3   DG  B N1    1 
ATOM   202 C  C2    . DG  B 2 3  ? -3.388  5.988   5.714  1.00 43.75  ? 3   DG  B C2    1 
ATOM   203 N  N2    . DG  B 2 3  ? -3.686  6.249   4.444  1.00 34.22  ? 3   DG  B N2    1 
ATOM   204 N  N3    . DG  B 2 3  ? -3.828  4.882   6.277  1.00 41.40  ? 3   DG  B N3    1 
ATOM   205 C  C4    . DG  B 2 3  ? -3.437  4.782   7.561  1.00 38.60  ? 3   DG  B C4    1 
ATOM   206 P  P     . DC  B 2 4  ? -6.508  -1.303  7.088  1.00 57.24  ? 4   DC  B P     1 
ATOM   207 O  OP1   . DC  B 2 4  ? -7.879  -0.868  6.916  1.00 64.18  ? 4   DC  B OP1   1 
ATOM   208 O  OP2   . DC  B 2 4  ? -6.179  -2.315  8.063  1.00 64.58  ? 4   DC  B OP2   1 
ATOM   209 O  "O5'" . DC  B 2 4  ? -6.075  -1.780  5.651  1.00 60.36  ? 4   DC  B "O5'" 1 
ATOM   210 C  "C5'" . DC  B 2 4  ? -6.318  -0.958  4.515  1.00 53.42  ? 4   DC  B "C5'" 1 
ATOM   211 C  "C4'" . DC  B 2 4  ? -5.491  -1.445  3.352  1.00 63.54  ? 4   DC  B "C4'" 1 
ATOM   212 O  "O4'" . DC  B 2 4  ? -4.190  -0.832  3.430  1.00 68.16  ? 4   DC  B "O4'" 1 
ATOM   213 C  "C3'" . DC  B 2 4  ? -5.261  -2.950  3.356  1.00 69.50  ? 4   DC  B "C3'" 1 
ATOM   214 O  "O3'" . DC  B 2 4  ? -6.212  -3.679  2.557  1.00 85.15  ? 4   DC  B "O3'" 1 
ATOM   215 C  "C2'" . DC  B 2 4  ? -3.782  -3.107  3.044  1.00 69.96  ? 4   DC  B "C2'" 1 
ATOM   216 C  "C1'" . DC  B 2 4  ? -3.156  -1.793  3.473  1.00 64.11  ? 4   DC  B "C1'" 1 
ATOM   217 N  N1    . DC  B 2 4  ? -2.533  -1.710  4.803  1.00 49.93  ? 4   DC  B N1    1 
ATOM   218 C  C2    . DC  B 2 4  ? -1.366  -0.963  4.948  1.00 44.38  ? 4   DC  B C2    1 
ATOM   219 O  O2    . DC  B 2 4  ? -0.849  -0.464  3.950  1.00 35.38  ? 4   DC  B O2    1 
ATOM   220 N  N3    . DC  B 2 4  ? -0.820  -0.822  6.172  1.00 44.92  ? 4   DC  B N3    1 
ATOM   221 C  C4    . DC  B 2 4  ? -1.401  -1.384  7.227  1.00 42.26  ? 4   DC  B C4    1 
ATOM   222 N  N4    . DC  B 2 4  ? -0.824  -1.221  8.414  1.00 39.12  ? 4   DC  B N4    1 
ATOM   223 C  C5    . DC  B 2 4  ? -2.605  -2.134  7.113  1.00 38.78  ? 4   DC  B C5    1 
ATOM   224 C  C6    . DC  B 2 4  ? -3.137  -2.261  5.894  1.00 42.67  ? 4   DC  B C6    1 
ATOM   225 P  P     . DG  B 2 5  ? -6.385  -3.428  1.001  1.00 87.00  ? 5   DG  B P     1 
ATOM   226 O  OP1   . DG  B 2 5  ? -5.450  -2.357  0.538  1.00 74.09  ? 5   DG  B OP1   1 
ATOM   227 O  OP2   . DG  B 2 5  ? -7.822  -3.420  0.671  1.00 97.46  ? 5   DG  B OP2   1 
ATOM   228 O  "O5'" . DG  B 2 5  ? -6.070  -4.829  0.351  1.00 78.21  ? 5   DG  B "O5'" 1 
ATOM   229 C  "C5'" . DG  B 2 5  ? -5.185  -5.689  0.955  1.00 67.04  ? 5   DG  B "C5'" 1 
ATOM   230 C  "C4'" . DG  B 2 5  ? -4.050  -6.009  0.017  1.00 66.60  ? 5   DG  B "C4'" 1 
ATOM   231 O  "O4'" . DG  B 2 5  ? -2.831  -5.394  0.535  1.00 56.70  ? 5   DG  B "O4'" 1 
ATOM   232 C  "C3'" . DG  B 2 5  ? -3.756  -7.496  -0.060 1.00 70.74  ? 5   DG  B "C3'" 1 
ATOM   233 O  "O3'" . DG  B 2 5  ? -3.077  -7.842  -1.312 1.00 75.50  ? 5   DG  B "O3'" 1 
ATOM   234 C  "C2'" . DG  B 2 5  ? -2.876  -7.691  1.176  1.00 68.57  ? 5   DG  B "C2'" 1 
ATOM   235 C  "C1'" . DG  B 2 5  ? -2.056  -6.390  1.204  1.00 57.00  ? 5   DG  B "C1'" 1 
ATOM   236 N  N9    . DG  B 2 5  ? -1.710  -5.933  2.555  1.00 45.52  ? 5   DG  B N9    1 
ATOM   237 C  C8    . DG  B 2 5  ? -2.325  -6.263  3.724  1.00 46.20  ? 5   DG  B C8    1 
ATOM   238 N  N7    . DG  B 2 5  ? -1.801  -5.690  4.777  1.00 35.81  ? 5   DG  B N7    1 
ATOM   239 C  C5    . DG  B 2 5  ? -0.775  -4.936  4.262  1.00 35.55  ? 5   DG  B C5    1 
ATOM   240 C  C6    . DG  B 2 5  ? 0.159   -4.106  4.924  1.00 44.63  ? 5   DG  B C6    1 
ATOM   241 O  O6    . DG  B 2 5  ? 0.253   -3.874  6.134  1.00 43.74  ? 5   DG  B O6    1 
ATOM   242 N  N1    . DG  B 2 5  ? 1.057   -3.525  4.036  1.00 42.89  ? 5   DG  B N1    1 
ATOM   243 C  C2    . DG  B 2 5  ? 1.049   -3.722  2.678  1.00 46.56  ? 5   DG  B C2    1 
ATOM   244 N  N2    . DG  B 2 5  ? 1.993   -3.067  1.975  1.00 56.20  ? 5   DG  B N2    1 
ATOM   245 N  N3    . DG  B 2 5  ? 0.164   -4.476  2.045  1.00 41.26  ? 5   DG  B N3    1 
ATOM   246 C  C4    . DG  B 2 5  ? -0.699  -5.071  2.902  1.00 41.91  ? 5   DG  B C4    1 
ATOM   247 P  P     . DC  B 2 6  ? -3.275  -9.306  -1.930 1.00 67.33  ? 6   DC  B P     1 
ATOM   248 O  OP1   . DC  B 2 6  ? -2.880  -9.265  -3.331 1.00 63.18  ? 6   DC  B OP1   1 
ATOM   249 O  OP2   . DC  B 2 6  ? -4.593  -9.788  -1.552 1.00 47.75  ? 6   DC  B OP2   1 
ATOM   250 O  "O5'" . DC  B 2 6  ? -2.261  -10.202 -1.101 1.00 71.41  ? 6   DC  B "O5'" 1 
ATOM   251 C  "C5'" . DC  B 2 6  ? -2.140  -11.625 -1.297 1.00 56.30  ? 6   DC  B "C5'" 1 
ATOM   252 C  "C4'" . DC  B 2 6  ? -0.701  -11.943 -1.624 1.00 57.69  ? 6   DC  B "C4'" 1 
ATOM   253 O  "O4'" . DC  B 2 6  ? 0.113   -11.452 -0.544 1.00 46.64  ? 6   DC  B "O4'" 1 
ATOM   254 C  "C3'" . DC  B 2 6  ? -0.340  -13.417 -1.815 1.00 62.30  ? 6   DC  B "C3'" 1 
ATOM   255 O  "O3'" . DC  B 2 6  ? 0.489   -13.533 -2.980 1.00 65.74  ? 6   DC  B "O3'" 1 
ATOM   256 C  "C2'" . DC  B 2 6  ? 0.380   -13.771 -0.528 1.00 63.06  ? 6   DC  B "C2'" 1 
ATOM   257 C  "C1'" . DC  B 2 6  ? 0.991   -12.452 -0.095 1.00 59.29  ? 6   DC  B "C1'" 1 
ATOM   258 N  N1    . DC  B 2 6  ? 1.148   -12.276 1.350  1.00 49.55  ? 6   DC  B N1    1 
ATOM   259 C  C2    . DC  B 2 6  ? 2.245   -11.568 1.828  1.00 46.16  ? 6   DC  B C2    1 
ATOM   260 O  O2    . DC  B 2 6  ? 3.057   -11.117 1.021  1.00 42.26  ? 6   DC  B O2    1 
ATOM   261 N  N3    . DC  B 2 6  ? 2.379   -11.372 3.155  1.00 37.20  ? 6   DC  B N3    1 
ATOM   262 C  C4    . DC  B 2 6  ? 1.464   -11.853 3.994  1.00 42.57  ? 6   DC  B C4    1 
ATOM   263 N  N4    . DC  B 2 6  ? 1.640   -11.649 5.296  1.00 38.24  ? 6   DC  B N4    1 
ATOM   264 C  C5    . DC  B 2 6  ? 0.335   -12.584 3.534  1.00 44.75  ? 6   DC  B C5    1 
ATOM   265 C  C6    . DC  B 2 6  ? 0.213   -12.761 2.216  1.00 41.10  ? 6   DC  B C6    1 
ATOM   266 P  P     . DT  B 2 7  ? 0.631   -14.916 -3.677 1.00 62.04  ? 7   DT  B P     1 
ATOM   267 O  OP1   . DT  B 2 7  ? 0.501   -14.711 -5.115 1.00 73.37  ? 7   DT  B OP1   1 
ATOM   268 O  OP2   . DT  B 2 7  ? -0.218  -15.865 -2.981 1.00 65.11  ? 7   DT  B OP2   1 
ATOM   269 O  "O5'" . DT  B 2 7  ? 2.149   -15.271 -3.421 1.00 54.06  ? 7   DT  B "O5'" 1 
ATOM   270 C  "C5'" . DT  B 2 7  ? 3.165   -14.397 -3.889 1.00 55.21  ? 7   DT  B "C5'" 1 
ATOM   271 C  "C4'" . DT  B 2 7  ? 4.378   -14.481 -2.996 1.00 59.81  ? 7   DT  B "C4'" 1 
ATOM   272 O  "O4'" . DT  B 2 7  ? 4.052   -14.022 -1.680 1.00 56.04  ? 7   DT  B "O4'" 1 
ATOM   273 C  "C3'" . DT  B 2 7  ? 4.939   -15.876 -2.771 1.00 59.08  ? 7   DT  B "C3'" 1 
ATOM   274 O  "O3'" . DT  B 2 7  ? 5.937   -16.149 -3.748 1.00 75.56  ? 7   DT  B "O3'" 1 
ATOM   275 C  "C2'" . DT  B 2 7  ? 5.562   -15.778 -1.391 1.00 49.38  ? 7   DT  B "C2'" 1 
ATOM   276 C  "C1'" . DT  B 2 7  ? 5.099   -14.438 -0.846 1.00 51.84  ? 7   DT  B "C1'" 1 
ATOM   277 N  N1    . DT  B 2 7  ? 4.583   -14.480 0.510  1.00 46.22  ? 7   DT  B N1    1 
ATOM   278 C  C2    . DT  B 2 7  ? 5.249   -13.768 1.467  1.00 41.57  ? 7   DT  B C2    1 
ATOM   279 O  O2    . DT  B 2 7  ? 6.253   -13.135 1.236  1.00 35.69  ? 7   DT  B O2    1 
ATOM   280 N  N3    . DT  B 2 7  ? 4.704   -13.846 2.719  1.00 41.17  ? 7   DT  B N3    1 
ATOM   281 C  C4    . DT  B 2 7  ? 3.578   -14.544 3.093  1.00 45.05  ? 7   DT  B C4    1 
ATOM   282 O  O4    . DT  B 2 7  ? 3.191   -14.502 4.250  1.00 50.30  ? 7   DT  B O4    1 
ATOM   283 C  C5    . DT  B 2 7  ? 2.921   -15.259 2.036  1.00 39.07  ? 7   DT  B C5    1 
ATOM   284 C  C7    . DT  B 2 7  ? 1.689   -16.042 2.348  1.00 47.49  ? 7   DT  B C7    1 
ATOM   285 C  C6    . DT  B 2 7  ? 3.445   -15.189 0.810  1.00 39.02  ? 7   DT  B C6    1 
HETATM 286 N  N     . DSN C 3 1  ? -2.317  3.172   3.696  1.00 31.12  ? 1   DSN D N     1 
HETATM 287 C  CA    . DSN C 3 1  ? -3.249  2.099   3.372  1.00 38.17  ? 1   DSN D CA    1 
HETATM 288 C  C     . DSN C 3 1  ? -4.764  2.446   3.413  1.00 39.66  ? 1   DSN D C     1 
HETATM 289 O  O     . DSN C 3 1  ? -5.549  2.034   2.473  1.00 49.82  ? 1   DSN D O     1 
HETATM 290 C  CB    . DSN C 3 1  ? -2.986  1.770   1.913  1.00 39.37  ? 1   DSN D CB    1 
HETATM 291 O  OG    . DSN C 3 1  ? -2.768  2.978   1.197  1.00 43.31  ? 1   DSN D OG    1 
ATOM   292 N  N     . ALA C 3 2  ? -5.217  3.144   4.431  1.00 50.43  ? 2   ALA D N     1 
ATOM   293 C  CA    . ALA C 3 2  ? -6.612  3.582   4.380  1.00 41.56  ? 2   ALA D CA    1 
ATOM   294 C  C     . ALA C 3 2  ? -6.808  4.482   3.230  1.00 42.22  ? 2   ALA D C     1 
ATOM   295 O  O     . ALA C 3 2  ? -5.868  5.159   2.830  1.00 44.57  ? 2   ALA D O     1 
ATOM   296 C  CB    . ALA C 3 2  ? -7.002  4.308   5.675  1.00 45.07  ? 2   ALA D CB    1 
HETATM 297 N  N     . N2C C 3 3  ? -8.042  4.570   2.724  1.00 66.82  ? 3   N2C D N     1 
HETATM 298 C  CA    . N2C C 3 3  ? -8.387  5.658   1.795  1.00 79.00  ? 3   N2C D CA    1 
HETATM 299 C  CB    . N2C C 3 3  ? -8.774  5.308   0.332  1.00 95.37  ? 3   N2C D CB    1 
HETATM 300 S  SG    . N2C C 3 3  ? -7.868  3.966   -0.386 1.00 80.00  ? 3   N2C D SG    1 
HETATM 301 C  CD    . N2C C 3 3  ? -9.050  2.930   -1.181 1.00 88.10  ? 3   N2C D CD    1 
HETATM 302 C  CN    . N2C C 3 3  ? -9.175  3.754   3.113  1.00 59.32  ? 3   N2C D CN    1 
HETATM 303 C  C     . N2C C 3 3  ? -9.564  6.481   2.360  1.00 72.34  ? 3   N2C D C     1 
HETATM 304 O  O     . N2C C 3 3  ? -10.726 6.364   1.919  1.00 64.01  ? 3   N2C D O     1 
HETATM 305 N  N     . MVA C 3 4  ? -9.298  7.359   3.342  1.00 62.87  ? 4   MVA D N     1 
HETATM 306 C  CN    . MVA C 3 4  ? -7.983  7.572   3.934  1.00 48.73  ? 4   MVA D CN    1 
HETATM 307 C  CA    . MVA C 3 4  ? -10.327 8.283   3.760  1.00 58.14  ? 4   MVA D CA    1 
HETATM 308 C  CB    . MVA C 3 4  ? -10.421 8.494   5.270  1.00 64.52  ? 4   MVA D CB    1 
HETATM 309 C  CG1   . MVA C 3 4  ? -11.648 9.334   5.643  1.00 62.54  ? 4   MVA D CG1   1 
HETATM 310 C  CG2   . MVA C 3 4  ? -10.441 7.197   6.082  1.00 63.13  ? 4   MVA D CG2   1 
HETATM 311 C  C     . MVA C 3 4  ? -10.012 9.573   3.073  1.00 52.95  ? 4   MVA D C     1 
HETATM 312 O  O     . MVA C 3 4  ? -11.120 9.862   2.653  1.00 60.54  ? 4   MVA D O     1 
HETATM 313 N  N     . DSN C 3 5  ? -7.434  11.402  2.943  1.00 53.75  ? 5   DSN D N     1 
HETATM 314 C  CA    . DSN C 3 5  ? -7.809  11.917  1.667  1.00 48.97  ? 5   DSN D CA    1 
HETATM 315 C  C     . DSN C 3 5  ? -7.036  11.093  0.637  1.00 57.23  ? 5   DSN D C     1 
HETATM 316 O  O     . DSN C 3 5  ? -7.707  10.560  -0.290 1.00 52.78  ? 5   DSN D O     1 
HETATM 317 C  CB    . DSN C 3 5  ? -9.268  11.520  1.511  1.00 46.58  ? 5   DSN D CB    1 
HETATM 318 O  OG    . DSN C 3 5  ? -9.481  10.188  1.956  1.00 55.12  ? 5   DSN D OG    1 
ATOM   319 N  N     . ALA C 3 6  ? -5.701  11.007  0.752  1.00 55.63  ? 6   ALA D N     1 
ATOM   320 C  CA    . ALA C 3 6  ? -4.882  10.005  0.006  1.00 58.59  ? 6   ALA D CA    1 
ATOM   321 C  C     . ALA C 3 6  ? -5.343  8.606   0.178  1.00 71.81  ? 6   ALA D C     1 
ATOM   322 O  O     . ALA C 3 6  ? -5.770  8.223   1.261  1.00 65.34  ? 6   ALA D O     1 
ATOM   323 C  CB    . ALA C 3 6  ? -3.488  10.024  0.440  1.00 47.24  ? 6   ALA D CB    1 
HETATM 324 N  N     . NCY C 3 7  ? -5.156  7.809   -0.861 1.00 57.72  ? 7   NCY D N     1 
HETATM 325 C  CA    . NCY C 3 7  ? -5.374  6.363   -0.732 1.00 64.57  ? 7   NCY D CA    1 
HETATM 326 C  CB    . NCY C 3 7  ? -6.616  5.933   -1.528 1.00 68.49  ? 7   NCY D CB    1 
HETATM 327 S  SG    . NCY C 3 7  ? -8.096  6.539   -0.742 1.00 75.55  ? 7   NCY D SG    1 
HETATM 328 C  CN    . NCY C 3 7  ? -4.583  8.196   -2.130 1.00 55.97  ? 7   NCY D CN    1 
HETATM 329 C  C     . NCY C 3 7  ? -4.130  5.548   -1.141 1.00 58.35  ? 7   NCY D C     1 
HETATM 330 O  O     . NCY C 3 7  ? -4.055  4.894   -2.164 1.00 62.02  ? 7   NCY D O     1 
HETATM 331 N  N     . MVA C 3 8  ? -3.099  5.568   -0.308 1.00 47.55  ? 8   MVA D N     1 
HETATM 332 C  CN    . MVA C 3 8  ? -3.199  6.076   1.038  1.00 33.16  ? 8   MVA D CN    1 
HETATM 333 C  CA    . MVA C 3 8  ? -1.919  4.742   -0.626 1.00 46.93  ? 8   MVA D CA    1 
HETATM 334 C  CB    . MVA C 3 8  ? -0.591  5.446   -0.339 1.00 48.43  ? 8   MVA D CB    1 
HETATM 335 C  CG1   . MVA C 3 8  ? 0.591   4.522   -0.578 1.00 51.67  ? 8   MVA D CG1   1 
HETATM 336 C  CG2   . MVA C 3 8  ? -0.413  6.720   -1.194 1.00 46.20  ? 8   MVA D CG2   1 
HETATM 337 C  C     . MVA C 3 8  ? -2.018  3.426   0.127  1.00 52.31  ? 8   MVA D C     1 
HETATM 338 O  O     . MVA C 3 8  ? -1.625  2.214   -0.510 1.00 57.36  ? 8   MVA D O     1 
ATOM   339 N  N     . THR D 4 1  ? 1.974   -5.972  -0.251 1.00 22.01  1 1   THR C N     1 
ATOM   340 C  CA    . THR D 4 1  ? 2.272   -5.717  -1.645 1.00 20.87  ? 1   THR C CA    1 
ATOM   341 C  C     . THR D 4 1  ? 2.994   -4.394  -1.698 1.00 35.81  ? 1   THR C C     1 
ATOM   342 O  O     . THR D 4 1  ? 2.911   -3.609  -0.753 1.00 22.55  ? 1   THR C O     1 
ATOM   343 C  CB    . THR D 4 1  ? 1.004   -5.639  -2.493 1.00 31.87  ? 1   THR C CB    1 
ATOM   344 O  OG1   . THR D 4 1  ? 0.158   -4.602  -1.971 1.00 34.53  ? 1   THR C OG1   1 
ATOM   345 C  CG2   . THR D 4 1  ? 0.246   -6.962  -2.479 1.00 24.58  ? 1   THR C CG2   1 
HETATM 346 N  N     . DVA D 4 2  ? 3.699   -4.137  -2.789 1.00 23.01  ? 2   DVA C N     1 
HETATM 347 C  CA    . DVA D 4 2  ? 4.185   -2.782  -3.040 1.00 33.49  ? 2   DVA C CA    1 
HETATM 348 C  CB    . DVA D 4 2  ? 4.022   -2.378  -4.541 1.00 37.67  ? 2   DVA C CB    1 
HETATM 349 C  CG1   . DVA D 4 2  ? 5.212   -1.579  -5.051 1.00 33.85  ? 2   DVA C CG1   1 
HETATM 350 C  CG2   . DVA D 4 2  ? 3.730   -3.593  -5.406 1.00 29.79  ? 2   DVA C CG2   1 
HETATM 351 C  C     . DVA D 4 2  ? 5.569   -2.474  -2.452 1.00 27.58  ? 2   DVA C C     1 
HETATM 352 O  O     . DVA D 4 2  ? 6.549   -3.177  -2.721 1.00 26.72  ? 2   DVA C O     1 
ATOM   353 N  N     . PRO D 4 3  ? 5.632   -1.454  -1.584 1.00 25.14  ? 3   PRO C N     1 
ATOM   354 C  CA    . PRO D 4 3  ? 4.462   -0.776  -1.007 1.00 27.99  ? 3   PRO C CA    1 
ATOM   355 C  C     . PRO D 4 3  ? 3.928   0.360   -1.885 1.00 31.49  ? 3   PRO C C     1 
ATOM   356 O  O     . PRO D 4 3  ? 4.701   0.955   -2.632 1.00 38.93  ? 3   PRO C O     1 
ATOM   357 C  CB    . PRO D 4 3  ? 5.013   -0.233  0.315  1.00 19.72  ? 3   PRO C CB    1 
ATOM   358 C  CG    . PRO D 4 3  ? 6.445   0.133   -0.047 1.00 25.22  ? 3   PRO C CG    1 
ATOM   359 C  CD    . PRO D 4 3  ? 6.897   -0.901  -1.065 1.00 21.36  ? 3   PRO C CD    1 
HETATM 360 N  N     . SAR D 4 4  ? 2.627   0.635   -1.821 1.00 29.21  ? 4   SAR C N     1 
HETATM 361 C  CA    . SAR D 4 4  ? 1.685   -0.141  -1.026 1.00 26.42  ? 4   SAR C CA    1 
HETATM 362 C  C     . SAR D 4 4  ? 0.970   -1.165  -1.924 1.00 39.01  ? 4   SAR C C     1 
HETATM 363 O  O     . SAR D 4 4  ? 1.351   -1.330  -3.036 1.00 32.69  ? 4   SAR C O     1 
HETATM 364 C  CN    . SAR D 4 4  ? 1.975   1.733   -2.524 1.00 29.61  ? 4   SAR C CN    1 
HETATM 365 N  N     . MVA D 4 5  ? -0.062  -1.820  -1.385 1.00 28.84  ? 5   MVA C N     1 
HETATM 366 C  CN    . MVA D 4 5  ? -0.535  -1.628  -0.029 1.00 21.67  ? 5   MVA C CN    1 
HETATM 367 C  CA    . MVA D 4 5  ? -0.927  -2.776  -2.095 1.00 42.62  ? 5   MVA C CA    1 
HETATM 368 C  CB    . MVA D 4 5  ? -1.994  -2.012  -2.907 1.00 46.53  ? 5   MVA C CB    1 
HETATM 369 C  CG1   . MVA D 4 5  ? -1.531  -1.448  -4.249 1.00 45.52  ? 5   MVA C CG1   1 
HETATM 370 C  CG2   . MVA D 4 5  ? -3.263  -2.843  -3.085 1.00 45.53  ? 5   MVA C CG2   1 
HETATM 371 C  C     . MVA D 4 5  ? -0.138  -3.739  -2.999 1.00 46.37  ? 5   MVA C C     1 
HETATM 372 O  O     . MVA D 4 5  ? -0.610  -4.277  -3.951 1.00 41.20  ? 5   MVA C O     1 
HETATM 373 C  C1    . PXZ D 4 6  ? 1.825   -7.446  1.861  1.00 20.47  ? 6   PXZ C C1    1 
HETATM 374 C  C0    . PXZ D 4 6  ? 2.300   -7.177  0.435  1.00 25.94  ? 6   PXZ C C0    1 
HETATM 375 O  O1    . PXZ D 4 6  ? 2.518   -8.356  -0.284 1.00 25.42  ? 6   PXZ C O1    1 
HETATM 376 C  C2    . PXZ D 4 6  ? 0.779   -8.325  2.089  1.00 23.48  ? 6   PXZ C C2    1 
HETATM 377 N  N2    . PXZ D 4 6  ? 0.147   -8.975  0.960  1.00 30.69  ? 6   PXZ C N2    1 
HETATM 378 C  C3    . PXZ D 4 6  ? 0.339   -8.570  3.404  1.00 31.86  ? 6   PXZ C C3    1 
HETATM 379 O  O3    . PXZ D 4 6  ? -0.715  -9.455  3.651  1.00 60.26  ? 6   PXZ C O3    1 
HETATM 380 C  C4    . PXZ D 4 6  ? 0.953   -7.928  4.479  1.00 23.78  ? 6   PXZ C C4    1 
HETATM 381 O  O5    . PXZ D 4 6  ? 2.655   -6.367  5.280  1.00 26.43  ? 6   PXZ C O5    1 
HETATM 382 C  C6    . PXZ D 4 6  ? 4.309   -4.853  6.187  1.00 20.51  ? 6   PXZ C C6    1 
HETATM 383 C  C7    . PXZ D 4 6  ? 5.361   -3.949  5.995  1.00 19.67  ? 6   PXZ C C7    1 
HETATM 384 C  C8    . PXZ D 4 6  ? 5.826   -3.676  4.676  1.00 17.60  ? 6   PXZ C C8    1 
HETATM 385 C  C9    . PXZ D 4 6  ? 5.203   -4.332  3.595  1.00 19.42  ? 6   PXZ C C9    1 
HETATM 386 C  "C0'" . PXZ D 4 6  ? 5.588   -4.136  2.131  1.00 17.26  ? 6   PXZ C "C0'" 1 
HETATM 387 O  "O1'" . PXZ D 4 6  ? 5.787   -2.776  1.870  1.00 38.37  ? 6   PXZ C "O1'" 1 
HETATM 388 N  N10   . PXZ D 4 6  ? 3.517   -5.879  2.707  1.00 21.15  ? 6   PXZ C N10   1 
HETATM 389 C  C11   . PXZ D 4 6  ? 2.456   -6.778  2.960  1.00 22.33  ? 6   PXZ C C11   1 
HETATM 390 C  C12   . PXZ D 4 6  ? 2.036   -7.011  4.243  1.00 25.32  ? 6   PXZ C C12   1 
HETATM 391 C  C13   . PXZ D 4 6  ? 3.687   -5.497  5.065  1.00 23.16  ? 6   PXZ C C13   1 
HETATM 392 C  C14   . PXZ D 4 6  ? 4.131   -5.236  3.803  1.00 21.97  ? 6   PXZ C C14   1 
HETATM 393 C  C15   . PXZ D 4 6  ? 0.460   -8.214  5.903  1.00 21.78  ? 6   PXZ C C15   1 
HETATM 394 C  C16   . PXZ D 4 6  ? 3.773   -5.170  7.589  1.00 27.64  ? 6   PXZ C C16   1 
ATOM   395 N  N     . THR D 4 7  ? 6.229   -5.267  1.543  1.00 18.23  ? 7   THR C N     1 
ATOM   396 C  CA    . THR D 4 7  ? 6.724   -5.059  0.178  1.00 21.39  ? 7   THR C CA    1 
ATOM   397 C  C     . THR D 4 7  ? 6.400   -6.237  -0.736 1.00 32.56  ? 7   THR C C     1 
ATOM   398 O  O     . THR D 4 7  ? 6.048   -7.331  -0.285 1.00 28.89  ? 7   THR C O     1 
ATOM   399 C  CB    . THR D 4 7  ? 8.260   -4.895  0.131  1.00 26.50  ? 7   THR C CB    1 
ATOM   400 O  OG1   . THR D 4 7  ? 8.857   -6.131  0.530  1.00 51.66  ? 7   THR C OG1   1 
ATOM   401 C  CG2   . THR D 4 7  ? 8.757   -3.788  1.048  1.00 30.52  ? 7   THR C CG2   1 
HETATM 402 N  N     . DVA D 4 8  ? 6.573   -6.023  -2.028 1.00 28.12  ? 8   DVA C N     1 
HETATM 403 C  CA    . DVA D 4 8  ? 6.606   -7.145  -2.960 1.00 30.28  ? 8   DVA C CA    1 
HETATM 404 C  CB    . DVA D 4 8  ? 7.687   -6.948  -4.064 1.00 33.81  ? 8   DVA C CB    1 
HETATM 405 C  CG1   . DVA D 4 8  ? 7.299   -7.649  -5.363 1.00 36.45  ? 8   DVA C CG1   1 
HETATM 406 C  CG2   . DVA D 4 8  ? 7.970   -5.491  -4.276 1.00 39.09  ? 8   DVA C CG2   1 
HETATM 407 C  C     . DVA D 4 8  ? 5.229   -7.526  -3.495 1.00 29.60  ? 8   DVA C C     1 
HETATM 408 O  O     . DVA D 4 8  ? 4.510   -6.691  -4.043 1.00 28.40  ? 8   DVA C O     1 
ATOM   409 N  N     . PRO D 4 9  ? 4.820   -8.776  -3.243 1.00 25.33  ? 9   PRO C N     1 
ATOM   410 C  CA    . PRO D 4 9  ? 5.501   -9.690  -2.319 1.00 26.73  ? 9   PRO C CA    1 
ATOM   411 C  C     . PRO D 4 9  ? 6.662   -10.460 -2.942 1.00 37.77  ? 9   PRO C C     1 
ATOM   412 O  O     . PRO D 4 9  ? 6.645   -10.722 -4.142 1.00 27.47  ? 9   PRO C O     1 
ATOM   413 C  CB    . PRO D 4 9  ? 4.385   -10.648 -1.914 1.00 31.74  ? 9   PRO C CB    1 
ATOM   414 C  CG    . PRO D 4 9  ? 3.548   -10.732 -3.168 1.00 33.54  ? 9   PRO C CG    1 
ATOM   415 C  CD    . PRO D 4 9  ? 3.550   -9.337  -3.731 1.00 25.28  ? 9   PRO C CD    1 
HETATM 416 N  N     . SAR D 4 10 ? 7.663   -10.795 -2.134 1.00 29.72  ? 10  SAR C N     1 
HETATM 417 C  CA    . SAR D 4 10 ? 7.724   -10.377 -0.741 1.00 25.54  ? 10  SAR C CA    1 
HETATM 418 C  C     . SAR D 4 10 ? 8.815   -9.313  -0.577 1.00 31.35  ? 10  SAR C C     1 
HETATM 419 O  O     . SAR D 4 10 ? 9.247   -8.735  -1.525 1.00 30.66  ? 10  SAR C O     1 
HETATM 420 C  CN    . SAR D 4 10 ? 8.830   -11.590 -2.499 1.00 35.12  ? 10  SAR C CN    1 
HETATM 421 N  N     . MVA D 4 11 ? 9.220   -9.085  0.671  1.00 26.19  ? 11  MVA C N     1 
HETATM 422 C  CN    . MVA D 4 11 ? 8.610   -9.672  1.853  1.00 32.10  ? 11  MVA C CN    1 
HETATM 423 C  CA    . MVA D 4 11 ? 10.326  -8.184  1.034  1.00 40.20  ? 11  MVA C CA    1 
HETATM 424 C  CB    . MVA D 4 11 ? 11.675  -8.662  0.467  1.00 36.64  ? 11  MVA C CB    1 
HETATM 425 C  CG1   . MVA D 4 11 ? 12.825  -7.855  1.074  1.00 41.80  ? 11  MVA C CG1   1 
HETATM 426 C  CG2   . MVA D 4 11 ? 11.924  -10.147 0.730  1.00 36.50  ? 11  MVA C CG2   1 
HETATM 427 C  C     . MVA D 4 11 ? 10.084  -6.747  0.566  1.00 39.41  ? 11  MVA C C     1 
HETATM 428 O  O     . MVA D 4 11 ? 10.504  -6.338  -0.467 1.00 35.01  ? 11  MVA C O     1 
HETATM 429 MG MG    . MG  E 5 .  ? 5.475   -12.699 9.793  1.00 26.30  ? 101 MG  A MG    1 
HETATM 430 MG MG    . MG  F 5 .  ? -0.945  14.776  6.753  1.00 10.75  ? 102 MG  A MG    1 
HETATM 431 MG MG    . MG  G 5 .  ? -1.149  5.814   11.223 0.91 19.74  ? 101 MG  B MG    1 
HETATM 432 MG MG    . MG  H 5 .  ? -4.462  -6.626  7.972  1.00 65.34  ? 102 MG  B MG    1 
HETATM 433 N  N1    . QUI I 6 .  ? -0.404  4.661   4.615  1.00 34.47  ? 101 QUI D N1    1 
HETATM 434 C  C2    . QUI I 6 .  ? -0.882  3.762   5.429  1.00 29.22  ? 101 QUI D C2    1 
HETATM 435 C  C3    . QUI I 6 .  ? -0.548  3.859   6.796  1.00 29.94  ? 101 QUI D C3    1 
HETATM 436 N  N4    . QUI I 6 .  ? 0.259   4.863   7.184  1.00 32.54  ? 101 QUI D N4    1 
HETATM 437 C  C5    . QUI I 6 .  ? 1.663   6.893   6.795  1.00 22.94  ? 101 QUI D C5    1 
HETATM 438 C  C6    . QUI I 6 .  ? 2.164   7.856   5.877  1.00 24.57  ? 101 QUI D C6    1 
HETATM 439 C  C7    . QUI I 6 .  ? 1.814   7.743   4.524  1.00 26.05  ? 101 QUI D C7    1 
HETATM 440 C  C8    . QUI I 6 .  ? 0.937   6.670   4.065  1.00 24.58  ? 101 QUI D C8    1 
HETATM 441 C  C9    . QUI I 6 .  ? 0.443   5.682   5.008  1.00 32.97  ? 101 QUI D C9    1 
HETATM 442 C  C10   . QUI I 6 .  ? 0.792   5.787   6.336  1.00 24.31  ? 101 QUI D C10   1 
HETATM 443 C  C     . QUI I 6 .  ? -1.761  2.651   4.900  1.00 30.61  ? 101 QUI D C     1 
HETATM 444 O  O1    . QUI I 6 .  ? -2.215  1.751   5.958  1.00 46.22  ? 101 QUI D O1    1 
HETATM 445 N  N1    . QUI J 6 .  ? -7.279  11.864  5.756  1.00 33.40  ? 102 QUI D N1    1 
HETATM 446 C  C2    . QUI J 6 .  ? -6.806  12.785  4.954  1.00 32.08  ? 102 QUI D C2    1 
HETATM 447 C  C3    . QUI J 6 .  ? -6.089  13.857  5.494  1.00 32.01  ? 102 QUI D C3    1 
HETATM 448 N  N4    . QUI J 6 .  ? -5.894  13.917  6.802  1.00 35.72  ? 102 QUI D N4    1 
HETATM 449 C  C5    . QUI J 6 .  ? -6.118  13.032  9.077  1.00 40.12  ? 102 QUI D C5    1 
HETATM 450 C  C6    . QUI J 6 .  ? -6.665  12.040  9.921  1.00 42.64  ? 102 QUI D C6    1 
HETATM 451 C  C7    . QUI J 6 .  ? -7.371  11.022  9.332  1.00 40.14  ? 102 QUI D C7    1 
HETATM 452 C  C8    . QUI J 6 .  ? -7.593  10.920  7.897  1.00 23.75  ? 102 QUI D C8    1 
HETATM 453 C  C9    . QUI J 6 .  ? -7.044  11.919  7.092  1.00 27.19  ? 102 QUI D C9    1 
HETATM 454 C  C10   . QUI J 6 .  ? -6.335  12.947  7.634  1.00 24.67  ? 102 QUI D C10   1 
HETATM 455 C  C     . QUI J 6 .  ? -7.048  12.668  3.460  1.00 24.53  ? 102 QUI D C     1 
HETATM 456 O  O1    . QUI J 6 .  ? -6.330  13.688  2.778  1.00 38.90  ? 102 QUI D O1    1 
HETATM 457 O  O     . HOH K 7 .  ? 7.755   6.051   5.380  1.00 41.91  ? 201 HOH A O     1 
HETATM 458 O  O     . HOH K 7 .  ? 6.769   3.344   6.423  1.00 29.73  ? 202 HOH A O     1 
HETATM 459 O  O     . HOH K 7 .  ? 5.307   -10.893 10.615 1.00 46.44  ? 203 HOH A O     1 
HETATM 460 O  O     . HOH K 7 .  ? 5.495   -8.641  9.491  1.00 33.37  ? 204 HOH A O     1 
HETATM 461 O  O     . HOH K 7 .  ? 6.656   -13.140 10.975 1.00 45.44  ? 205 HOH A O     1 
HETATM 462 O  O     . HOH K 7 .  ? 3.779   -12.224 9.603  1.00 45.27  ? 206 HOH A O     1 
HETATM 463 O  O     . HOH K 7 .  ? 5.475   5.935   5.613  1.00 12.04  ? 207 HOH A O     1 
HETATM 464 O  O     . HOH K 7 .  ? 2.815   -0.951  10.580 1.00 30.00  ? 208 HOH A O     1 
HETATM 465 O  O     . HOH K 7 .  ? 15.061  -1.204  4.469  1.00 45.74  ? 209 HOH A O     1 
HETATM 466 O  O     . HOH L 7 .  ? -1.264  7.735   10.800 1.00 29.08  ? 201 HOH B O     1 
HETATM 467 O  O     . HOH L 7 .  ? -1.474  4.071   11.855 1.00 33.76  ? 202 HOH B O     1 
HETATM 468 O  O     . HOH L 7 .  ? -6.924  17.048  10.556 1.00 30.00  ? 203 HOH B O     1 
# 
loop_
_atom_site_anisotrop.id 
_atom_site_anisotrop.type_symbol 
_atom_site_anisotrop.pdbx_label_atom_id 
_atom_site_anisotrop.pdbx_label_alt_id 
_atom_site_anisotrop.pdbx_label_comp_id 
_atom_site_anisotrop.pdbx_label_asym_id 
_atom_site_anisotrop.pdbx_label_seq_id 
_atom_site_anisotrop.pdbx_PDB_ins_code 
_atom_site_anisotrop.U[1][1] 
_atom_site_anisotrop.U[2][2] 
_atom_site_anisotrop.U[3][3] 
_atom_site_anisotrop.U[1][2] 
_atom_site_anisotrop.U[1][3] 
_atom_site_anisotrop.U[2][3] 
_atom_site_anisotrop.pdbx_auth_seq_id 
_atom_site_anisotrop.pdbx_auth_comp_id 
_atom_site_anisotrop.pdbx_auth_asym_id 
_atom_site_anisotrop.pdbx_auth_atom_id 
1   P P     . DA  A 1 ? 1.4260 1.2976 1.6755 0.0468  0.0084  0.0506  1 DA  A P     
2   O OP1   . DA  A 1 ? 1.4888 1.3514 1.7136 0.0431  0.0074  0.0311  1 DA  A OP1   
3   O OP2   . DA  A 1 ? 1.3360 1.1879 1.6050 0.0397  -0.0020 0.0611  1 DA  A OP2   
4   O "O5'" . DA  A 1 ? 1.1816 1.0765 1.4452 0.0631  0.0221  0.0571  1 DA  A "O5'" 
5   C "C5'" . DA  A 1 ? 0.8399 0.7447 1.0898 0.0711  0.0308  0.0446  1 DA  A "C5'" 
6   C "C4'" . DA  A 1 ? 0.7389 0.6702 0.9978 0.0855  0.0445  0.0519  1 DA  A "C4'" 
7   O "O4'" . DA  A 1 ? 0.7220 0.6649 0.9593 0.0912  0.0520  0.0378  1 DA  A "O4'" 
8   C "C3'" . DA  A 1 ? 0.7641 0.7135 1.0273 0.0881  0.0489  0.0650  1 DA  A "C3'" 
9   O "O3'" . DA  A 1 ? 0.7828 0.7521 1.0592 0.1016  0.0614  0.0732  1 DA  A "O3'" 
10  C "C2'" . DA  A 1 ? 0.6843 0.6420 0.9188 0.0860  0.0500  0.0531  1 DA  A "C2'" 
11  C "C1'" . DA  A 1 ? 0.6249 0.5848 0.8473 0.0923  0.0560  0.0379  1 DA  A "C1'" 
12  N N9    . DA  A 1 ? 0.6137 0.5683 0.8091 0.0857  0.0523  0.0203  1 DA  A N9    
13  C C8    . DA  A 1 ? 0.6136 0.5484 0.7974 0.0715  0.0407  0.0126  1 DA  A C8    
14  N N7    . DA  A 1 ? 0.4553 0.3906 0.6148 0.0684  0.0409  -0.0040 1 DA  A N7    
15  C C5    . DA  A 1 ? 0.5223 0.4792 0.6772 0.0817  0.0529  -0.0074 1 DA  A C5    
16  C C6    . DA  A 1 ? 0.4601 0.4288 0.5930 0.0862  0.0593  -0.0231 1 DA  A C6    
17  N N6    . DA  A 1 ? 0.5248 0.4853 0.6357 0.0772  0.0543  -0.0394 1 DA  A N6    
18  N N1    . DA  A 1 ? 0.5148 0.5047 0.6492 0.1003  0.0712  -0.0214 1 DA  A N1    
19  C C2    . DA  A 1 ? 0.4598 0.4579 0.6160 0.1091  0.0769  -0.0056 1 DA  A C2    
20  N N3    . DA  A 1 ? 0.4701 0.4588 0.6488 0.1058  0.0721  0.0095  1 DA  A N3    
21  C C4    . DA  A 1 ? 0.5219 0.4903 0.6985 0.0922  0.0600  0.0078  1 DA  A C4    
22  P P     . DG  A 2 ? 0.7357 0.7180 1.0328 0.1057  0.0661  0.0929  2 DG  A P     
23  O OP1   . DG  A 2 ? 0.9508 0.9340 1.2739 0.1125  0.0706  0.1008  2 DG  A OP1   
24  O OP2   . DG  A 2 ? 0.8931 0.8658 1.1885 0.0944  0.0561  0.0990  2 DG  A OP2   
25  O "O5'" . DG  A 2 ? 0.8082 0.8161 1.0920 0.1169  0.0795  0.0927  2 DG  A "O5'" 
26  C "C5'" . DG  A 2 ? 0.7833 0.7971 1.0416 0.1196  0.0828  0.0767  2 DG  A "C5'" 
27  C "C4'" . DG  A 2 ? 0.6405 0.6748 0.8825 0.1256  0.0904  0.0780  2 DG  A "C4'" 
28  O "O4'" . DG  A 2 ? 0.5136 0.5492 0.7280 0.1234  0.0886  0.0612  2 DG  A "O4'" 
29  C "C3'" . DG  A 2 ? 0.6460 0.6825 0.8918 0.1212  0.0870  0.0912  2 DG  A "C3'" 
30  O "O3'" . DG  A 2 ? 0.7387 0.7957 0.9863 0.1328  0.0994  0.1004  2 DG  A "O3'" 
31  C "C2'" . DG  A 2 ? 0.6069 0.6394 0.8274 0.1127  0.0791  0.0799  2 DG  A "C2'" 
32  C "C1'" . DG  A 2 ? 0.5660 0.6038 0.7666 0.1176  0.0837  0.0617  2 DG  A "C1'" 
33  N N9    . DG  A 2 ? 0.5349 0.5584 0.7188 0.1070  0.0741  0.0461  2 DG  A N9    
34  C C8    . DG  A 2 ? 0.4297 0.4314 0.6176 0.0934  0.0616  0.0453  2 DG  A C8    
35  N N7    . DG  A 2 ? 0.4526 0.4449 0.6210 0.0858  0.0559  0.0289  2 DG  A N7    
36  C C5    . DG  A 2 ? 0.5285 0.5377 0.6801 0.0951  0.0650  0.0179  2 DG  A C5    
37  C C6    . DG  A 2 ? 0.4696 0.4788 0.5975 0.0928  0.0646  -0.0016 2 DG  A C6    
38  O O6    . DG  A 2 ? 0.4737 0.4672 0.5901 0.0813  0.0560  -0.0134 2 DG  A O6    
39  N N1    . DG  A 2 ? 0.5085 0.5384 0.6257 0.1052  0.0756  -0.0071 2 DG  A N1    
40  C C2    . DG  A 2 ? 0.4955 0.5434 0.6227 0.1183  0.0861  0.0048  2 DG  A C2    
41  N N2    . DG  A 2 ? 0.4449 0.5111 0.5581 0.1295  0.0960  -0.0034 2 DG  A N2    
42  N N3    . DG  A 2 ? 0.4979 0.5455 0.6472 0.1203  0.0871  0.0229  2 DG  A N3    
43  C C4    . DG  A 2 ? 0.5657 0.5940 0.7263 0.1084  0.0761  0.0284  2 DG  A C4    
44  P P     . DC  A 3 ? 0.6144 0.6780 0.8738 0.1332  0.1013  0.1191  3 DC  A P     
45  O OP1   . DC  A 3 ? 0.6162 0.6995 0.8770 0.1472  0.1165  0.1246  3 DC  A OP1   
46  O OP2   . DC  A 3 ? 0.6450 0.6943 0.9289 0.1250  0.0935  0.1312  3 DC  A OP2   
47  O "O5'" . DC  A 3 ? 0.6115 0.6769 0.8464 0.1278  0.0955  0.1138  3 DC  A "O5'" 
48  C "C5'" . DC  A 3 ? 0.4908 0.5592 0.7279 0.1254  0.0938  0.1262  3 DC  A "C5'" 
49  C "C4'" . DC  A 3 ? 0.4781 0.5599 0.6889 0.1299  0.0969  0.1206  3 DC  A "C4'" 
50  O "O4'" . DC  A 3 ? 0.3689 0.4449 0.5592 0.1234  0.0890  0.1028  3 DC  A "O4'" 
51  C "C3'" . DC  A 3 ? 0.3919 0.4760 0.6015 0.1269  0.0938  0.1328  3 DC  A "C3'" 
52  O "O3'" . DC  A 3 ? 0.5294 0.6284 0.7443 0.1383  0.1062  0.1463  3 DC  A "O3'" 
53  C "C2'" . DC  A 3 ? 0.3586 0.4457 0.5405 0.1238  0.0883  0.1198  3 DC  A "C2'" 
54  C "C1'" . DC  A 3 ? 0.3661 0.4502 0.5361 0.1230  0.0870  0.1007  3 DC  A "C1'" 
55  N N1    . DC  A 3 ? 0.3614 0.4326 0.5189 0.1101  0.0742  0.0875  3 DC  A N1    
56  C C2    . DC  A 3 ? 0.4842 0.5624 0.6153 0.1110  0.0737  0.0696  3 DC  A C2    
57  O O2    . DC  A 3 ? 0.4754 0.5708 0.5934 0.1228  0.0832  0.0651  3 DC  A O2    
58  N N3    . DC  A 3 ? 0.4322 0.4980 0.5531 0.0987  0.0627  0.0572  3 DC  A N3    
59  C C4    . DC  A 3 ? 0.4342 0.4809 0.5689 0.0862  0.0527  0.0620  3 DC  A C4    
60  N N4    . DC  A 3 ? 0.5027 0.5370 0.6256 0.0742  0.0426  0.0493  3 DC  A N4    
61  C C5    . DC  A 3 ? 0.4373 0.4766 0.5978 0.0855  0.0525  0.0800  3 DC  A C5    
62  C C6    . DC  A 3 ? 0.3597 0.4120 0.5311 0.0975  0.0634  0.0920  3 DC  A C6    
63  P P     . DT  A 4 ? 0.5362 0.6390 0.7517 0.1378  0.1062  0.1618  4 DT  A P     
64  O OP1   . DT  A 4 ? 0.5709 0.6837 0.7992 0.1476  0.1190  0.1756  4 DT  A OP1   
65  O OP2   . DT  A 4 ? 0.5915 0.6781 0.8167 0.1237  0.0925  0.1659  4 DT  A OP2   
66  O "O5'" . DT  A 4 ? 0.5896 0.7039 0.7745 0.1425  0.1071  0.1525  4 DT  A "O5'" 
67  C "C5'" . DT  A 4 ? 0.5441 0.6728 0.7119 0.1547  0.1174  0.1436  4 DT  A "C5'" 
68  C "C4'" . DT  A 4 ? 0.4901 0.6267 0.6287 0.1565  0.1141  0.1331  4 DT  A "C4'" 
69  O "O4'" . DT  A 4 ? 0.3871 0.5152 0.5163 0.1469  0.1034  0.1168  4 DT  A "O4'" 
70  C "C3'" . DT  A 4 ? 0.5124 0.6496 0.6458 0.1541  0.1101  0.1437  4 DT  A "C3'" 
71  O "O3'" . DT  A 4 ? 0.7747 0.9267 0.8945 0.1673  0.1210  0.1485  4 DT  A "O3'" 
72  C "C2'" . DT  A 4 ? 0.3922 0.5250 0.5075 0.1452  0.0977  0.1295  4 DT  A "C2'" 
73  C "C1'" . DT  A 4 ? 0.5423 0.6738 0.6513 0.1443  0.0971  0.1112  4 DT  A "C1'" 
74  N N1    . DT  A 4 ? 0.4749 0.5922 0.5831 0.1301  0.0842  0.0999  4 DT  A N1    
75  C C2    . DT  A 4 ? 0.4750 0.5950 0.5641 0.1292  0.0817  0.0801  4 DT  A C2    
76  O O2    . DT  A 4 ? 0.5670 0.7013 0.6393 0.1397  0.0892  0.0714  4 DT  A O2    
77  N N3    . DT  A 4 ? 0.3591 0.4643 0.4486 0.1154  0.0703  0.0707  4 DT  A N3    
78  C C4    . DT  A 4 ? 0.4913 0.5791 0.5978 0.1031  0.0611  0.0791  4 DT  A C4    
79  O O4    . DT  A 4 ? 0.4982 0.5728 0.6023 0.0912  0.0514  0.0691  4 DT  A O4    
80  C C5    . DT  A 4 ? 0.4877 0.5744 0.6151 0.1054  0.0641  0.1001  4 DT  A C5    
81  C C7    . DT  A 4 ? 0.3532 0.4220 0.5016 0.0931  0.0547  0.1111  4 DT  A C7    
82  C C6    . DT  A 4 ? 0.4132 0.5146 0.5406 0.1185  0.0756  0.1091  4 DT  A C6    
83  P P     . DC  A 5 ? 0.8136 0.9678 0.9338 0.1697  0.1231  0.1660  5 DC  A P     
84  O OP1   . DC  A 5 ? 0.8515 1.0205 0.9572 0.1849  0.1365  0.1679  5 DC  A OP1   
85  O OP2   . DC  A 5 ? 0.7983 0.9411 0.9461 0.1614  0.1205  0.1820  5 DC  A OP2   
86  O "O5'" . DC  A 5 ? 0.6723 0.8249 0.7730 0.1632  0.1112  0.1581  5 DC  A "O5'" 
87  C "C5'" . DC  A 5 ? 0.5711 0.7275 0.6613 0.1662  0.1110  0.1671  5 DC  A "C5'" 
88  C "C4'" . DC  A 5 ? 0.5349 0.6991 0.5961 0.1689  0.1060  0.1525  5 DC  A "C4'" 
89  O "O4'" . DC  A 5 ? 0.5161 0.6718 0.5766 0.1562  0.0931  0.1391  5 DC  A "O4'" 
90  C "C3'" . DC  A 5 ? 0.6252 0.7922 0.6737 0.1711  0.1035  0.1608  5 DC  A "C3'" 
91  O "O3'" . DC  A 5 ? 0.8175 0.9964 0.8529 0.1866  0.1161  0.1673  5 DC  A "O3'" 
92  C "C2'" . DC  A 5 ? 0.5090 0.6784 0.5366 0.1667  0.0927  0.1430  5 DC  A "C2'" 
93  C "C1'" . DC  A 5 ? 0.5091 0.6681 0.5499 0.1542  0.0851  0.1328  5 DC  A "C1'" 
94  N N1    . DC  A 5 ? 0.5332 0.6775 0.5865 0.1385  0.0721  0.1364  5 DC  A N1    
95  C C2    . DC  A 5 ? 0.4967 0.6352 0.5439 0.1277  0.0614  0.1199  5 DC  A C2    
96  O O2    . DC  A 5 ? 0.4457 0.5914 0.4779 0.1314  0.0631  0.1030  5 DC  A O2    
97  N N3    . DC  A 5 ? 0.3732 0.4977 0.4316 0.1134  0.0500  0.1229  5 DC  A N3    
98  C C4    . DC  A 5 ? 0.4074 0.5241 0.4827 0.1097  0.0485  0.1413  5 DC  A C4    
99  N N4    . DC  A 5 ? 0.3052 0.4083 0.3903 0.0954  0.0367  0.1431  5 DC  A N4    
100 C C5    . DC  A 5 ? 0.3774 0.5003 0.4599 0.1201  0.0592  0.1584  5 DC  A C5    
101 C C6    . DC  A 5 ? 0.4555 0.5918 0.5263 0.1343  0.0709  0.1552  5 DC  A C6    
102 P P     . DG  A 6 ? 0.7437 0.9228 0.7750 0.1912  0.1192  0.1851  6 DG  A P     
103 O OP1   . DG  A 6 ? 0.8544 1.0440 0.8739 0.2067  0.1334  0.1901  6 DG  A OP1   
104 O OP2   . DG  A 6 ? 0.8532 1.0194 0.9094 0.1795  0.1139  0.2000  6 DG  A OP2   
105 O "O5'" . DG  A 6 ? 0.8211 1.0052 0.8256 0.1923  0.1104  0.1746  6 DG  A "O5'" 
106 C "C5'" . DG  A 6 ? 0.6811 0.8577 0.6874 0.1821  0.0986  0.1776  6 DG  A "C5'" 
107 C "C4'" . DG  A 6 ? 0.5773 0.7596 0.5615 0.1809  0.0893  0.1583  6 DG  A "C4'" 
108 O "O4'" . DG  A 6 ? 0.5966 0.7690 0.5940 0.1656  0.0784  0.1500  6 DG  A "O4'" 
109 C "C3'" . DG  A 6 ? 0.6628 0.8481 0.6279 0.1832  0.0831  0.1600  6 DG  A "C3'" 
110 O "O3'" . DG  A 6 ? 0.8936 1.0922 0.8306 0.1935  0.0836  0.1441  6 DG  A "O3'" 
111 C "C2'" . DG  A 6 ? 0.4392 0.6141 0.4138 0.1667  0.0684  0.1567  6 DG  A "C2'" 
112 C "C1'" . DG  A 6 ? 0.4634 0.6333 0.4512 0.1579  0.0660  0.1452  6 DG  A "C1'" 
113 N N9    . DG  A 6 ? 0.4537 0.6084 0.4628 0.1417  0.0562  0.1499  6 DG  A N9    
114 C C8    . DG  A 6 ? 0.5101 0.6540 0.5387 0.1348  0.0538  0.1686  6 DG  A C8    
115 N N7    . DG  A 6 ? 0.3148 0.4458 0.3594 0.1202  0.0442  0.1676  6 DG  A N7    
116 C C5    . DG  A 6 ? 0.4779 0.6112 0.5121 0.1169  0.0400  0.1471  6 DG  A C5    
117 C C6    . DG  A 6 ? 0.4513 0.5736 0.4919 0.1027  0.0298  0.1362  6 DG  A C6    
118 O O6    . DG  A 6 ? 0.5674 0.6754 0.6245 0.0898  0.0214  0.1426  6 DG  A O6    
119 N N1    . DG  A 6 ? 0.4132 0.5421 0.4385 0.1043  0.0298  0.1157  6 DG  A N1    
120 C C2    . DG  A 6 ? 0.4780 0.6224 0.4842 0.1179  0.0380  0.1066  6 DG  A C2    
121 N N2    . DG  A 6 ? 0.3745 0.5233 0.3684 0.1168  0.0366  0.0861  6 DG  A N2    
122 N N3    . DG  A 6 ? 0.4043 0.5590 0.4038 0.1316  0.0473  0.1168  6 DG  A N3    
123 C C4    . DG  A 6 ? 0.4861 0.6343 0.4996 0.1301  0.0476  0.1365  6 DG  A C4    
124 P P     . DT  A 7 ? 0.8825 1.0919 0.7954 0.2114  0.0928  0.1487  7 DT  A P     
125 O OP1   . DT  A 7 ? 0.9284 1.1413 0.8458 0.2221  0.1079  0.1564  7 DT  A OP1   
126 O OP2   . DT  A 7 ? 0.7524 0.9573 0.6598 0.2108  0.0880  0.1611  7 DT  A OP2   
127 O "O5'" . DT  A 7 ? 0.9056 1.1281 0.7942 0.2176  0.0901  0.1250  7 DT  A "O5'" 
128 C "C5'" . DT  A 7 ? 1.0356 1.2646 0.9016 0.2215  0.0830  0.1164  7 DT  A "C5'" 
129 C "C4'" . DT  A 7 ? 0.9929 1.2267 0.8517 0.2145  0.0735  0.0937  7 DT  A "C4'" 
130 O "O4'" . DT  A 7 ? 0.8911 1.1125 0.7707 0.1963  0.0635  0.0946  7 DT  A "O4'" 
131 C "C3'" . DT  A 7 ? 0.9386 1.1819 0.7714 0.2199  0.0659  0.0817  7 DT  A "C3'" 
132 O "O3'" . DT  A 7 ? 1.0763 1.3295 0.8969 0.2201  0.0627  0.0582  7 DT  A "O3'" 
133 C "C2'" . DT  A 7 ? 0.8125 1.0457 0.6555 0.2060  0.0539  0.0876  7 DT  A "C2'" 
134 C "C1'" . DT  A 7 ? 0.5987 0.8205 0.4676 0.1904  0.0514  0.0875  7 DT  A "C1'" 
135 N N1    . DT  A 7 ? 0.4527 0.6600 0.3413 0.1767  0.0441  0.1018  7 DT  A N1    
136 C C2    . DT  A 7 ? 0.3755 0.5767 0.2693 0.1618  0.0316  0.0918  7 DT  A C2    
137 O O2    . DT  A 7 ? 0.5971 0.8039 0.4808 0.1585  0.0267  0.0720  7 DT  A O2    
138 N N3    . DT  A 7 ? 0.3727 0.5604 0.2843 0.1502  0.0255  0.1058  7 DT  A N3    
139 C C4    . DT  A 7 ? 0.4298 0.6102 0.3548 0.1515  0.0296  0.1280  7 DT  A C4    
140 O O4    . DT  A 7 ? 0.4662 0.6345 0.4073 0.1398  0.0227  0.1384  7 DT  A O4    
141 C C5    . DT  A 7 ? 0.5113 0.6980 0.4311 0.1667  0.0429  0.1380  7 DT  A C5    
142 C C7    . DT  A 7 ? 0.4215 0.6001 0.3563 0.1680  0.0489  0.1618  7 DT  A C7    
143 C C6    . DT  A 7 ? 0.4824 0.6821 0.3838 0.1790  0.0497  0.1248  7 DT  A C6    
144 P P     . DA  B 1 ? 1.4275 1.5062 1.7649 -0.0474 0.1730  0.0027  1 DA  B P     
145 O OP1   . DA  B 1 ? 1.2943 1.3674 1.6045 -0.0381 0.1676  0.0238  1 DA  B OP1   
146 O OP2   . DA  B 1 ? 1.4530 1.4983 1.7764 -0.0641 0.1827  -0.0027 1 DA  B OP2   
147 O "O5'" . DA  B 1 ? 1.2961 1.4242 1.6639 -0.0311 0.1633  -0.0091 1 DA  B "O5'" 
148 C "C5'" . DA  B 1 ? 0.9446 1.0842 1.3392 -0.0365 0.1652  -0.0287 1 DA  B "C5'" 
149 C "C4'" . DA  B 1 ? 0.7558 0.9286 1.1762 -0.0239 0.1525  -0.0425 1 DA  B "C4'" 
150 O "O4'" . DA  B 1 ? 0.6471 0.8518 1.0598 -0.0016 0.1360  -0.0348 1 DA  B "O4'" 
151 C "C3'" . DA  B 1 ? 0.6266 0.7880 1.0505 -0.0274 0.1522  -0.0460 1 DA  B "C3'" 
152 O "O3'" . DA  B 1 ? 0.7311 0.9111 1.1793 -0.0243 0.1436  -0.0664 1 DA  B "O3'" 
153 C "C2'" . DA  B 1 ? 0.5116 0.6820 0.9120 -0.0084 0.1384  -0.0293 1 DA  B "C2'" 
154 C "C1'" . DA  B 1 ? 0.4916 0.6996 0.8980 0.0092  0.1278  -0.0287 1 DA  B "C1'" 
155 N N9    . DA  B 1 ? 0.4354 0.6496 0.8151 0.0225  0.1201  -0.0097 1 DA  B N9    
156 C C8    . DA  B 1 ? 0.3858 0.5759 0.7418 0.0168  0.1284  0.0086  1 DA  B C8    
157 N N7    . DA  B 1 ? 0.3074 0.5115 0.6421 0.0321  0.1162  0.0204  1 DA  B N7    
158 C C5    . DA  B 1 ? 0.3824 0.6210 0.7243 0.0477  0.0995  0.0081  1 DA  B C5    
159 C C6    . DA  B 1 ? 0.4391 0.7020 0.7632 0.0649  0.0813  0.0066  1 DA  B C6    
160 N N6    . DA  B 1 ? 0.2676 0.5215 0.5672 0.0689  0.0758  0.0166  1 DA  B N6    
161 N N1    . DA  B 1 ? 0.5199 0.8114 0.8509 0.0760  0.0690  -0.0071 1 DA  B N1    
162 C C2    . DA  B 1 ? 0.4596 0.7545 0.8159 0.0713  0.0739  -0.0151 1 DA  B C2    
163 N N3    . DA  B 1 ? 0.3194 0.5919 0.6982 0.0540  0.0888  -0.0205 1 DA  B N3    
164 C C4    . DA  B 1 ? 0.4330 0.6780 0.8019 0.0427  0.1018  -0.0083 1 DA  B C4    
165 P P     . DC  B 2 ? 0.7011 0.8521 1.1367 -0.0338 0.1390  -0.0751 2 DC  B P     
166 O OP1   . DC  B 2 ? 0.4682 0.6466 0.9316 -0.0266 0.1281  -0.0957 2 DC  B OP1   
167 O OP2   . DC  B 2 ? 0.6238 0.7305 1.0452 -0.0578 0.1559  -0.0724 2 DC  B OP2   
168 O "O5'" . DC  B 2 ? 0.7613 0.9033 1.1627 -0.0205 0.1260  -0.0582 2 DC  B "O5'" 
169 C "C5'" . DC  B 2 ? 0.5548 0.6594 0.9288 -0.0295 0.1247  -0.0537 2 DC  B "C5'" 
170 C "C4'" . DC  B 2 ? 0.5889 0.7067 0.9561 -0.0124 0.1057  -0.0558 2 DC  B "C4'" 
171 O "O4'" . DC  B 2 ? 0.5401 0.6832 0.8994 0.0090  0.0950  -0.0421 2 DC  B "O4'" 
172 C "C3'" . DC  B 2 ? 0.6241 0.7030 0.9619 -0.0210 0.1036  -0.0502 2 DC  B "C3'" 
173 O "O3'" . DC  B 2 ? 0.8106 0.8817 1.1608 -0.0304 0.1030  -0.0688 2 DC  B "O3'" 
174 C "C2'" . DC  B 2 ? 0.4379 0.5302 0.7593 0.0001  0.0867  -0.0398 2 DC  B "C2'" 
175 C "C1'" . DC  B 2 ? 0.4633 0.5952 0.7980 0.0182  0.0826  -0.0339 2 DC  B "C1'" 
176 N N1    . DC  B 2 ? 0.4471 0.5704 0.7569 0.0240  0.0833  -0.0107 2 DC  B N1    
177 C C2    . DC  B 2 ? 0.3499 0.5028 0.6572 0.0470  0.0707  -0.0011 2 DC  B C2    
178 O O2    . DC  B 2 ? 0.3444 0.5292 0.6682 0.0629  0.0585  -0.0119 2 DC  B O2    
179 N N3    . DC  B 2 ? 0.3324 0.4771 0.6182 0.0511  0.0723  0.0202  2 DC  B N3    
180 C C4    . DC  B 2 ? 0.2663 0.3753 0.5335 0.0335  0.0853  0.0316  2 DC  B C4    
181 N N4    . DC  B 2 ? 0.3076 0.4098 0.5545 0.0382  0.0858  0.0523  2 DC  B N4    
182 C C5    . DC  B 2 ? 0.3291 0.4071 0.5975 0.0102  0.0982  0.0221  2 DC  B C5    
183 C C6    . DC  B 2 ? 0.3689 0.4561 0.6596 0.0063  0.0970  0.0011  2 DC  B C6    
184 P P     . DG  B 3 ? 0.7299 0.7514 1.0596 -0.0526 0.1118  -0.0689 3 DG  B P     
185 O OP1   . DG  B 3 ? 0.8068 0.8267 1.1620 -0.0680 0.1225  -0.0869 3 DG  B OP1   
186 O OP2   . DG  B 3 ? 0.9000 0.8891 1.1972 -0.0595 0.1184  -0.0476 3 DG  B OP2   
187 O "O5'" . DG  B 3 ? 0.7448 0.7635 1.0640 -0.0438 0.0960  -0.0740 3 DG  B "O5'" 
188 C "C5'" . DG  B 3 ? 0.5368 0.5404 0.8256 -0.0357 0.0874  -0.0579 3 DG  B "C5'" 
189 C "C4'" . DG  B 3 ? 0.4840 0.5227 0.7798 -0.0116 0.0694  -0.0610 3 DG  B "C4'" 
190 O "O4'" . DG  B 3 ? 0.4607 0.5207 0.7513 0.0043  0.0657  -0.0454 3 DG  B "O4'" 
191 C "C3'" . DG  B 3 ? 0.4646 0.4897 0.7410 -0.0053 0.0571  -0.0594 3 DG  B "C3'" 
192 O "O3'" . DG  B 3 ? 0.6448 0.7030 0.9397 0.0112  0.0435  -0.0735 3 DG  B "O3'" 
193 C "C2'" . DG  B 3 ? 0.5925 0.6143 0.8434 0.0065  0.0525  -0.0362 3 DG  B "C2'" 
194 C "C1'" . DG  B 3 ? 0.5030 0.5628 0.7729 0.0192  0.0527  -0.0341 3 DG  B "C1'" 
195 N N9    . DG  B 3 ? 0.3837 0.4417 0.6367 0.0247  0.0552  -0.0124 3 DG  B N9    
196 C C8    . DG  B 3 ? 0.3883 0.4103 0.6164 0.0109  0.0652  0.0043  3 DG  B C8    
197 N N7    . DG  B 3 ? 0.2812 0.3120 0.4986 0.0209  0.0643  0.0224  3 DG  B N7    
198 C C5    . DG  B 3 ? 0.3981 0.4748 0.6363 0.0425  0.0538  0.0165  3 DG  B C5    
199 C C6    . DG  B 3 ? 0.2590 0.3654 0.4984 0.0615  0.0480  0.0287  3 DG  B C6    
200 O O6    . DG  B 3 ? 0.2810 0.3807 0.5049 0.0632  0.0514  0.0474  3 DG  B O6    
201 N N1    . DG  B 3 ? 0.3504 0.4980 0.6125 0.0795  0.0375  0.0169  3 DG  B N1    
202 C C2    . DG  B 3 ? 0.4071 0.5667 0.6883 0.0800  0.0325  -0.0038 3 DG  B C2    
203 N N2    . DG  B 3 ? 0.2663 0.4666 0.5673 0.0988  0.0222  -0.0124 3 DG  B N2    
204 N N3    . DG  B 3 ? 0.3862 0.5196 0.6673 0.0628  0.0374  -0.0157 3 DG  B N3    
205 C C4    . DG  B 3 ? 0.3716 0.4643 0.6309 0.0447  0.0482  -0.0047 3 DG  B C4    
206 P P     . DC  B 4 ? 0.5995 0.6601 0.9152 0.0039  0.0412  -0.0980 4 DC  B P     
207 O OP1   . DC  B 4 ? 0.6675 0.7540 1.0169 0.0008  0.0469  -0.1131 4 DC  B OP1   
208 O OP2   . DC  B 4 ? 0.7134 0.7307 1.0095 -0.0137 0.0461  -0.0982 4 DC  B OP2   
209 O "O5'" . DC  B 4 ? 0.6287 0.7174 0.9473 0.0269  0.0224  -0.1035 4 DC  B "O5'" 
210 C "C5'" . DC  B 4 ? 0.5216 0.6526 0.8557 0.0476  0.0137  -0.1039 4 DC  B "C5'" 
211 C "C4'" . DC  B 4 ? 0.6473 0.7929 0.9741 0.0675  -0.0035 -0.1055 4 DC  B "C4'" 
212 O "O4'" . DC  B 4 ? 0.7162 0.8565 1.0172 0.0794  -0.0079 -0.0840 4 DC  B "O4'" 
213 C "C3'" . DC  B 4 ? 0.7337 0.8548 1.0521 0.0595  -0.0073 -0.1157 4 DC  B "C3'" 
214 O "O3'" . DC  B 4 ? 0.9164 1.0592 1.2599 0.0628  -0.0146 -0.1385 4 DC  B "O3'" 
215 C "C2'" . DC  B 4 ? 0.7530 0.8626 1.0424 0.0721  -0.0171 -0.1009 4 DC  B "C2'" 
216 C "C1'" . DC  B 4 ? 0.6815 0.7956 0.9586 0.0792  -0.0138 -0.0793 4 DC  B "C1'" 
217 N N1    . DC  B 4 ? 0.5233 0.5979 0.7761 0.0629  -0.0027 -0.0624 4 DC  B N1    
218 C C2    . DC  B 4 ? 0.4619 0.5318 0.6924 0.0723  -0.0046 -0.0396 4 DC  B C2    
219 O O2    . DC  B 4 ? 0.3389 0.4360 0.5694 0.0938  -0.0154 -0.0338 4 DC  B O2    
220 N N3    . DC  B 4 ? 0.4878 0.5223 0.6968 0.0573  0.0050  -0.0247 4 DC  B N3    
221 C C4    . DC  B 4 ? 0.4642 0.4689 0.6726 0.0343  0.0167  -0.0313 4 DC  B C4    
222 N N4    . DC  B 4 ? 0.4437 0.4133 0.6294 0.0205  0.0255  -0.0156 4 DC  B N4    
223 C C5    . DC  B 4 ? 0.4112 0.4200 0.6421 0.0245  0.0195  -0.0539 4 DC  B C5    
224 C C6    . DC  B 4 ? 0.4413 0.4857 0.6942 0.0392  0.0096  -0.0688 4 DC  B C6    
225 P P     . DG  B 5 ? 0.9194 1.1068 1.2795 0.0873  -0.0299 -0.1465 5 DG  B P     
226 O OP1   . DG  B 5 ? 0.7545 0.9587 1.1019 0.1060  -0.0350 -0.1282 5 DG  B OP1   
227 O OP2   . DG  B 5 ? 1.0333 1.2430 1.4266 0.0825  -0.0279 -0.1658 5 DG  B OP2   
228 O "O5'" . DG  B 5 ? 0.8124 0.9933 1.1661 0.0926  -0.0420 -0.1580 5 DG  B "O5'" 
229 C "C5'" . DG  B 5 ? 0.6911 0.8369 1.0193 0.0852  -0.0413 -0.1511 5 DG  B "C5'" 
230 C "C4'" . DG  B 5 ? 0.6890 0.8419 0.9996 0.1060  -0.0558 -0.1445 5 DG  B "C4'" 
231 O "O4'" . DG  B 5 ? 0.5775 0.7146 0.8621 0.1094  -0.0531 -0.1210 5 DG  B "O4'" 
232 C "C3'" . DG  B 5 ? 0.7523 0.8833 1.0523 0.1020  -0.0616 -0.1539 5 DG  B "C3'" 
233 O "O3'" . DG  B 5 ? 0.8089 0.9577 1.1020 0.1245  -0.0772 -0.1548 5 DG  B "O3'" 
234 C "C2'" . DG  B 5 ? 0.7472 0.8376 1.0206 0.0880  -0.0528 -0.1377 5 DG  B "C2'" 
235 C "C1'" . DG  B 5 ? 0.6015 0.7012 0.8629 0.0995  -0.0520 -0.1160 5 DG  B "C1'" 
236 N N9    . DG  B 5 ? 0.4712 0.5408 0.7173 0.0830  -0.0390 -0.1005 5 DG  B N9    
237 C C8    . DG  B 5 ? 0.4886 0.5304 0.7363 0.0591  -0.0261 -0.1051 5 DG  B C8    
238 N N7    . DG  B 5 ? 0.3709 0.3886 0.6012 0.0489  -0.0165 -0.0879 5 DG  B N7    
239 C C5    . DG  B 5 ? 0.3674 0.3986 0.5846 0.0674  -0.0238 -0.0708 5 DG  B C5    
240 C C6    . DG  B 5 ? 0.4946 0.5107 0.6906 0.0671  -0.0196 -0.0480 5 DG  B C6    
241 O O6    . DG  B 5 ? 0.4971 0.4839 0.6810 0.0498  -0.0080 -0.0384 5 DG  B O6    
242 N N1    . DG  B 5 ? 0.4675 0.5057 0.6564 0.0898  -0.0302 -0.0359 5 DG  B N1    
243 C C2    . DG  B 5 ? 0.4998 0.5699 0.6995 0.1103  -0.0431 -0.0448 5 DG  B C2    
244 N N2    . DG  B 5 ? 0.6193 0.7068 0.8094 0.1309  -0.0516 -0.0304 5 DG  B N2    
245 N N3    . DG  B 5 ? 0.4217 0.5057 0.6405 0.1107  -0.0473 -0.0663 5 DG  B N3    
246 C C4    . DG  B 5 ? 0.4343 0.4971 0.6608 0.0885  -0.0374 -0.0781 5 DG  B C4    
247 P P     . DC  B 6 ? 0.7063 0.8507 1.0011 0.1263  -0.0872 -0.1728 6 DC  B P     
248 O OP1   . DC  B 6 ? 0.6449 0.8171 0.9385 0.1515  -0.1022 -0.1743 6 DC  B OP1   
249 O OP2   . DC  B 6 ? 0.4522 0.5928 0.7693 0.1080  -0.0806 -0.1916 6 DC  B OP2   
250 O "O5'" . DC  B 6 ? 0.7815 0.8836 1.0483 0.1156  -0.0839 -0.1632 6 DC  B "O5'" 
251 C "C5'" . DC  B 6 ? 0.5978 0.6829 0.8586 0.1123  -0.0899 -0.1752 6 DC  B "C5'" 
252 C "C4'" . DC  B 6 ? 0.6290 0.7006 0.8622 0.1245  -0.0967 -0.1602 6 DC  B "C4'" 
253 O "O4'" . DC  B 6 ? 0.5037 0.5503 0.7182 0.1151  -0.0872 -0.1399 6 DC  B "O4'" 
254 C "C3'" . DC  B 6 ? 0.6982 0.7496 0.9195 0.1235  -0.1033 -0.1686 6 DC  B "C3'" 
255 O "O3'" . DC  B 6 ? 0.7387 0.8078 0.9511 0.1476  -0.1168 -0.1654 6 DC  B "O3'" 
256 C "C2'" . DC  B 6 ? 0.7292 0.7399 0.9270 0.1084  -0.0949 -0.1538 6 DC  B "C2'" 
257 C "C1'" . DC  B 6 ? 0.6822 0.6974 0.8733 0.1112  -0.0886 -0.1330 6 DC  B "C1'" 
258 N N1    . DC  B 6 ? 0.5738 0.5554 0.7536 0.0896  -0.0751 -0.1218 6 DC  B N1    
259 C C2    . DC  B 6 ? 0.5420 0.5110 0.7010 0.0926  -0.0727 -0.0984 6 DC  B C2    
260 O O2    . DC  B 6 ? 0.4895 0.4755 0.6406 0.1130  -0.0815 -0.0878 6 DC  B O2    
261 N N3    . DC  B 6 ? 0.4423 0.3808 0.5906 0.0729  -0.0606 -0.0881 6 DC  B N3    
262 C C4    . DC  B 6 ? 0.5133 0.4337 0.6704 0.0514  -0.0510 -0.1004 6 DC  B C4    
263 N N4    . DC  B 6 ? 0.4728 0.3623 0.6179 0.0326  -0.0393 -0.0900 6 DC  B N4    
264 C C5    . DC  B 6 ? 0.5290 0.4628 0.7084 0.0483  -0.0533 -0.1243 6 DC  B C5    
265 C C6    . DC  B 6 ? 0.4690 0.4334 0.6592 0.0676  -0.0655 -0.1341 6 DC  B C6    
266 P P     . DT  B 7 ? 0.6952 0.7600 0.9019 0.1556  -0.1282 -0.1788 7 DT  B P     
267 O OP1   . DT  B 7 ? 0.8245 0.9244 1.0388 0.1796  -0.1411 -0.1851 7 DT  B OP1   
268 O OP2   . DT  B 7 ? 0.7387 0.7819 0.9534 0.1343  -0.1230 -0.1951 7 DT  B OP2   
269 O "O5'" . DT  B 7 ? 0.6120 0.6531 0.7891 0.1618  -0.1301 -0.1601 7 DT  B "O5'" 
270 C "C5'" . DT  B 7 ? 0.6266 0.6790 0.7921 0.1780  -0.1327 -0.1407 7 DT  B "C5'" 
271 C "C4'" . DT  B 7 ? 0.7045 0.7234 0.8446 0.1713  -0.1277 -0.1206 7 DT  B "C4'" 
272 O "O4'" . DT  B 7 ? 0.6627 0.6625 0.8040 0.1499  -0.1147 -0.1146 7 DT  B "O4'" 
273 C "C3'" . DT  B 7 ? 0.7106 0.6988 0.8355 0.1643  -0.1297 -0.1242 7 DT  B "C3'" 
274 O "O3'" . DT  B 7 ? 0.9203 0.9166 1.0340 0.1852  -0.1410 -0.1214 7 DT  B "O3'" 
275 C "C2'" . DT  B 7 ? 0.6052 0.5594 0.7117 0.1492  -0.1201 -0.1054 7 DT  B "C2'" 
276 C "C1'" . DT  B 7 ? 0.6287 0.5947 0.7463 0.1426  -0.1113 -0.0988 7 DT  B "C1'" 
277 N N1    . DT  B 7 ? 0.5662 0.5055 0.6844 0.1171  -0.0987 -0.0992 7 DT  B N1    
278 C C2    . DT  B 7 ? 0.5182 0.4394 0.6220 0.1102  -0.0914 -0.0792 7 DT  B C2    
279 O O2    . DT  B 7 ? 0.4461 0.3727 0.5373 0.1242  -0.0955 -0.0618 7 DT  B O2    
280 N N3    . DT  B 7 ? 0.5216 0.4170 0.6256 0.0858  -0.0792 -0.0803 7 DT  B N3    
281 C C4    . DT  B 7 ? 0.5685 0.4559 0.6872 0.0684  -0.0733 -0.0998 7 DT  B C4    
282 O O4    . DT  B 7 ? 0.6433 0.5066 0.7614 0.0467  -0.0616 -0.0996 7 DT  B O4    
283 C C5    . DT  B 7 ? 0.4805 0.3888 0.6152 0.0771  -0.0819 -0.1204 7 DT  B C5    
284 C C7    . DT  B 7 ? 0.5832 0.4857 0.7357 0.0599  -0.0769 -0.1420 7 DT  B C7    
285 C C6    . DT  B 7 ? 0.4720 0.4050 0.6056 0.1008  -0.0942 -0.1194 7 DT  B C6    
292 N N     . ALA C 2 ? 0.6105 0.5923 0.7132 0.0384  -0.1447 0.1198  2 ALA D N     
293 C CA    . ALA C 2 ? 0.5069 0.4746 0.5977 0.0402  -0.1588 0.1201  2 ALA D CA    
294 C C     . ALA C 2 ? 0.5318 0.4718 0.6005 0.0363  -0.1567 0.1253  2 ALA D C     
295 O O     . ALA C 2 ? 0.5622 0.4984 0.6329 0.0309  -0.1462 0.1275  2 ALA D O     
296 C CB    . ALA C 2 ? 0.5374 0.5223 0.6527 0.0395  -0.1690 0.1152  2 ALA D CB    
297 N N     . N2C C 3 ? 0.8565 0.7773 0.9049 0.0388  -0.1671 0.1272  3 N2C D N     
298 C CA    . N2C C 3 ? 1.0257 0.9206 1.0554 0.0349  -0.1677 0.1317  3 N2C D CA    
299 C CB    . N2C C 3 ? 1.2538 1.1202 1.2496 0.0360  -0.1652 0.1373  3 N2C D CB    
300 S SG    . N2C C 3 ? 1.0625 0.9294 1.0477 0.0380  -0.1515 0.1394  3 N2C D SG    
301 C CD    . N2C C 3 ? 1.1810 1.0295 1.1370 0.0443  -0.1590 0.1416  3 N2C D CD    
302 C CN    . N2C C 3 ? 0.7619 0.6857 0.8062 0.0452  -0.1791 0.1247  3 N2C D CN    
303 C C     . N2C C 3 ? 0.9409 0.8331 0.9745 0.0354  -0.1827 0.1297  3 N2C D C     
304 O O     . N2C C 3 ? 0.8470 0.7231 0.8620 0.0387  -0.1926 0.1311  3 N2C D O     
305 N N     . MVA C 4 ? 0.8077 0.7155 0.8657 0.0321  -0.1848 0.1264  4 MVA D N     
306 C CN    . MVA C 4 ? 0.6141 0.5418 0.6956 0.0282  -0.1743 0.1244  4 MVA D CN    
307 C CA    . MVA C 4 ? 0.7486 0.6515 0.8091 0.0318  -0.1977 0.1251  4 MVA D CA    
308 C CB    . MVA C 4 ? 0.8107 0.7396 0.9013 0.0323  -0.2051 0.1190  4 MVA D CB    
309 C CG1   . MVA C 4 ? 0.7879 0.7100 0.8784 0.0328  -0.2195 0.1178  4 MVA D CG1   
310 C CG2   . MVA C 4 ? 0.7816 0.7325 0.8846 0.0378  -0.2073 0.1146  4 MVA D CG2   
311 C C     . MVA C 4 ? 0.6913 0.5764 0.7441 0.0256  -0.1929 0.1290  4 MVA D C     
312 O O     . MVA C 4 ? 0.8043 0.6629 0.8328 0.0258  -0.1996 0.1328  4 MVA D O     
313 N N     . DSN C 5 ? 0.6915 0.5832 0.7677 0.0113  -0.1681 0.1312  5 DSN D N     
314 C CA    . DSN C 5 ? 0.6502 0.5117 0.6986 0.0095  -0.1670 0.1369  5 DSN D CA    
315 C C     . DSN C 5 ? 0.7634 0.6161 0.7951 0.0096  -0.1541 0.1406  5 DSN D C     
316 O O     . DSN C 5 ? 0.7221 0.5552 0.7279 0.0129  -0.1566 0.1439  5 DSN D O     
317 C CB    . DSN C 5 ? 0.6292 0.4792 0.6614 0.0151  -0.1809 0.1370  5 DSN D CB    
318 O OG    . DSN C 5 ? 0.7312 0.5957 0.7673 0.0210  -0.1838 0.1341  5 DSN D OG    
319 N N     . ALA C 6 ? 0.7342 0.5999 0.7795 0.0061  -0.1409 0.1401  6 ALA D N     
320 C CA    . ALA C 6 ? 0.7760 0.6395 0.8106 0.0070  -0.1284 0.1425  6 ALA D CA    
321 C C     . ALA C 6 ? 0.9421 0.8134 0.9728 0.0139  -0.1327 0.1408  6 ALA D C     
322 O O     . ALA C 6 ? 0.8480 0.7388 0.8961 0.0175  -0.1413 0.1361  6 ALA D O     
323 C CB    . ALA C 6 ? 0.6188 0.5014 0.6746 0.0033  -0.1161 0.1408  6 ALA D CB    
# 
